data_6VOY
#
_entry.id   6VOY
#
_cell.length_a   1.00
_cell.length_b   1.00
_cell.length_c   1.00
_cell.angle_alpha   90.00
_cell.angle_beta   90.00
_cell.angle_gamma   90.00
#
_symmetry.space_group_name_H-M   'P 1'
#
loop_
_entity.id
_entity.type
_entity.pdbx_description
1 polymer 'DNA-binding protein 7d'
2 polymer 'Serine/threonine-protein phosphatase 2A 56 kDa regulatory subunit gamma isoform'
3 polymer "DNA (5'-D(P*AP*CP*AP*CP*AP*CP*TP*TP*GP*AP*CP*TP*AP*GP*GP*GP*TP*G)-3')"
4 polymer 'DNA (25-MER)'
5 polymer "DNA (5'-D(P*AP*CP*AP*CP*AP*CP*TP*TP*GP*AP*CP*TP*AP*GP*GP*GP*TP*G)-3')"
6 non-polymer 'ZINC ION'
7 non-polymer 'MAGNESIUM ION'
#
loop_
_entity_poly.entity_id
_entity_poly.type
_entity_poly.pdbx_seq_one_letter_code
_entity_poly.pdbx_strand_id
1 'polypeptide(L)'
;MGSSHHHHHHSSGLVPRGSHMATVKFKYKGEEKEVDISKIKKVARVGKMISFTYDEGGGKTGEGAVSEKDAPKELLQMLE
KQKKGGSLEVLFQGPSPAELHSFTHCGQTALTLQGATTTEASNILRSCHACRKNNPQHQMPRGHIRRGLLPNHIWQGDIT
HFKYKNTLYRLHVWVDTFSGAISATQKRKETSSEAISSLLQAIAYLGKPSYINTDNGPAYISQDFLNMCTSLAIRHTTHV
PYNPTSSGLVQRSNGILKTLLYKYFTDKPDLPMDNALSIALWTINHLNVLTNCHKTRWQLHHSPRLQPIPETRSLSNKQT
HWYYFKLPGLNSRQWKGPQEALQEAAGAALIPVSASSAQWIPWRLLKRAACPRPVGGPADPKEKDHQHHG
;
A,B,C,D
2 'polypeptide(L)'
;IRDVPPADQEKLFIQKLRQCCVLFDFVSDPLSDLKWKEVKRAALSEMVEYITHNRNVITEPIYPEVVHMFAVNMFRTLPP
SSNPTGAEFDPEEDEPTLEAAWPHLQLVYEFFLRFLESPDFQPNIAKKYIDQKFVLQLLELFDSEDPRERDFLKTTLHRI
YGKFLGLRAYIRKQINNIFYRFIYETEHHNGIAELLEILGSIINGFALPLKEEHKIFLLKVLLPLHKVKSLSVYHPQLAY
CVVQFLEKDSTLTEPVVMALLKYWPKTHSPKEVMFLNELEEILDVIEPSEFVKIMEPLFRQLAKCVSSPHFQVAERALYY
WNNEYIMSLISDNAAKILPIMFP
;
E,F
3 'polydeoxyribonucleotide'
;(DC)(DC)(DA)(DG)(DG)(DA)(DG)(DA)(DG)(DA)(DA)(DA)(DT)(DT)(DT)(DA)(DG)(DT)(DA)(DC)
(DA)(DC)(DA)(DG)(DA)(DT)(DA)(DT)(DC)(DC)(DA)(DC)(DC)(DC)(DT)(DA)(DG)(DT)(DC)(DA)
(DA)(DG)(DT)(DG)(DT)(DG)(DT)(DC)(DC)
;
I,L
4 'polydeoxyribonucleotide'
;(DA)(DC)(DT)(DG)(DT)(DG)(DT)(DA)(DC)(DT)(DA)(DA)(DA)(DT)(DT)(DT)(DC)(DT)(DC)(DT)
(DC)(DC)(DT)(DG)(DG)
;
J,M
5 'polydeoxyribonucleotide' (DG)(DG)(DA)(DC)(DA)(DC)(DA)(DC)(DT)(DT)(DG)(DA)(DC)(DT)(DA)(DG)(DG)(DG)(DT)(DG) K,N
#
# COMPACT_ATOMS: atom_id res chain seq x y z
N PRO A 95 -40.88 -5.09 -3.60
CA PRO A 95 -41.01 -6.23 -2.69
C PRO A 95 -39.84 -7.17 -2.84
N SER A 96 -40.00 -8.17 -3.70
CA SER A 96 -38.90 -9.03 -4.09
C SER A 96 -37.66 -8.18 -4.40
N PRO A 97 -37.78 -6.99 -5.00
CA PRO A 97 -36.63 -6.09 -4.97
C PRO A 97 -36.38 -5.51 -3.60
N ALA A 98 -37.43 -5.11 -2.91
CA ALA A 98 -37.23 -4.24 -1.76
C ALA A 98 -36.67 -5.01 -0.58
N GLU A 99 -37.41 -6.02 -0.13
CA GLU A 99 -37.10 -6.72 1.10
C GLU A 99 -36.17 -7.90 0.91
N LEU A 100 -35.82 -8.24 -0.33
CA LEU A 100 -34.94 -9.38 -0.53
C LEU A 100 -33.67 -9.19 0.28
N HIS A 101 -33.08 -8.00 0.23
CA HIS A 101 -31.96 -7.76 1.11
C HIS A 101 -32.35 -8.01 2.54
N SER A 102 -33.59 -7.77 2.90
CA SER A 102 -33.95 -7.99 4.29
C SER A 102 -34.15 -9.44 4.59
N PHE A 103 -33.77 -10.32 3.69
CA PHE A 103 -33.82 -11.74 3.98
C PHE A 103 -32.54 -12.47 3.63
N THR A 104 -31.72 -11.93 2.76
CA THR A 104 -30.44 -12.55 2.44
C THR A 104 -29.27 -11.64 2.67
N HIS A 105 -29.45 -10.34 2.57
CA HIS A 105 -28.36 -9.40 2.54
C HIS A 105 -27.41 -9.67 1.38
N CYS A 106 -27.99 -9.65 0.18
CA CYS A 106 -27.22 -9.76 -1.05
C CYS A 106 -26.77 -8.38 -1.53
N GLY A 107 -25.74 -8.39 -2.36
CA GLY A 107 -25.18 -7.15 -2.88
C GLY A 107 -26.07 -6.37 -3.84
N GLN A 108 -25.78 -5.07 -3.90
CA GLN A 108 -26.63 -4.15 -4.63
C GLN A 108 -26.75 -4.59 -6.08
N THR A 109 -25.64 -5.07 -6.63
CA THR A 109 -25.65 -5.51 -8.01
C THR A 109 -26.67 -6.61 -8.17
N ALA A 110 -26.70 -7.56 -7.23
CA ALA A 110 -27.66 -8.63 -7.34
C ALA A 110 -29.07 -8.09 -7.32
N LEU A 111 -29.31 -7.05 -6.54
CA LEU A 111 -30.64 -6.45 -6.56
C LEU A 111 -30.99 -5.92 -7.93
N THR A 112 -30.18 -4.97 -8.41
CA THR A 112 -30.49 -4.37 -9.69
C THR A 112 -30.63 -5.42 -10.77
N LEU A 113 -29.81 -6.48 -10.72
CA LEU A 113 -29.86 -7.50 -11.76
C LEU A 113 -31.07 -8.39 -11.62
N GLN A 114 -31.57 -8.61 -10.41
CA GLN A 114 -32.85 -9.29 -10.35
C GLN A 114 -33.93 -8.37 -10.87
N GLY A 115 -33.62 -7.09 -11.01
CA GLY A 115 -34.57 -6.22 -11.68
C GLY A 115 -35.00 -5.03 -10.87
N ALA A 116 -34.24 -4.72 -9.83
CA ALA A 116 -34.55 -3.56 -9.02
C ALA A 116 -34.03 -2.31 -9.72
N THR A 117 -34.07 -1.20 -9.01
CA THR A 117 -33.68 0.09 -9.55
C THR A 117 -32.16 0.22 -9.51
N THR A 118 -31.67 1.42 -9.77
CA THR A 118 -30.25 1.64 -10.03
C THR A 118 -29.52 2.28 -8.86
N THR A 119 -30.18 3.15 -8.11
CA THR A 119 -29.55 3.84 -7.00
C THR A 119 -30.30 3.66 -5.68
N GLU A 120 -31.63 3.55 -5.71
CA GLU A 120 -32.32 3.24 -4.48
C GLU A 120 -31.78 1.95 -3.90
N ALA A 121 -31.17 1.11 -4.73
CA ALA A 121 -30.28 0.08 -4.22
C ALA A 121 -29.28 0.67 -3.25
N SER A 122 -28.55 1.70 -3.70
CA SER A 122 -27.55 2.29 -2.82
C SER A 122 -28.18 2.80 -1.54
N ASN A 123 -29.42 3.27 -1.61
CA ASN A 123 -30.09 3.67 -0.38
C ASN A 123 -30.32 2.47 0.52
N ILE A 124 -30.77 1.36 -0.06
CA ILE A 124 -31.07 0.17 0.72
C ILE A 124 -29.81 -0.31 1.44
N LEU A 125 -28.68 -0.20 0.78
CA LEU A 125 -27.44 -0.72 1.35
C LEU A 125 -26.81 0.24 2.33
N ARG A 126 -27.57 1.22 2.79
CA ARG A 126 -27.17 2.00 3.94
C ARG A 126 -28.32 2.09 4.93
N SER A 127 -29.14 1.05 4.97
CA SER A 127 -30.19 0.93 5.96
C SER A 127 -30.24 -0.48 6.50
N CYS A 128 -29.12 -1.19 6.47
CA CYS A 128 -29.01 -2.48 7.12
C CYS A 128 -27.99 -2.30 8.23
N HIS A 129 -28.48 -1.92 9.40
CA HIS A 129 -27.61 -1.79 10.55
C HIS A 129 -26.75 -3.02 10.71
N ALA A 130 -27.28 -4.20 10.39
CA ALA A 130 -26.43 -5.38 10.36
C ALA A 130 -25.28 -5.24 9.38
N CYS A 131 -25.58 -4.91 8.12
CA CYS A 131 -24.49 -4.84 7.15
C CYS A 131 -23.46 -3.79 7.53
N ARG A 132 -23.84 -2.89 8.42
CA ARG A 132 -22.84 -1.91 8.81
C ARG A 132 -22.13 -2.40 10.03
N LYS A 133 -22.84 -3.04 10.94
CA LYS A 133 -22.16 -3.48 12.12
C LYS A 133 -21.20 -4.58 11.79
N ASN A 134 -21.18 -5.06 10.55
CA ASN A 134 -20.31 -6.18 10.30
C ASN A 134 -19.20 -5.90 9.30
N ASN A 135 -19.47 -5.29 8.15
CA ASN A 135 -18.35 -5.07 7.25
C ASN A 135 -17.36 -4.08 7.87
N PRO A 136 -16.07 -4.40 7.96
CA PRO A 136 -15.14 -3.41 8.48
C PRO A 136 -14.60 -2.49 7.39
N GLN A 137 -14.60 -1.16 7.64
CA GLN A 137 -13.93 -0.20 6.77
C GLN A 137 -13.89 1.18 7.41
N HIS A 138 -12.81 1.91 7.15
CA HIS A 138 -12.39 3.15 7.81
C HIS A 138 -12.17 4.27 6.81
N GLN A 139 -13.08 4.44 5.87
CA GLN A 139 -12.88 5.47 4.88
C GLN A 139 -12.73 6.85 5.51
N MET A 140 -13.00 7.00 6.80
CA MET A 140 -12.77 8.26 7.48
C MET A 140 -11.31 8.69 7.29
N PRO A 141 -11.04 9.98 7.09
CA PRO A 141 -9.74 10.38 6.56
C PRO A 141 -8.61 10.10 7.52
N ARG A 142 -7.43 9.98 6.96
CA ARG A 142 -6.26 9.57 7.72
C ARG A 142 -5.71 10.79 8.43
N GLY A 143 -6.38 11.15 9.52
CA GLY A 143 -5.78 12.11 10.42
C GLY A 143 -4.41 11.61 10.84
N HIS A 144 -3.38 12.36 10.52
CA HIS A 144 -2.07 11.73 10.54
C HIS A 144 -1.01 12.60 11.16
N ILE A 145 -1.35 13.50 12.04
CA ILE A 145 -0.50 14.65 12.20
C ILE A 145 0.01 14.77 13.63
N ARG A 146 1.28 15.08 13.74
CA ARG A 146 1.99 15.47 14.94
C ARG A 146 1.78 16.95 15.22
N ARG A 147 2.53 17.43 16.15
CA ARG A 147 2.77 18.84 16.31
C ARG A 147 4.21 19.11 15.90
N GLY A 148 4.67 20.34 16.05
CA GLY A 148 6.01 20.63 15.61
C GLY A 148 6.22 21.96 14.98
N LEU A 149 5.13 22.71 14.73
CA LEU A 149 5.22 24.00 14.05
C LEU A 149 6.32 24.86 14.62
N LEU A 150 6.54 24.74 15.92
CA LEU A 150 7.54 25.52 16.60
C LEU A 150 8.89 25.28 15.93
N PRO A 151 9.80 26.16 16.13
CA PRO A 151 11.19 25.88 15.78
C PRO A 151 11.83 24.89 16.74
N ASN A 152 11.50 23.60 16.58
CA ASN A 152 12.18 22.51 17.31
C ASN A 152 11.91 22.47 18.81
N HIS A 153 10.68 22.67 19.27
CA HIS A 153 10.44 22.61 20.71
C HIS A 153 9.21 21.78 21.12
N ILE A 154 9.05 20.56 20.58
CA ILE A 154 8.26 19.50 21.23
C ILE A 154 9.03 18.17 21.23
N TRP A 155 9.61 17.76 22.37
CA TRP A 155 10.49 16.60 22.39
C TRP A 155 9.85 15.24 22.12
N GLN A 156 8.75 14.88 22.70
CA GLN A 156 8.22 13.56 22.35
C GLN A 156 9.10 12.32 22.62
N GLY A 157 9.37 12.03 23.89
CA GLY A 157 10.35 10.96 24.12
C GLY A 157 9.91 9.81 25.04
N ASP A 158 10.13 8.58 24.57
CA ASP A 158 9.80 7.28 25.19
C ASP A 158 10.98 6.36 25.51
N ILE A 159 10.71 5.34 26.33
CA ILE A 159 11.70 4.47 26.98
C ILE A 159 11.56 3.03 26.49
N THR A 160 12.67 2.30 26.32
CA THR A 160 12.58 0.97 25.72
C THR A 160 13.68 0.04 26.21
N HIS A 161 13.71 -1.16 25.61
CA HIS A 161 14.52 -2.33 26.00
C HIS A 161 15.67 -2.57 25.03
N PHE A 162 16.40 -3.66 25.30
CA PHE A 162 17.57 -3.98 24.48
C PHE A 162 17.98 -5.42 24.70
N LYS A 163 18.62 -5.99 23.69
CA LYS A 163 19.18 -7.34 23.71
C LYS A 163 20.02 -7.56 24.96
N TYR A 164 19.95 -8.76 25.48
CA TYR A 164 20.80 -9.15 26.59
C TYR A 164 21.96 -9.98 26.05
N LYS A 165 23.18 -9.43 26.09
CA LYS A 165 24.33 -10.32 26.03
C LYS A 165 24.18 -11.38 27.10
N ASN A 166 24.12 -10.94 28.34
CA ASN A 166 23.54 -11.73 29.40
C ASN A 166 22.66 -10.88 30.31
N THR A 167 22.25 -9.69 29.86
CA THR A 167 21.59 -8.76 30.77
C THR A 167 20.81 -7.70 30.01
N LEU A 168 19.61 -7.41 30.49
CA LEU A 168 18.79 -6.39 29.85
C LEU A 168 19.51 -5.04 29.96
N TYR A 169 19.14 -4.12 29.09
CA TYR A 169 19.70 -2.78 29.09
C TYR A 169 18.63 -1.75 28.78
N ARG A 170 18.18 -1.01 29.77
CA ARG A 170 17.17 -0.01 29.47
C ARG A 170 17.72 1.32 29.00
N LEU A 171 17.17 1.76 27.85
CA LEU A 171 17.50 3.00 27.14
C LEU A 171 16.28 3.90 27.21
N HIS A 172 16.44 5.11 27.70
CA HIS A 172 15.44 6.14 27.54
C HIS A 172 15.86 6.99 26.36
N VAL A 173 14.92 7.46 25.57
CA VAL A 173 15.26 8.24 24.38
C VAL A 173 14.19 9.30 24.20
N TRP A 174 14.63 10.53 24.03
CA TRP A 174 13.74 11.64 23.73
C TRP A 174 14.10 12.19 22.38
N VAL A 175 13.09 12.50 21.57
CA VAL A 175 13.43 13.06 20.30
C VAL A 175 12.74 14.39 20.22
N ASP A 176 13.16 15.16 19.24
CA ASP A 176 12.59 16.44 18.92
C ASP A 176 11.58 16.16 17.84
N THR A 177 10.87 17.17 17.41
CA THR A 177 9.90 16.91 16.39
C THR A 177 9.99 17.83 15.21
N PHE A 178 10.85 18.84 15.25
CA PHE A 178 11.04 19.67 14.10
C PHE A 178 12.36 19.38 13.40
N SER A 179 13.32 18.75 14.06
CA SER A 179 14.57 18.38 13.41
C SER A 179 15.03 16.96 13.71
N GLY A 180 14.17 16.08 14.19
CA GLY A 180 14.59 14.71 14.37
C GLY A 180 15.89 14.40 15.11
N ALA A 181 16.38 15.30 15.97
CA ALA A 181 17.57 15.03 16.76
C ALA A 181 17.23 14.15 17.96
N ILE A 182 18.13 13.20 18.27
CA ILE A 182 17.87 12.12 19.22
C ILE A 182 18.83 12.19 20.39
N SER A 183 18.32 12.19 21.62
CA SER A 183 19.20 11.98 22.77
C SER A 183 18.76 10.76 23.57
N ALA A 184 19.71 9.92 23.97
CA ALA A 184 19.39 8.60 24.51
C ALA A 184 20.33 8.18 25.64
N THR A 185 19.78 7.87 26.81
CA THR A 185 20.57 7.48 27.97
C THR A 185 19.98 6.23 28.63
N GLN A 186 20.82 5.23 28.80
CA GLN A 186 20.52 3.86 29.22
C GLN A 186 21.47 3.46 30.32
N LYS A 187 21.11 3.13 31.58
CA LYS A 187 21.66 1.80 31.78
C LYS A 187 20.85 0.55 32.13
N ARG A 188 20.12 0.48 33.30
CA ARG A 188 19.25 -0.66 33.57
C ARG A 188 17.84 -0.38 34.03
N LYS A 189 17.74 0.62 34.88
CA LYS A 189 16.59 0.93 35.71
C LYS A 189 15.58 1.88 35.10
N GLU A 190 14.31 1.60 35.31
CA GLU A 190 13.30 2.49 34.77
C GLU A 190 12.43 3.05 35.88
N THR A 191 13.03 3.37 37.01
CA THR A 191 12.30 4.09 38.03
C THR A 191 12.18 5.55 37.67
N SER A 192 11.24 6.22 38.34
CA SER A 192 11.04 7.63 38.09
C SER A 192 12.34 8.39 38.26
N SER A 193 12.95 8.29 39.43
CA SER A 193 14.14 9.08 39.70
C SER A 193 15.21 8.90 38.65
N GLU A 194 15.16 7.81 37.90
CA GLU A 194 16.18 7.73 36.88
C GLU A 194 15.68 8.40 35.62
N ALA A 195 14.40 8.21 35.28
CA ALA A 195 13.87 8.92 34.12
C ALA A 195 14.13 10.42 34.26
N ILE A 196 13.80 10.95 35.43
CA ILE A 196 14.17 12.32 35.76
C ILE A 196 15.63 12.59 35.49
N SER A 197 16.54 11.73 36.00
CA SER A 197 17.92 12.09 35.73
C SER A 197 18.26 11.98 34.26
N SER A 198 17.38 11.37 33.50
CA SER A 198 17.68 11.25 32.09
C SER A 198 17.30 12.53 31.40
N LEU A 199 16.04 12.92 31.57
CA LEU A 199 15.63 14.20 31.03
C LEU A 199 16.64 15.27 31.41
N LEU A 200 16.94 15.37 32.71
CA LEU A 200 17.90 16.36 33.17
C LEU A 200 19.24 16.25 32.51
N GLN A 201 19.51 15.13 31.85
CA GLN A 201 20.77 15.10 31.15
C GLN A 201 20.57 15.41 29.68
N ALA A 202 19.57 14.83 29.06
CA ALA A 202 19.32 15.03 27.65
C ALA A 202 18.90 16.45 27.37
N ILE A 203 18.80 17.28 28.38
CA ILE A 203 18.53 18.69 28.15
C ILE A 203 19.81 19.48 27.99
N ALA A 204 20.91 19.03 28.59
CA ALA A 204 22.17 19.74 28.41
C ALA A 204 22.58 19.75 26.95
N TYR A 205 22.80 18.58 26.38
CA TYR A 205 22.66 18.39 24.96
C TYR A 205 21.39 19.07 24.51
N LEU A 206 21.45 19.81 23.41
CA LEU A 206 20.40 20.78 23.13
C LEU A 206 19.02 20.15 23.11
N GLY A 207 18.04 20.86 23.67
CA GLY A 207 18.20 22.14 24.34
C GLY A 207 16.94 22.34 25.16
N LYS A 208 16.85 23.34 26.03
CA LYS A 208 15.72 23.37 26.96
C LYS A 208 14.40 23.56 26.22
N PRO A 209 13.43 22.68 26.43
CA PRO A 209 12.22 22.65 25.60
C PRO A 209 11.19 23.65 26.07
N SER A 210 10.04 23.62 25.41
CA SER A 210 8.87 24.28 25.95
C SER A 210 7.65 23.40 26.05
N TYR A 211 7.58 22.29 25.34
CA TYR A 211 6.50 21.35 25.58
C TYR A 211 7.13 19.98 25.75
N ILE A 212 6.29 18.97 25.94
CA ILE A 212 6.77 17.61 26.12
C ILE A 212 5.61 16.67 25.85
N ASN A 213 5.92 15.43 25.53
CA ASN A 213 4.83 14.53 25.22
C ASN A 213 5.31 13.11 25.45
N THR A 214 4.39 12.23 25.80
CA THR A 214 4.78 10.90 26.22
C THR A 214 3.55 10.00 26.23
N ASP A 215 3.73 8.78 26.74
CA ASP A 215 2.64 7.85 26.94
C ASP A 215 2.44 7.63 28.43
N ASN A 216 1.53 6.75 28.79
CA ASN A 216 1.05 6.68 30.15
C ASN A 216 1.93 5.88 31.05
N GLY A 217 3.16 5.60 30.65
CA GLY A 217 4.04 4.79 31.45
C GLY A 217 4.10 5.24 32.89
N PRO A 218 4.24 4.28 33.79
CA PRO A 218 4.22 4.61 35.21
C PRO A 218 5.30 5.59 35.58
N ALA A 219 6.52 5.34 35.08
CA ALA A 219 7.61 6.19 35.49
C ALA A 219 7.35 7.62 35.12
N TYR A 220 6.38 7.88 34.26
CA TYR A 220 6.01 9.23 33.88
C TYR A 220 4.81 9.71 34.67
N ILE A 221 3.94 8.81 35.08
CA ILE A 221 2.77 9.24 35.84
C ILE A 221 3.20 9.56 37.27
N SER A 222 4.46 9.31 37.58
CA SER A 222 4.91 9.60 38.93
C SER A 222 4.60 11.03 39.35
N GLN A 223 4.09 11.16 40.56
CA GLN A 223 3.96 12.47 41.17
C GLN A 223 5.30 13.18 41.23
N ASP A 224 6.38 12.44 41.46
CA ASP A 224 7.66 13.11 41.62
C ASP A 224 8.15 13.67 40.30
N PHE A 225 8.05 12.87 39.24
CA PHE A 225 8.38 13.37 37.91
C PHE A 225 7.57 14.62 37.62
N LEU A 226 6.26 14.55 37.85
CA LEU A 226 5.42 15.71 37.58
C LEU A 226 5.91 16.95 38.33
N ASN A 227 6.25 16.79 39.60
CA ASN A 227 6.71 17.94 40.36
C ASN A 227 8.02 18.47 39.85
N MET A 228 8.88 17.59 39.35
CA MET A 228 10.11 18.08 38.73
C MET A 228 9.78 18.89 37.50
N CYS A 229 8.94 18.34 36.63
CA CYS A 229 8.55 19.04 35.42
C CYS A 229 8.09 20.44 35.74
N THR A 230 7.04 20.54 36.56
CA THR A 230 6.50 21.84 36.92
C THR A 230 7.58 22.75 37.49
N SER A 231 8.46 22.21 38.32
CA SER A 231 9.53 23.01 38.84
C SER A 231 10.40 23.60 37.75
N LEU A 232 10.22 23.17 36.51
CA LEU A 232 11.04 23.63 35.40
C LEU A 232 10.23 24.37 34.35
N ALA A 233 8.98 24.71 34.64
CA ALA A 233 8.16 25.52 33.74
C ALA A 233 8.04 24.84 32.37
N ILE A 234 7.45 23.66 32.39
CA ILE A 234 7.20 22.87 31.20
C ILE A 234 5.73 22.48 31.23
N ARG A 235 5.19 22.17 30.07
CA ARG A 235 3.89 21.52 30.05
C ARG A 235 4.10 20.02 30.11
N HIS A 236 3.02 19.27 29.97
CA HIS A 236 3.11 17.83 29.90
C HIS A 236 1.80 17.29 29.42
N THR A 237 1.84 16.21 28.64
CA THR A 237 0.63 15.66 28.09
C THR A 237 0.79 14.16 27.93
N THR A 238 -0.32 13.48 27.77
CA THR A 238 -0.30 12.05 27.53
C THR A 238 -0.98 11.77 26.21
N HIS A 239 -1.10 10.50 25.88
CA HIS A 239 -1.86 10.07 24.72
C HIS A 239 -3.04 9.25 25.17
N VAL A 240 -3.99 9.09 24.27
CA VAL A 240 -5.05 8.15 24.63
C VAL A 240 -4.41 6.81 24.91
N PRO A 241 -4.78 6.13 25.98
CA PRO A 241 -4.11 4.88 26.31
C PRO A 241 -4.38 3.79 25.30
N TYR A 242 -3.47 2.82 25.26
CA TYR A 242 -3.55 1.68 24.35
C TYR A 242 -3.60 2.12 22.90
N ASN A 243 -2.61 2.89 22.47
CA ASN A 243 -2.53 3.25 21.06
C ASN A 243 -1.12 3.57 20.64
N PRO A 244 -0.41 2.56 20.16
CA PRO A 244 1.03 2.69 19.96
C PRO A 244 1.38 3.61 18.83
N THR A 245 0.58 3.64 17.77
CA THR A 245 0.92 4.48 16.64
C THR A 245 1.02 5.92 17.08
N SER A 246 0.31 6.28 18.14
CA SER A 246 0.23 7.66 18.56
C SER A 246 1.60 8.29 18.62
N SER A 247 2.62 7.53 19.04
CA SER A 247 3.98 8.02 19.16
C SER A 247 4.84 7.61 17.98
N GLY A 248 4.24 7.52 16.80
CA GLY A 248 4.92 7.01 15.64
C GLY A 248 6.34 7.48 15.49
N LEU A 249 6.58 8.78 15.67
CA LEU A 249 7.90 9.30 15.38
C LEU A 249 8.93 8.60 16.24
N VAL A 250 8.81 8.74 17.55
CA VAL A 250 9.84 8.18 18.41
C VAL A 250 9.90 6.67 18.26
N GLN A 251 8.75 6.01 18.18
CA GLN A 251 8.76 4.57 18.02
C GLN A 251 9.60 4.17 16.81
N ARG A 252 9.70 5.06 15.85
CA ARG A 252 10.49 4.68 14.72
C ARG A 252 11.94 5.00 14.98
N SER A 253 12.21 6.15 15.60
CA SER A 253 13.62 6.42 15.80
C SER A 253 14.23 5.37 16.71
N ASN A 254 13.39 4.67 17.47
CA ASN A 254 13.87 3.51 18.21
C ASN A 254 14.36 2.46 17.25
N GLY A 255 13.48 2.04 16.35
CA GLY A 255 13.91 1.04 15.39
C GLY A 255 15.24 1.40 14.73
N ILE A 256 15.40 2.67 14.36
CA ILE A 256 16.65 3.13 13.75
C ILE A 256 17.83 2.90 14.67
N LEU A 257 17.62 3.10 15.96
CA LEU A 257 18.77 3.07 16.83
C LEU A 257 19.16 1.64 17.10
N LYS A 258 18.17 0.79 17.30
CA LYS A 258 18.48 -0.61 17.52
C LYS A 258 19.28 -1.12 16.34
N THR A 259 18.71 -1.10 15.14
CA THR A 259 19.47 -1.78 14.10
C THR A 259 20.78 -1.11 13.78
N LEU A 260 21.05 0.05 14.35
CA LEU A 260 22.43 0.47 14.19
C LEU A 260 23.30 -0.25 15.21
N LEU A 261 22.77 -0.41 16.41
CA LEU A 261 23.57 -1.08 17.41
C LEU A 261 23.90 -2.46 16.89
N TYR A 262 22.86 -3.23 16.60
CA TYR A 262 23.07 -4.57 16.07
C TYR A 262 24.17 -4.61 15.02
N LYS A 263 24.22 -3.62 14.12
CA LYS A 263 25.31 -3.68 13.15
C LYS A 263 26.65 -3.71 13.86
N TYR A 264 26.84 -2.76 14.78
CA TYR A 264 28.16 -2.76 15.40
C TYR A 264 28.42 -4.06 16.11
N PHE A 265 27.42 -4.59 16.79
CA PHE A 265 27.73 -5.73 17.64
C PHE A 265 27.85 -7.00 16.85
N THR A 266 27.41 -6.98 15.60
CA THR A 266 27.78 -8.03 14.68
C THR A 266 29.28 -8.00 14.52
N ASP A 267 29.80 -6.89 14.03
CA ASP A 267 31.25 -6.86 14.06
C ASP A 267 31.74 -6.70 15.51
N LYS A 268 33.05 -6.84 15.71
CA LYS A 268 33.75 -6.51 16.95
C LYS A 268 32.92 -6.83 18.21
N PRO A 269 32.55 -8.09 18.41
CA PRO A 269 31.50 -8.40 19.38
C PRO A 269 31.94 -8.37 20.83
N ASP A 270 33.12 -7.85 21.12
CA ASP A 270 33.61 -7.70 22.49
C ASP A 270 33.42 -6.31 23.07
N LEU A 271 33.37 -5.27 22.24
CA LEU A 271 33.52 -3.91 22.72
C LEU A 271 32.40 -3.49 23.68
N PRO A 272 32.72 -2.66 24.67
CA PRO A 272 31.80 -2.39 25.76
C PRO A 272 30.55 -1.68 25.27
N MET A 273 29.42 -2.13 25.76
CA MET A 273 28.05 -1.94 25.31
C MET A 273 27.51 -0.56 25.56
N ASP A 274 28.37 0.35 26.01
CA ASP A 274 28.05 1.74 26.29
C ASP A 274 28.74 2.72 25.35
N ASN A 275 30.06 2.61 25.21
CA ASN A 275 30.68 3.53 24.29
C ASN A 275 30.25 3.24 22.87
N ALA A 276 29.93 1.99 22.55
CA ALA A 276 29.37 1.86 21.21
C ALA A 276 28.03 2.53 21.10
N LEU A 277 27.49 3.03 22.20
CA LEU A 277 26.31 3.85 22.07
C LEU A 277 26.71 5.27 21.75
N SER A 278 27.68 5.80 22.48
CA SER A 278 28.09 7.15 22.12
C SER A 278 28.48 7.22 20.65
N ILE A 279 29.02 6.13 20.12
CA ILE A 279 29.34 6.07 18.69
C ILE A 279 28.08 6.21 17.86
N ALA A 280 27.11 5.33 18.11
CA ALA A 280 25.93 5.41 17.27
C ALA A 280 25.31 6.79 17.35
N LEU A 281 25.37 7.42 18.51
CA LEU A 281 24.73 8.71 18.63
C LEU A 281 25.42 9.74 17.78
N TRP A 282 26.72 9.58 17.59
CA TRP A 282 27.40 10.47 16.66
C TRP A 282 26.89 10.20 15.26
N THR A 283 27.05 8.98 14.82
CA THR A 283 26.71 8.78 13.43
C THR A 283 25.25 8.94 13.14
N ILE A 284 24.43 9.21 14.14
CA ILE A 284 23.03 9.50 13.86
C ILE A 284 22.80 11.00 13.80
N ASN A 285 23.66 11.78 14.43
CA ASN A 285 23.35 13.20 14.37
C ASN A 285 24.22 13.96 13.39
N HIS A 286 25.43 13.52 13.09
CA HIS A 286 26.28 14.39 12.31
C HIS A 286 26.57 13.89 10.91
N LEU A 287 26.63 12.59 10.70
CA LEU A 287 27.16 12.01 9.49
C LEU A 287 26.09 11.34 8.65
N ASN A 288 24.89 11.89 8.57
CA ASN A 288 23.87 11.13 7.88
C ASN A 288 22.81 12.05 7.29
N VAL A 289 22.86 12.28 5.98
CA VAL A 289 21.86 13.15 5.34
C VAL A 289 20.49 12.56 5.55
N LEU A 290 19.59 13.36 6.12
CA LEU A 290 18.25 12.89 6.44
C LEU A 290 17.40 12.40 5.28
N THR A 291 17.10 13.29 4.38
CA THR A 291 16.05 13.07 3.39
C THR A 291 16.18 14.14 2.33
N ASN A 292 15.14 14.19 1.49
CA ASN A 292 15.06 15.17 0.43
C ASN A 292 15.43 16.55 0.94
N CYS A 293 15.15 16.85 2.21
CA CYS A 293 15.62 18.13 2.73
C CYS A 293 17.12 18.25 2.57
N HIS A 294 17.84 17.14 2.66
CA HIS A 294 19.27 17.09 2.36
C HIS A 294 20.09 17.95 3.30
N LYS A 295 19.72 17.94 4.56
CA LYS A 295 20.46 18.68 5.58
C LYS A 295 20.59 17.81 6.81
N THR A 296 21.81 17.56 7.24
CA THR A 296 22.03 16.74 8.41
C THR A 296 21.28 17.31 9.60
N ARG A 297 20.57 16.44 10.31
CA ARG A 297 19.71 16.84 11.41
C ARG A 297 20.33 17.92 12.26
N TRP A 298 21.59 17.74 12.61
CA TRP A 298 22.26 18.70 13.46
C TRP A 298 22.17 20.09 12.87
N GLN A 299 22.62 20.25 11.64
CA GLN A 299 22.54 21.57 11.02
C GLN A 299 21.10 22.05 11.02
N LEU A 300 20.19 21.21 10.52
CA LEU A 300 18.79 21.62 10.44
C LEU A 300 18.28 22.06 11.79
N HIS A 301 18.98 21.70 12.84
CA HIS A 301 18.52 22.03 14.17
C HIS A 301 19.15 23.29 14.65
N HIS A 302 20.31 23.63 14.13
CA HIS A 302 20.91 24.85 14.65
C HIS A 302 20.55 26.05 13.80
N SER A 303 20.88 26.00 12.53
CA SER A 303 20.90 27.24 11.75
C SER A 303 19.58 28.00 11.76
N PRO A 304 18.45 27.39 11.39
CA PRO A 304 17.23 28.15 11.12
C PRO A 304 16.60 28.84 12.32
N ARG A 305 17.15 28.76 13.53
CA ARG A 305 16.54 29.48 14.66
C ARG A 305 16.38 30.97 14.38
N LEU A 306 17.11 31.50 13.42
CA LEU A 306 16.92 32.86 12.96
C LEU A 306 15.52 33.15 12.43
N GLN A 307 14.70 32.15 12.23
CA GLN A 307 13.42 32.35 11.58
C GLN A 307 12.33 32.75 12.57
N PRO A 308 11.30 33.43 12.09
CA PRO A 308 10.16 33.80 12.92
C PRO A 308 9.18 32.65 13.01
N ILE A 309 8.06 32.91 13.70
CA ILE A 309 7.05 31.91 13.97
C ILE A 309 5.79 32.30 13.20
N PRO A 310 5.32 31.49 12.25
CA PRO A 310 4.01 31.75 11.65
C PRO A 310 2.91 31.54 12.66
N GLU A 311 1.66 31.84 12.30
CA GLU A 311 0.59 31.72 13.27
C GLU A 311 -0.60 30.95 12.70
N THR A 312 -1.25 30.18 13.58
CA THR A 312 -2.45 29.42 13.25
C THR A 312 -3.12 29.00 14.55
N ARG A 313 -4.44 29.17 14.59
CA ARG A 313 -5.21 29.26 15.83
C ARG A 313 -6.66 28.87 15.52
N SER A 314 -7.56 29.14 16.47
CA SER A 314 -9.00 29.05 16.23
C SER A 314 -9.46 27.65 15.83
N LEU A 315 -9.24 26.70 16.72
CA LEU A 315 -9.98 25.45 16.60
C LEU A 315 -11.40 25.74 17.10
N SER A 316 -12.35 25.59 16.18
CA SER A 316 -13.69 26.15 16.27
C SER A 316 -14.62 25.34 15.38
N ASN A 317 -15.82 25.88 15.14
CA ASN A 317 -16.74 25.35 14.14
C ASN A 317 -17.14 23.90 14.40
N LYS A 318 -17.75 23.69 15.55
CA LYS A 318 -18.11 22.36 16.00
C LYS A 318 -19.51 22.00 15.48
N GLN A 319 -19.63 20.80 14.93
CA GLN A 319 -20.91 20.26 14.50
C GLN A 319 -20.83 18.74 14.61
N THR A 320 -21.67 18.17 15.46
CA THR A 320 -21.54 16.76 15.80
C THR A 320 -21.99 15.86 14.65
N HIS A 321 -21.92 14.56 14.91
CA HIS A 321 -22.36 13.49 14.02
C HIS A 321 -22.62 12.29 14.90
N TRP A 322 -22.81 11.10 14.31
CA TRP A 322 -23.04 9.89 15.10
C TRP A 322 -22.11 8.80 14.58
N TYR A 323 -21.51 7.99 15.48
CA TYR A 323 -20.63 6.98 14.91
C TYR A 323 -20.74 5.68 15.67
N TYR A 324 -20.91 4.58 14.97
CA TYR A 324 -20.94 3.31 15.67
C TYR A 324 -19.62 2.63 15.40
N PHE A 325 -18.59 2.80 16.23
CA PHE A 325 -17.56 1.88 15.79
C PHE A 325 -16.87 0.69 16.49
N LYS A 326 -16.13 0.88 17.58
CA LYS A 326 -15.41 -0.28 18.13
C LYS A 326 -14.73 0.06 19.45
N LEU A 327 -14.78 -0.78 20.47
CA LEU A 327 -14.06 -0.36 21.67
C LEU A 327 -12.57 -0.33 21.34
N PRO A 328 -11.78 0.71 21.76
CA PRO A 328 -10.32 0.68 21.59
C PRO A 328 -9.48 -0.03 22.63
N GLY A 329 -9.88 -1.24 22.98
CA GLY A 329 -9.07 -1.95 23.95
C GLY A 329 -8.55 -3.19 23.27
N LEU A 330 -8.20 -3.03 22.00
CA LEU A 330 -7.67 -4.11 21.19
C LEU A 330 -8.75 -5.17 21.03
N ASN A 331 -9.93 -4.87 21.54
CA ASN A 331 -11.04 -5.82 21.59
C ASN A 331 -11.73 -5.84 20.23
N SER A 332 -10.93 -6.14 19.22
CA SER A 332 -11.44 -6.15 17.86
C SER A 332 -12.62 -7.10 17.73
N ARG A 333 -13.73 -6.56 17.26
CA ARG A 333 -14.97 -7.32 17.13
C ARG A 333 -15.90 -6.49 16.24
N GLN A 334 -17.15 -6.91 16.11
CA GLN A 334 -18.15 -6.10 15.44
C GLN A 334 -18.25 -4.70 16.05
N TRP A 335 -18.75 -3.78 15.24
CA TRP A 335 -18.74 -2.34 15.56
C TRP A 335 -19.79 -1.80 16.52
N LYS A 336 -19.75 -2.20 17.77
CA LYS A 336 -19.58 -1.23 18.85
C LYS A 336 -20.35 0.07 18.67
N GLY A 337 -21.67 0.02 18.58
CA GLY A 337 -22.23 1.28 18.21
C GLY A 337 -22.85 2.21 19.23
N PRO A 338 -22.17 3.35 19.40
CA PRO A 338 -22.75 4.63 19.81
C PRO A 338 -23.34 5.77 18.97
N GLN A 339 -24.03 6.54 19.78
CA GLN A 339 -24.81 7.73 19.58
C GLN A 339 -24.07 8.67 20.51
N GLU A 340 -23.99 9.93 20.17
CA GLU A 340 -22.98 10.40 19.26
C GLU A 340 -22.08 11.42 19.94
N ALA A 341 -21.18 11.99 19.16
CA ALA A 341 -20.13 12.80 19.73
C ALA A 341 -20.67 13.96 20.53
N LEU A 342 -19.95 14.28 21.61
CA LEU A 342 -20.21 15.39 22.50
C LEU A 342 -19.36 16.59 22.16
N GLN A 343 -18.10 16.35 21.83
CA GLN A 343 -17.18 17.42 21.52
C GLN A 343 -16.21 16.90 20.47
N GLU A 344 -16.49 17.18 19.21
CA GLU A 344 -15.61 16.74 18.15
C GLU A 344 -14.35 17.61 18.16
N ALA A 345 -13.23 17.03 17.75
CA ALA A 345 -11.98 17.79 17.71
C ALA A 345 -11.15 17.29 16.55
N ALA A 346 -9.95 17.84 16.42
CA ALA A 346 -9.13 17.56 15.24
C ALA A 346 -8.64 16.12 15.29
N GLY A 347 -9.09 15.31 14.34
CA GLY A 347 -8.72 13.91 14.28
C GLY A 347 -9.54 13.07 15.24
N ALA A 348 -9.28 13.22 16.53
CA ALA A 348 -9.92 12.44 17.58
C ALA A 348 -11.35 12.89 17.75
N ALA A 349 -12.05 12.28 18.71
CA ALA A 349 -13.43 12.67 18.97
C ALA A 349 -13.85 12.19 20.35
N LEU A 350 -14.28 13.11 21.20
CA LEU A 350 -14.85 12.73 22.48
C LEU A 350 -16.14 11.98 22.27
N ILE A 351 -16.40 11.00 23.12
CA ILE A 351 -17.61 10.20 22.95
C ILE A 351 -17.94 9.38 24.19
N PRO A 352 -19.20 9.33 24.59
CA PRO A 352 -19.58 8.57 25.79
C PRO A 352 -19.89 7.11 25.51
N VAL A 353 -19.25 6.23 26.28
CA VAL A 353 -19.71 4.86 26.39
C VAL A 353 -20.87 4.85 27.37
N SER A 354 -21.60 3.73 27.35
CA SER A 354 -22.84 3.50 28.10
C SER A 354 -22.65 3.72 29.58
N ALA A 355 -21.41 3.76 30.02
CA ALA A 355 -21.06 4.01 31.39
C ALA A 355 -21.24 5.47 31.71
N SER A 356 -21.87 6.19 30.79
CA SER A 356 -21.98 7.64 30.85
C SER A 356 -20.59 8.22 31.05
N SER A 357 -19.59 7.49 30.57
CA SER A 357 -18.21 7.95 30.66
C SER A 357 -17.72 8.34 29.27
N ALA A 358 -16.73 9.22 29.23
CA ALA A 358 -16.35 9.85 27.99
C ALA A 358 -14.88 9.62 27.73
N GLN A 359 -14.57 8.99 26.60
CA GLN A 359 -13.20 8.84 26.14
C GLN A 359 -13.01 9.63 24.87
N TRP A 360 -11.83 9.52 24.29
CA TRP A 360 -11.54 10.15 23.02
C TRP A 360 -11.02 9.07 22.10
N ILE A 361 -11.94 8.41 21.42
CA ILE A 361 -11.60 7.41 20.42
C ILE A 361 -10.91 8.08 19.25
N PRO A 362 -9.69 7.70 18.92
CA PRO A 362 -9.11 8.16 17.67
C PRO A 362 -10.00 7.73 16.53
N TRP A 363 -10.21 8.65 15.60
CA TRP A 363 -11.12 8.49 14.49
C TRP A 363 -10.88 7.19 13.77
N ARG A 364 -9.68 6.64 13.88
CA ARG A 364 -9.24 5.51 13.12
C ARG A 364 -10.00 4.26 13.49
N LEU A 365 -10.96 4.39 14.38
CA LEU A 365 -11.78 3.30 14.81
C LEU A 365 -13.25 3.68 14.82
N LEU A 366 -13.72 4.51 13.89
CA LEU A 366 -15.09 4.99 13.90
C LEU A 366 -15.83 4.78 12.57
N LYS A 367 -17.02 4.15 12.58
CA LYS A 367 -17.67 3.89 11.31
C LYS A 367 -18.87 4.82 11.22
N ARG A 368 -18.69 5.85 10.39
CA ARG A 368 -19.62 6.97 10.30
C ARG A 368 -21.01 6.49 9.92
N ALA A 369 -22.02 7.02 10.58
CA ALA A 369 -23.40 6.76 10.18
C ALA A 369 -24.28 7.85 10.74
N ALA A 370 -24.92 8.63 9.88
CA ALA A 370 -25.75 9.75 10.34
C ALA A 370 -27.24 9.45 10.16
N SER B 96 9.44 33.75 38.34
CA SER B 96 10.40 32.87 37.69
C SER B 96 11.88 33.22 37.92
N PRO B 97 12.27 34.50 37.82
CA PRO B 97 13.70 34.80 37.96
C PRO B 97 14.29 34.41 39.30
N ALA B 98 13.55 34.54 40.40
CA ALA B 98 14.11 34.04 41.66
C ALA B 98 14.17 32.52 41.71
N GLU B 99 13.25 31.85 41.02
CA GLU B 99 13.39 30.40 41.09
C GLU B 99 14.39 29.95 40.06
N LEU B 100 14.31 30.50 38.85
CA LEU B 100 15.29 30.13 37.84
C LEU B 100 16.67 30.40 38.38
N HIS B 101 16.78 31.43 39.23
CA HIS B 101 18.02 31.82 39.86
C HIS B 101 18.52 30.65 40.71
N SER B 102 17.72 30.27 41.71
CA SER B 102 18.21 29.28 42.67
C SER B 102 18.39 27.93 42.02
N PHE B 103 17.59 27.61 41.01
CA PHE B 103 17.72 26.37 40.26
C PHE B 103 18.97 26.31 39.41
N THR B 104 19.36 27.42 38.80
CA THR B 104 20.46 27.41 37.85
C THR B 104 21.84 27.73 38.39
N HIS B 105 22.02 28.25 39.60
CA HIS B 105 22.10 29.67 39.90
C HIS B 105 23.41 30.40 39.53
N CYS B 106 23.59 30.57 38.23
CA CYS B 106 24.57 31.52 37.73
C CYS B 106 23.92 32.91 37.79
N GLY B 107 24.55 33.93 37.22
CA GLY B 107 25.26 34.91 38.02
C GLY B 107 24.64 36.30 38.07
N GLN B 108 25.20 37.26 37.33
CA GLN B 108 24.77 38.66 37.37
C GLN B 108 24.39 39.22 36.00
N THR B 109 25.08 38.80 34.95
CA THR B 109 25.01 39.48 33.65
C THR B 109 23.75 39.09 32.89
N ALA B 110 23.58 37.80 32.64
CA ALA B 110 22.67 37.23 31.66
C ALA B 110 21.25 37.06 32.19
N LEU B 111 20.92 37.75 33.28
CA LEU B 111 19.60 37.64 33.89
C LEU B 111 18.67 38.78 33.50
N THR B 112 19.19 39.98 33.19
CA THR B 112 18.29 41.05 32.79
C THR B 112 17.66 40.77 31.45
N LEU B 113 18.23 39.84 30.69
CA LEU B 113 17.68 39.48 29.40
C LEU B 113 16.48 38.56 29.55
N GLN B 114 16.10 38.29 30.79
CA GLN B 114 14.88 37.56 31.09
C GLN B 114 13.80 38.47 31.65
N GLY B 115 14.15 39.70 32.03
CA GLY B 115 13.14 40.64 32.47
C GLY B 115 13.46 41.51 33.67
N ALA B 116 14.58 41.25 34.35
CA ALA B 116 14.92 42.05 35.51
C ALA B 116 15.64 43.32 35.07
N THR B 117 15.43 44.40 35.80
CA THR B 117 16.07 45.65 35.44
C THR B 117 17.51 45.66 35.95
N THR B 118 18.16 46.81 35.83
CA THR B 118 19.53 46.98 36.29
C THR B 118 19.63 46.73 37.79
N THR B 119 18.90 47.54 38.55
CA THR B 119 19.05 47.47 39.99
C THR B 119 18.49 46.15 40.48
N GLU B 120 17.37 45.69 39.92
CA GLU B 120 16.85 44.40 40.34
C GLU B 120 17.80 43.25 40.02
N ALA B 121 18.69 43.40 39.03
CA ALA B 121 19.74 42.41 38.81
C ALA B 121 20.78 42.46 39.92
N SER B 122 21.20 43.67 40.29
CA SER B 122 22.10 43.73 41.44
C SER B 122 21.39 43.27 42.71
N ASN B 123 20.10 43.55 42.85
CA ASN B 123 19.30 43.04 43.96
C ASN B 123 19.03 41.54 43.87
N ILE B 124 19.32 40.94 42.72
CA ILE B 124 19.40 39.48 42.65
C ILE B 124 20.72 39.03 43.25
N LEU B 125 21.77 39.80 43.01
CA LEU B 125 23.03 39.48 43.67
C LEU B 125 22.89 39.64 45.18
N ARG B 126 22.11 40.62 45.61
CA ARG B 126 21.71 40.76 46.99
C ARG B 126 20.79 39.63 47.44
N SER B 127 20.26 38.84 46.52
CA SER B 127 19.35 37.77 46.85
C SER B 127 20.09 36.44 46.98
N CYS B 128 19.55 35.60 47.86
CA CYS B 128 19.98 34.26 48.27
C CYS B 128 21.26 34.30 49.09
N HIS B 129 21.83 35.49 49.30
CA HIS B 129 22.90 35.76 50.29
C HIS B 129 24.04 34.76 50.18
N ALA B 130 24.21 34.21 48.99
CA ALA B 130 25.19 33.18 48.70
C ALA B 130 25.97 33.46 47.44
N CYS B 131 25.53 34.44 46.65
CA CYS B 131 26.13 34.72 45.36
C CYS B 131 26.93 36.02 45.34
N ARG B 147 47.66 25.77 20.94
CA ARG B 147 48.09 26.78 21.91
C ARG B 147 47.57 28.16 21.54
N GLY B 148 47.24 28.35 20.28
CA GLY B 148 46.63 29.58 19.82
C GLY B 148 45.16 29.62 20.16
N LEU B 149 44.44 30.48 19.46
CA LEU B 149 42.98 30.56 19.56
C LEU B 149 42.28 29.64 18.57
N LEU B 150 42.98 29.22 17.51
CA LEU B 150 42.63 27.92 16.93
C LEU B 150 41.16 27.72 16.56
N PRO B 151 40.67 28.40 15.52
CA PRO B 151 39.28 28.25 15.08
C PRO B 151 38.90 26.79 14.94
N ASN B 152 37.60 26.53 14.94
CA ASN B 152 36.93 25.39 15.58
C ASN B 152 37.62 24.05 15.41
N HIS B 153 37.58 23.26 16.48
CA HIS B 153 38.17 21.93 16.53
C HIS B 153 39.69 21.88 16.34
N ILE B 154 40.37 22.53 17.28
CA ILE B 154 41.68 22.06 17.73
C ILE B 154 41.73 22.06 19.27
N TRP B 155 41.50 20.88 19.88
CA TRP B 155 41.04 20.69 21.26
C TRP B 155 42.16 20.73 22.30
N GLN B 156 41.80 20.36 23.53
CA GLN B 156 42.65 20.19 24.70
C GLN B 156 41.82 19.54 25.80
N GLY B 157 42.45 18.73 26.65
CA GLY B 157 41.73 17.98 27.67
C GLY B 157 42.51 17.74 28.95
N ASP B 158 41.86 17.11 29.93
CA ASP B 158 42.51 16.88 31.22
C ASP B 158 41.67 15.96 32.10
N ILE B 159 42.35 15.28 33.03
CA ILE B 159 41.73 14.53 34.12
C ILE B 159 41.95 15.28 35.43
N THR B 160 40.98 15.23 36.33
CA THR B 160 40.98 16.06 37.53
C THR B 160 40.41 15.28 38.70
N HIS B 161 40.98 15.47 39.88
CA HIS B 161 40.38 14.96 41.10
C HIS B 161 39.26 15.88 41.55
N PHE B 162 38.73 15.60 42.73
CA PHE B 162 37.51 16.24 43.18
C PHE B 162 37.34 16.04 44.67
N LYS B 163 36.63 16.97 45.30
CA LYS B 163 36.37 16.86 46.73
C LYS B 163 35.58 15.60 47.03
N TYR B 164 36.18 14.69 47.76
CA TYR B 164 35.43 13.52 48.18
C TYR B 164 34.29 13.98 49.07
N LYS B 165 33.06 13.82 48.58
CA LYS B 165 31.92 13.92 49.48
C LYS B 165 32.09 12.95 50.64
N ASN B 166 32.26 11.68 50.32
CA ASN B 166 33.04 10.76 51.14
C ASN B 166 34.04 9.95 50.33
N THR B 167 33.91 9.89 49.01
CA THR B 167 34.88 9.25 48.11
C THR B 167 35.07 10.14 46.91
N LEU B 168 36.31 10.48 46.59
CA LEU B 168 36.54 11.45 45.53
C LEU B 168 36.30 10.79 44.18
N TYR B 169 35.66 11.53 43.30
CA TYR B 169 35.41 11.06 41.94
C TYR B 169 36.38 11.72 40.99
N ARG B 170 36.51 11.14 39.82
CA ARG B 170 37.54 11.51 38.88
C ARG B 170 36.87 12.28 37.76
N LEU B 171 36.75 13.60 37.92
CA LEU B 171 36.23 14.41 36.84
C LEU B 171 37.16 14.32 35.66
N HIS B 172 36.61 14.11 34.49
CA HIS B 172 37.47 13.81 33.37
C HIS B 172 36.88 14.58 32.21
N VAL B 173 37.58 15.61 31.73
CA VAL B 173 36.96 16.70 30.99
C VAL B 173 37.73 16.98 29.70
N TRP B 174 37.00 17.53 28.73
CA TRP B 174 37.58 18.08 27.51
C TRP B 174 37.00 19.46 27.26
N VAL B 175 37.86 20.37 26.85
CA VAL B 175 37.50 21.78 26.69
C VAL B 175 38.04 22.27 25.36
N ASP B 176 37.18 22.90 24.57
CA ASP B 176 37.63 23.43 23.30
C ASP B 176 38.59 24.59 23.55
N THR B 177 39.28 25.00 22.49
CA THR B 177 40.15 26.14 22.64
C THR B 177 39.71 27.36 21.84
N PHE B 178 38.89 27.19 20.81
CA PHE B 178 38.40 28.36 20.11
C PHE B 178 37.23 28.99 20.85
N SER B 179 36.17 28.22 21.03
CA SER B 179 34.99 28.76 21.70
C SER B 179 35.17 28.74 23.21
N GLY B 180 35.38 27.57 23.78
CA GLY B 180 35.40 27.50 25.22
C GLY B 180 34.27 26.67 25.77
N ALA B 181 33.81 25.69 25.01
CA ALA B 181 32.80 24.79 25.52
C ALA B 181 33.43 23.72 26.40
N ILE B 182 32.58 22.93 27.04
CA ILE B 182 33.00 21.96 28.04
C ILE B 182 32.20 20.68 27.84
N SER B 183 32.85 19.54 28.00
CA SER B 183 32.11 18.28 28.08
C SER B 183 32.94 17.31 28.90
N ALA B 184 32.33 16.76 29.94
CA ALA B 184 33.11 15.96 30.88
C ALA B 184 32.23 14.88 31.47
N THR B 185 32.84 14.09 32.36
CA THR B 185 32.05 13.08 33.05
C THR B 185 32.73 12.68 34.36
N GLN B 186 32.10 11.72 35.02
CA GLN B 186 32.47 11.22 36.33
C GLN B 186 32.67 9.72 36.27
N LYS B 187 33.71 9.23 36.93
CA LYS B 187 33.96 7.80 37.02
C LYS B 187 35.03 7.56 38.09
N ARG B 188 35.33 6.29 38.34
CA ARG B 188 36.19 5.92 39.47
C ARG B 188 37.62 5.65 39.04
N LYS B 189 37.82 4.74 38.08
CA LYS B 189 39.17 4.36 37.68
C LYS B 189 39.71 5.37 36.66
N GLU B 190 40.98 5.18 36.29
CA GLU B 190 41.65 6.08 35.36
C GLU B 190 42.49 5.32 34.33
N THR B 191 42.08 4.12 33.95
CA THR B 191 42.81 3.41 32.91
C THR B 191 42.35 3.85 31.52
N SER B 192 43.25 3.64 30.55
CA SER B 192 42.97 4.06 29.20
C SER B 192 41.67 3.49 28.65
N SER B 193 41.17 2.40 29.23
CA SER B 193 39.85 1.89 28.88
C SER B 193 38.83 3.02 28.90
N GLU B 194 38.87 3.80 29.95
CA GLU B 194 37.78 4.72 30.06
C GLU B 194 38.22 6.14 29.81
N ALA B 195 39.51 6.43 29.89
CA ALA B 195 39.91 7.68 29.27
C ALA B 195 39.43 7.69 27.81
N ILE B 196 39.52 6.54 27.13
CA ILE B 196 38.85 6.39 25.84
C ILE B 196 37.38 6.70 25.96
N SER B 197 36.67 5.95 26.81
CA SER B 197 35.22 6.07 26.75
C SER B 197 34.78 7.51 26.99
N SER B 198 35.59 8.28 27.70
CA SER B 198 35.30 9.68 27.95
C SER B 198 35.47 10.49 26.68
N LEU B 199 36.65 10.41 26.08
CA LEU B 199 36.84 11.08 24.80
C LEU B 199 35.68 10.77 23.87
N LEU B 200 35.48 9.49 23.60
CA LEU B 200 34.49 9.07 22.62
C LEU B 200 33.13 9.68 22.92
N GLN B 201 32.80 9.84 24.19
CA GLN B 201 31.52 10.46 24.49
C GLN B 201 31.56 11.93 24.13
N ALA B 202 32.66 12.59 24.45
CA ALA B 202 32.74 14.00 24.13
C ALA B 202 32.61 14.23 22.64
N ILE B 203 33.02 13.23 21.85
CA ILE B 203 32.92 13.39 20.41
C ILE B 203 31.50 13.21 19.97
N ALA B 204 30.74 12.40 20.68
CA ALA B 204 29.32 12.36 20.37
C ALA B 204 28.65 13.67 20.76
N TYR B 205 29.23 14.35 21.73
CA TYR B 205 28.98 15.76 21.99
C TYR B 205 29.85 16.49 20.98
N LEU B 206 30.00 17.79 21.08
CA LEU B 206 30.57 18.51 19.95
C LEU B 206 31.99 18.87 20.26
N GLY B 207 32.88 18.65 19.28
CA GLY B 207 32.58 18.13 17.94
C GLY B 207 33.39 16.91 17.49
N LYS B 208 34.07 16.97 16.35
CA LYS B 208 35.10 15.99 15.99
C LYS B 208 36.45 16.60 15.66
N PRO B 209 37.44 16.44 16.52
CA PRO B 209 38.61 17.31 16.55
C PRO B 209 39.67 16.91 15.54
N SER B 210 40.80 17.64 15.56
CA SER B 210 41.96 17.17 14.84
C SER B 210 43.32 17.29 15.54
N TYR B 211 43.41 17.62 16.83
CA TYR B 211 44.73 17.72 17.47
C TYR B 211 44.48 17.56 18.96
N ILE B 212 44.99 16.53 19.62
CA ILE B 212 44.53 16.33 20.98
C ILE B 212 45.70 16.45 21.88
N ASN B 213 45.73 17.50 22.64
CA ASN B 213 46.88 17.71 23.48
C ASN B 213 46.46 17.71 24.94
N THR B 214 46.70 16.62 25.68
CA THR B 214 46.41 16.84 27.09
C THR B 214 47.57 16.76 28.07
N ASP B 215 48.30 15.65 28.12
CA ASP B 215 49.49 15.47 28.95
C ASP B 215 50.12 14.14 28.56
N ASN B 216 51.20 13.77 29.25
CA ASN B 216 51.90 12.52 28.95
C ASN B 216 51.50 11.41 29.93
N GLY B 217 50.27 11.44 30.45
CA GLY B 217 49.78 10.43 31.36
C GLY B 217 49.76 9.02 30.81
N PRO B 218 49.83 8.01 31.68
CA PRO B 218 49.81 6.62 31.20
C PRO B 218 48.54 6.28 30.45
N ALA B 219 47.42 6.88 30.86
CA ALA B 219 46.17 6.69 30.16
C ALA B 219 46.24 7.25 28.75
N TYR B 220 47.24 8.08 28.48
CA TYR B 220 47.47 8.54 27.13
C TYR B 220 48.60 7.77 26.48
N ILE B 221 49.40 7.09 27.29
CA ILE B 221 50.57 6.39 26.77
C ILE B 221 50.11 5.13 26.07
N SER B 222 49.08 4.48 26.61
CA SER B 222 48.75 3.13 26.14
C SER B 222 48.40 3.08 24.67
N GLN B 223 48.86 2.01 24.03
CA GLN B 223 48.47 1.87 22.65
C GLN B 223 46.97 1.73 22.55
N ASP B 224 46.29 1.16 23.55
CA ASP B 224 44.84 1.08 23.44
C ASP B 224 44.28 2.45 23.07
N PHE B 225 44.86 3.48 23.65
CA PHE B 225 44.54 4.83 23.24
C PHE B 225 44.91 5.03 21.79
N LEU B 226 46.19 4.87 21.45
CA LEU B 226 46.52 5.26 20.08
C LEU B 226 45.83 4.37 19.04
N ASN B 227 45.64 3.09 19.34
CA ASN B 227 44.88 2.12 18.57
C ASN B 227 43.43 2.54 18.40
N MET B 228 43.01 3.55 19.13
CA MET B 228 41.75 4.17 18.77
C MET B 228 41.93 5.49 18.05
N CYS B 229 42.87 6.31 18.48
CA CYS B 229 43.00 7.63 17.85
C CYS B 229 43.31 7.46 16.37
N THR B 230 44.33 6.67 16.04
CA THR B 230 44.72 6.49 14.66
C THR B 230 43.56 6.02 13.79
N SER B 231 42.62 5.31 14.36
CA SER B 231 41.47 4.83 13.61
C SER B 231 40.44 5.89 13.38
N LEU B 232 40.78 7.15 13.64
CA LEU B 232 39.84 8.25 13.47
C LEU B 232 40.51 9.41 12.77
N ALA B 233 41.70 9.20 12.24
CA ALA B 233 42.44 10.23 11.52
C ALA B 233 42.53 11.48 12.38
N ILE B 234 43.16 11.31 13.53
CA ILE B 234 43.19 12.35 14.53
C ILE B 234 44.62 12.62 14.92
N ARG B 235 45.23 13.61 14.29
CA ARG B 235 46.56 14.05 14.67
C ARG B 235 46.64 14.10 16.17
N HIS B 236 47.62 13.45 16.74
CA HIS B 236 47.76 13.57 18.17
C HIS B 236 49.04 14.32 18.40
N THR B 237 48.83 15.52 18.86
CA THR B 237 49.79 16.51 19.28
C THR B 237 49.39 16.60 20.72
N THR B 238 50.37 16.26 21.59
CA THR B 238 50.35 16.31 23.04
C THR B 238 51.34 17.34 23.58
N HIS B 239 50.93 17.95 24.68
CA HIS B 239 51.60 19.00 25.45
C HIS B 239 52.98 18.61 25.96
N VAL B 240 53.72 19.65 26.29
CA VAL B 240 54.93 19.63 27.10
C VAL B 240 54.42 19.53 28.54
N PRO B 241 54.70 18.44 29.24
CA PRO B 241 54.21 18.31 30.62
C PRO B 241 54.71 19.44 31.53
N TYR B 242 53.85 19.82 32.47
CA TYR B 242 54.08 20.97 33.36
C TYR B 242 54.30 22.27 32.59
N ASN B 243 53.28 22.66 31.84
CA ASN B 243 53.27 23.91 31.08
C ASN B 243 52.08 24.74 31.59
N PRO B 244 52.19 25.29 32.80
CA PRO B 244 51.09 26.07 33.40
C PRO B 244 50.84 27.43 32.76
N THR B 245 51.61 27.82 31.75
CA THR B 245 51.27 29.04 31.01
C THR B 245 49.90 28.95 30.35
N SER B 246 49.34 27.74 30.21
CA SER B 246 47.97 27.50 29.78
C SER B 246 47.05 27.14 30.93
N SER B 247 47.60 27.07 32.15
CA SER B 247 46.77 26.68 33.27
C SER B 247 45.84 27.80 33.69
N GLY B 248 46.32 29.04 33.75
CA GLY B 248 45.44 30.05 34.31
C GLY B 248 44.10 30.13 33.60
N LEU B 249 44.02 29.46 32.46
CA LEU B 249 42.80 29.46 31.66
C LEU B 249 42.09 28.13 31.78
N VAL B 250 42.81 27.02 31.62
CA VAL B 250 42.03 25.80 31.72
C VAL B 250 41.55 25.67 33.17
N GLN B 251 42.43 26.00 34.12
CA GLN B 251 42.02 26.11 35.51
C GLN B 251 40.93 27.15 35.74
N ARG B 252 40.89 28.27 34.98
CA ARG B 252 39.73 29.13 35.14
C ARG B 252 38.44 28.35 34.89
N SER B 253 38.47 27.50 33.89
CA SER B 253 37.27 26.71 33.59
C SER B 253 37.00 25.73 34.72
N ASN B 254 38.03 24.99 35.12
CA ASN B 254 37.83 23.91 36.06
C ASN B 254 37.33 24.46 37.39
N GLY B 255 37.98 25.51 37.89
CA GLY B 255 37.50 26.17 39.07
C GLY B 255 36.07 26.63 38.95
N ILE B 256 35.64 26.99 37.74
CA ILE B 256 34.23 27.30 37.57
C ILE B 256 33.39 26.07 37.91
N LEU B 257 33.76 24.94 37.34
CA LEU B 257 33.03 23.71 37.62
C LEU B 257 32.96 23.42 39.11
N LYS B 258 34.12 23.53 39.76
CA LYS B 258 34.21 23.29 41.19
C LYS B 258 33.23 24.17 41.96
N THR B 259 33.39 25.48 41.79
CA THR B 259 32.59 26.37 42.60
C THR B 259 31.12 26.19 42.29
N LEU B 260 30.79 25.79 41.06
CA LEU B 260 29.38 25.67 40.76
C LEU B 260 28.81 24.46 41.48
N LEU B 261 29.56 23.38 41.50
CA LEU B 261 29.07 22.19 42.16
C LEU B 261 28.78 22.48 43.62
N TYR B 262 29.76 23.07 44.31
CA TYR B 262 29.50 23.38 45.71
C TYR B 262 28.39 24.40 45.89
N LYS B 263 28.19 25.28 44.90
CA LYS B 263 27.02 26.16 44.95
C LYS B 263 25.75 25.37 44.85
N TYR B 264 25.83 24.19 44.24
CA TYR B 264 24.59 23.45 44.11
C TYR B 264 24.32 22.72 45.41
N PHE B 265 25.22 21.86 45.82
CA PHE B 265 24.79 20.92 46.83
C PHE B 265 25.10 21.33 48.26
N THR B 266 25.89 22.39 48.49
CA THR B 266 25.90 22.96 49.83
C THR B 266 24.50 23.28 50.29
N ASP B 267 23.69 23.81 49.38
CA ASP B 267 22.24 23.80 49.50
C ASP B 267 21.68 22.47 49.02
N LYS B 268 20.78 21.89 49.80
CA LYS B 268 20.19 20.63 49.40
C LYS B 268 21.21 19.56 49.04
N PRO B 269 21.93 19.06 50.03
CA PRO B 269 22.94 18.03 49.81
C PRO B 269 22.33 16.66 49.52
N ASP B 270 21.02 16.64 49.33
CA ASP B 270 20.32 15.41 48.96
C ASP B 270 20.51 15.03 47.50
N LEU B 271 21.40 15.68 46.78
CA LEU B 271 21.39 15.36 45.36
C LEU B 271 22.39 14.24 45.05
N PRO B 272 22.03 13.40 44.10
CA PRO B 272 23.01 12.49 43.50
C PRO B 272 23.98 13.27 42.64
N MET B 273 25.11 12.65 42.36
CA MET B 273 26.23 13.33 41.73
C MET B 273 26.24 13.13 40.22
N ASP B 274 25.06 12.96 39.65
CA ASP B 274 24.91 13.03 38.21
C ASP B 274 24.13 14.26 37.79
N ASN B 275 22.95 14.47 38.37
CA ASN B 275 22.21 15.67 38.06
C ASN B 275 23.03 16.90 38.37
N ALA B 276 23.75 16.89 39.49
CA ALA B 276 24.58 18.04 39.80
C ALA B 276 25.51 18.39 38.67
N LEU B 277 25.93 17.40 37.90
CA LEU B 277 26.84 17.71 36.81
C LEU B 277 26.07 18.10 35.58
N SER B 278 24.97 17.40 35.32
CA SER B 278 24.17 17.72 34.14
C SER B 278 23.76 19.18 34.21
N ILE B 279 23.03 19.54 35.25
CA ILE B 279 22.62 20.92 35.43
C ILE B 279 23.81 21.86 35.38
N ALA B 280 24.93 21.50 36.02
CA ALA B 280 26.06 22.42 36.02
C ALA B 280 26.43 22.76 34.60
N LEU B 281 26.34 21.79 33.72
CA LEU B 281 26.72 22.09 32.35
C LEU B 281 25.65 22.96 31.73
N TRP B 282 24.42 22.45 31.70
CA TRP B 282 23.37 23.12 30.96
C TRP B 282 23.32 24.59 31.31
N THR B 283 23.72 24.94 32.52
CA THR B 283 23.84 26.37 32.78
C THR B 283 25.14 26.92 32.24
N ILE B 284 26.25 26.19 32.36
CA ILE B 284 27.52 26.80 31.98
C ILE B 284 27.68 26.94 30.48
N ASN B 285 26.80 26.32 29.71
CA ASN B 285 26.95 26.32 28.26
C ASN B 285 25.75 26.80 27.51
N HIS B 286 24.74 27.34 28.17
CA HIS B 286 23.69 28.02 27.44
C HIS B 286 23.35 29.38 27.98
N LEU B 287 23.68 29.67 29.23
CA LEU B 287 23.15 30.84 29.92
C LEU B 287 24.27 31.66 30.49
N ASN B 288 25.31 31.87 29.69
CA ASN B 288 26.41 32.70 30.14
C ASN B 288 27.02 33.41 28.94
N VAL B 289 27.62 34.56 29.21
CA VAL B 289 28.43 35.24 28.22
C VAL B 289 29.75 35.62 28.88
N LEU B 290 30.84 35.31 28.21
CA LEU B 290 32.14 35.43 28.83
C LEU B 290 32.57 36.89 28.93
N THR B 291 32.65 37.54 27.77
CA THR B 291 33.11 38.91 27.58
C THR B 291 32.04 39.67 26.82
N ASN B 292 32.36 40.89 26.40
CA ASN B 292 31.41 41.74 25.70
C ASN B 292 30.88 41.09 24.43
N CYS B 293 31.44 39.97 23.99
CA CYS B 293 31.05 39.33 22.74
C CYS B 293 29.55 39.16 22.63
N HIS B 294 28.84 39.11 23.76
CA HIS B 294 27.40 38.91 23.77
C HIS B 294 26.98 37.69 22.98
N LYS B 295 27.68 36.59 23.24
CA LYS B 295 27.45 35.32 22.60
C LYS B 295 27.61 34.25 23.65
N THR B 296 26.75 33.25 23.64
CA THR B 296 26.98 32.15 24.55
C THR B 296 28.12 31.32 24.02
N ARG B 297 28.70 30.50 24.89
CA ARG B 297 29.69 29.57 24.41
C ARG B 297 29.10 28.68 23.33
N TRP B 298 27.82 28.40 23.42
CA TRP B 298 27.28 27.44 22.49
C TRP B 298 26.99 28.11 21.17
N GLN B 299 26.11 29.12 21.19
CA GLN B 299 25.75 29.72 19.92
C GLN B 299 26.99 30.16 19.18
N LEU B 300 28.03 30.61 19.89
CA LEU B 300 29.28 30.88 19.23
C LEU B 300 29.84 29.63 18.60
N HIS B 301 29.95 28.55 19.37
CA HIS B 301 30.57 27.36 18.84
C HIS B 301 29.77 26.71 17.74
N HIS B 302 28.58 27.22 17.43
CA HIS B 302 27.83 26.61 16.35
C HIS B 302 27.19 27.61 15.41
N SER B 303 27.71 28.82 15.36
CA SER B 303 27.32 29.76 14.32
C SER B 303 27.62 29.16 12.96
N PRO B 304 26.61 28.90 12.16
CA PRO B 304 26.86 28.41 10.80
C PRO B 304 27.77 29.37 10.06
N ARG B 305 28.91 28.87 9.60
CA ARG B 305 29.95 29.73 9.08
C ARG B 305 29.48 30.48 7.84
N LEU B 306 29.95 31.71 7.72
CA LEU B 306 29.56 32.56 6.60
C LEU B 306 30.00 31.97 5.28
N GLN B 307 29.07 31.89 4.34
CA GLN B 307 29.37 31.26 3.06
C GLN B 307 30.39 32.10 2.31
N PRO B 308 31.48 31.51 1.82
CA PRO B 308 32.45 32.25 1.02
C PRO B 308 31.93 32.57 -0.36
N ILE B 309 32.18 33.79 -0.80
CA ILE B 309 31.55 34.31 -2.02
C ILE B 309 32.38 33.99 -3.25
N PRO B 310 31.76 33.48 -4.31
CA PRO B 310 32.49 33.30 -5.57
C PRO B 310 32.57 34.59 -6.36
N GLU B 311 33.64 34.71 -7.14
CA GLU B 311 33.81 35.82 -8.05
C GLU B 311 33.36 35.40 -9.45
N THR B 312 32.66 36.31 -10.13
CA THR B 312 32.08 36.11 -11.46
C THR B 312 30.96 35.08 -11.48
N ARG B 313 30.56 34.54 -10.33
CA ARG B 313 29.39 33.69 -10.22
C ARG B 313 28.43 34.30 -9.23
N SER B 314 28.26 35.63 -9.31
CA SER B 314 27.67 36.41 -8.23
C SER B 314 26.15 36.22 -8.22
N LEU B 315 25.74 35.00 -7.92
CA LEU B 315 24.33 34.64 -7.90
C LEU B 315 24.07 33.80 -6.65
N SER B 316 22.88 33.24 -6.56
CA SER B 316 22.56 32.38 -5.43
C SER B 316 21.57 31.29 -5.86
N ASN B 317 21.46 30.27 -5.02
CA ASN B 317 20.57 29.12 -5.23
C ASN B 317 19.87 28.79 -3.92
N LYS B 318 18.67 29.33 -3.71
CA LYS B 318 17.91 29.04 -2.51
C LYS B 318 16.52 28.61 -2.96
N GLN B 319 16.34 27.32 -3.21
CA GLN B 319 15.12 26.92 -3.88
C GLN B 319 15.02 25.41 -3.93
N THR B 320 13.78 24.93 -4.01
CA THR B 320 13.46 23.65 -4.62
C THR B 320 12.17 23.84 -5.41
N HIS B 321 12.16 23.30 -6.63
CA HIS B 321 11.16 23.68 -7.61
C HIS B 321 9.77 23.45 -7.06
N TRP B 322 8.80 24.09 -7.70
CA TRP B 322 7.42 23.99 -7.28
C TRP B 322 7.06 22.52 -7.23
N TYR B 323 6.04 22.18 -6.46
CA TYR B 323 5.54 20.83 -6.56
C TYR B 323 4.17 20.69 -5.93
N TYR B 324 3.40 19.79 -6.53
CA TYR B 324 2.00 19.67 -6.27
C TYR B 324 1.77 19.34 -4.81
N PHE B 325 0.52 19.47 -4.40
CA PHE B 325 0.20 19.27 -3.02
C PHE B 325 -1.27 18.92 -2.90
N LYS B 326 -1.55 18.15 -1.88
CA LYS B 326 -2.89 17.68 -1.59
C LYS B 326 -2.95 17.56 -0.09
N LEU B 327 -3.96 16.87 0.38
CA LEU B 327 -4.05 16.41 1.76
C LEU B 327 -3.80 17.49 2.82
N PRO B 328 -4.40 18.66 2.69
CA PRO B 328 -4.36 19.52 3.86
C PRO B 328 -5.16 18.85 4.96
N GLY B 329 -6.37 18.47 4.53
CA GLY B 329 -7.44 17.97 5.35
C GLY B 329 -7.82 16.52 5.19
N LEU B 330 -8.93 16.34 4.45
CA LEU B 330 -9.79 15.16 4.54
C LEU B 330 -10.26 14.65 3.17
N ASN B 331 -9.51 14.86 2.10
CA ASN B 331 -9.97 14.41 0.79
C ASN B 331 -8.84 13.87 -0.05
N SER B 332 -9.17 12.91 -0.92
CA SER B 332 -8.24 12.39 -1.90
C SER B 332 -8.74 12.80 -3.28
N ARG B 333 -7.89 13.47 -4.04
CA ARG B 333 -8.25 13.91 -5.37
C ARG B 333 -6.95 14.30 -6.06
N GLN B 334 -7.09 14.89 -7.25
CA GLN B 334 -5.94 15.47 -7.91
C GLN B 334 -5.30 16.51 -6.99
N TRP B 335 -4.04 16.79 -7.27
CA TRP B 335 -3.31 17.78 -6.52
C TRP B 335 -3.66 19.17 -7.03
N LYS B 336 -2.91 20.15 -6.57
CA LYS B 336 -3.16 21.53 -6.92
C LYS B 336 -1.82 22.21 -7.14
N GLY B 337 -1.85 23.52 -7.22
CA GLY B 337 -0.67 24.28 -7.46
C GLY B 337 -0.11 23.99 -8.83
N PRO B 338 1.20 23.83 -8.93
CA PRO B 338 2.15 23.78 -7.83
C PRO B 338 2.53 25.15 -7.36
N GLN B 339 3.25 25.23 -6.26
CA GLN B 339 3.84 26.49 -5.82
C GLN B 339 5.25 26.22 -5.36
N GLU B 340 6.06 27.26 -5.30
CA GLU B 340 7.29 27.12 -4.57
C GLU B 340 6.98 26.80 -3.13
N ALA B 341 8.01 26.35 -2.42
CA ALA B 341 7.91 26.07 -0.99
C ALA B 341 9.02 26.85 -0.31
N LEU B 342 8.65 27.70 0.63
CA LEU B 342 9.60 28.61 1.22
C LEU B 342 10.15 28.14 2.56
N GLN B 343 9.93 26.88 2.92
CA GLN B 343 10.46 26.33 4.16
C GLN B 343 10.63 24.84 3.98
N GLU B 344 11.28 24.21 4.95
CA GLU B 344 11.51 22.78 4.82
C GLU B 344 12.02 22.25 6.14
N ALA B 345 11.67 21.01 6.44
CA ALA B 345 12.18 20.34 7.61
C ALA B 345 11.72 18.91 7.58
N ALA B 346 12.47 18.03 8.23
CA ALA B 346 12.02 16.65 8.37
C ALA B 346 10.61 16.69 8.87
N GLY B 347 9.68 16.13 8.10
CA GLY B 347 8.32 16.50 8.43
C GLY B 347 7.63 17.15 7.27
N ALA B 348 7.31 18.41 7.40
CA ALA B 348 6.53 19.12 6.41
C ALA B 348 7.38 20.20 5.74
N ALA B 349 6.75 20.96 4.86
CA ALA B 349 7.52 21.94 4.11
C ALA B 349 6.91 23.33 3.93
N LEU B 350 5.76 23.64 4.53
CA LEU B 350 5.28 25.02 4.55
C LEU B 350 5.14 25.60 3.13
N ILE B 351 4.26 24.99 2.36
CA ILE B 351 3.91 25.58 1.07
C ILE B 351 2.84 26.63 1.28
N PRO B 352 2.96 27.80 0.72
CA PRO B 352 1.95 28.83 0.92
C PRO B 352 0.69 28.50 0.17
N VAL B 353 -0.35 28.13 0.89
CA VAL B 353 -1.56 27.70 0.23
C VAL B 353 -2.21 28.88 -0.47
N SER B 354 -3.03 28.57 -1.48
CA SER B 354 -3.68 29.59 -2.30
C SER B 354 -4.62 30.47 -1.50
N ALA B 355 -4.87 30.15 -0.24
CA ALA B 355 -5.71 30.94 0.63
C ALA B 355 -4.97 32.12 1.24
N SER B 356 -3.83 32.46 0.67
CA SER B 356 -2.96 33.51 1.19
C SER B 356 -2.57 33.19 2.63
N SER B 357 -2.31 31.93 2.88
CA SER B 357 -2.03 31.44 4.22
C SER B 357 -1.07 30.27 4.12
N ALA B 358 -0.67 29.75 5.28
CA ALA B 358 0.42 28.81 5.37
C ALA B 358 -0.05 27.52 6.04
N GLN B 359 0.72 26.45 5.83
CA GLN B 359 0.35 25.15 6.33
C GLN B 359 1.62 24.38 6.64
N TRP B 360 1.46 23.08 6.85
CA TRP B 360 2.60 22.17 6.95
C TRP B 360 2.14 20.79 6.51
N ILE B 361 2.75 20.25 5.47
CA ILE B 361 2.31 18.95 4.96
C ILE B 361 3.54 18.09 4.70
N PRO B 362 3.54 16.77 5.00
CA PRO B 362 4.55 15.85 4.44
C PRO B 362 4.43 15.49 2.96
N TRP B 363 5.37 16.04 2.18
CA TRP B 363 5.12 16.71 0.91
C TRP B 363 4.88 15.71 -0.23
N ARG B 364 4.72 16.18 -1.48
CA ARG B 364 4.61 15.19 -2.55
C ARG B 364 5.73 15.12 -3.59
N LEU B 365 6.08 16.22 -4.27
CA LEU B 365 7.03 16.13 -5.38
C LEU B 365 8.27 16.96 -5.11
N LEU B 366 9.33 16.69 -5.87
CA LEU B 366 10.57 17.48 -5.81
C LEU B 366 11.12 17.65 -7.22
N LYS B 367 10.77 18.75 -7.85
CA LYS B 367 11.25 19.06 -9.19
C LYS B 367 12.60 19.75 -9.09
N ARG B 368 13.09 20.27 -10.20
CA ARG B 368 14.45 20.77 -10.29
C ARG B 368 14.46 22.29 -10.23
N ALA B 369 15.22 22.83 -9.29
CA ALA B 369 15.51 24.25 -9.21
C ALA B 369 16.68 24.47 -8.27
N PRO C 95 41.15 3.27 2.80
CA PRO C 95 40.64 4.55 2.32
C PRO C 95 39.77 5.26 3.34
N SER C 96 40.17 6.49 3.69
CA SER C 96 39.41 7.36 4.59
C SER C 96 37.94 7.33 4.21
N PRO C 97 37.57 7.25 2.93
CA PRO C 97 36.18 6.89 2.62
C PRO C 97 35.83 5.49 3.10
N ALA C 98 36.64 4.52 2.74
CA ALA C 98 36.19 3.15 2.89
C ALA C 98 36.26 2.75 4.34
N GLU C 99 37.44 2.82 4.95
CA GLU C 99 37.42 2.35 6.31
C GLU C 99 36.56 3.25 7.19
N LEU C 100 36.24 4.47 6.75
CA LEU C 100 35.27 5.23 7.49
C LEU C 100 33.96 4.48 7.55
N HIS C 101 33.50 4.02 6.40
CA HIS C 101 32.31 3.18 6.50
C HIS C 101 32.62 1.96 7.33
N SER C 102 33.83 1.45 7.25
CA SER C 102 34.15 0.23 7.97
C SER C 102 34.35 0.48 9.45
N PHE C 103 34.02 1.68 9.87
CA PHE C 103 34.08 2.01 11.27
C PHE C 103 32.80 2.63 11.79
N THR C 104 31.92 3.12 10.94
CA THR C 104 30.71 3.71 11.47
C THR C 104 29.50 3.08 10.82
N HIS C 105 29.67 2.62 9.59
CA HIS C 105 28.55 2.23 8.75
C HIS C 105 27.60 3.39 8.53
N CYS C 106 28.14 4.46 7.96
CA CYS C 106 27.35 5.62 7.57
C CYS C 106 26.83 5.49 6.15
N GLY C 107 25.77 6.26 5.87
CA GLY C 107 25.15 6.24 4.55
C GLY C 107 26.02 6.76 3.42
N GLN C 108 25.70 6.27 2.22
CA GLN C 108 26.58 6.52 1.09
C GLN C 108 26.71 8.01 0.88
N THR C 109 25.63 8.75 1.15
CA THR C 109 25.66 10.18 0.90
C THR C 109 26.73 10.83 1.75
N ALA C 110 26.88 10.33 2.97
CA ALA C 110 27.94 10.83 3.84
C ALA C 110 29.28 10.51 3.22
N LEU C 111 29.42 9.32 2.66
CA LEU C 111 30.69 9.03 1.98
C LEU C 111 30.96 10.00 0.84
N THR C 112 29.95 10.24 0.01
CA THR C 112 30.05 11.22 -1.06
C THR C 112 30.60 12.53 -0.53
N LEU C 113 29.93 13.07 0.49
CA LEU C 113 30.37 14.33 1.08
C LEU C 113 31.75 14.21 1.69
N GLN C 114 32.15 13.01 2.09
CA GLN C 114 33.54 12.80 2.45
C GLN C 114 34.44 12.94 1.23
N GLY C 115 33.90 12.72 0.04
CA GLY C 115 34.71 12.94 -1.14
C GLY C 115 35.06 11.76 -2.03
N ALA C 116 34.20 10.75 -2.10
CA ALA C 116 34.37 9.67 -3.04
C ALA C 116 33.13 9.58 -3.91
N THR C 117 33.33 9.27 -5.18
CA THR C 117 32.26 9.29 -6.17
C THR C 117 31.18 8.24 -5.86
N THR C 118 29.98 8.54 -6.37
CA THR C 118 28.79 7.77 -6.02
C THR C 118 28.96 6.30 -6.34
N THR C 119 29.49 5.98 -7.51
CA THR C 119 29.51 4.59 -7.92
C THR C 119 30.36 3.76 -6.97
N GLU C 120 31.53 4.28 -6.60
CA GLU C 120 32.34 3.58 -5.62
C GLU C 120 31.62 3.50 -4.30
N ALA C 121 30.83 4.52 -3.97
CA ALA C 121 30.06 4.41 -2.75
C ALA C 121 29.11 3.23 -2.83
N SER C 122 28.34 3.18 -3.91
CA SER C 122 27.38 2.10 -4.07
C SER C 122 28.06 0.74 -4.03
N ASN C 123 29.29 0.65 -4.51
CA ASN C 123 30.01 -0.61 -4.38
C ASN C 123 30.29 -0.92 -2.93
N ILE C 124 30.73 0.09 -2.18
CA ILE C 124 31.04 -0.13 -0.77
C ILE C 124 29.81 -0.64 -0.04
N LEU C 125 28.70 -0.01 -0.28
CA LEU C 125 27.49 -0.36 0.45
C LEU C 125 26.88 -1.63 0.00
N ARG C 126 27.52 -2.41 -0.86
CA ARG C 126 27.09 -3.77 -1.14
C ARG C 126 28.19 -4.77 -0.86
N SER C 127 29.15 -4.43 -0.02
CA SER C 127 30.10 -5.42 0.44
C SER C 127 30.37 -5.31 1.94
N CYS C 128 29.66 -4.42 2.62
CA CYS C 128 29.71 -4.37 4.08
C CYS C 128 28.74 -5.41 4.61
N HIS C 129 29.23 -6.65 4.64
CA HIS C 129 28.39 -7.81 4.84
C HIS C 129 27.47 -7.67 6.05
N ALA C 130 27.97 -7.14 7.17
CA ALA C 130 27.05 -6.92 8.28
C ALA C 130 26.00 -5.88 7.94
N CYS C 131 26.43 -4.79 7.30
CA CYS C 131 25.56 -3.68 6.95
C CYS C 131 24.56 -4.16 5.93
N ARG C 132 24.71 -5.41 5.53
CA ARG C 132 23.79 -6.07 4.63
C ARG C 132 22.94 -7.07 5.35
N LYS C 133 23.49 -7.67 6.38
CA LYS C 133 22.76 -8.72 7.05
C LYS C 133 21.77 -8.18 8.03
N ASN C 134 21.73 -6.87 8.27
CA ASN C 134 20.81 -6.43 9.31
C ASN C 134 19.59 -5.67 8.81
N ASN C 135 19.71 -4.74 7.89
CA ASN C 135 18.54 -4.02 7.44
C ASN C 135 17.57 -4.95 6.77
N PRO C 136 16.42 -5.25 7.30
CA PRO C 136 15.53 -6.12 6.54
C PRO C 136 14.86 -5.31 5.44
N GLN C 137 15.27 -5.56 4.20
CA GLN C 137 14.67 -4.92 3.02
C GLN C 137 14.80 -5.88 1.86
N HIS C 138 13.70 -6.07 1.17
CA HIS C 138 13.28 -7.39 0.77
C HIS C 138 12.87 -7.43 -0.69
N GLN C 139 13.65 -6.85 -1.56
CA GLN C 139 13.11 -6.44 -2.86
C GLN C 139 12.85 -7.57 -3.82
N MET C 140 12.93 -8.84 -3.47
CA MET C 140 12.60 -9.90 -4.41
C MET C 140 11.17 -9.74 -4.92
N PRO C 141 10.88 -10.28 -6.11
CA PRO C 141 9.58 -10.06 -6.73
C PRO C 141 8.53 -11.01 -6.20
N ARG C 142 7.35 -10.48 -5.94
CA ARG C 142 6.32 -11.27 -5.30
C ARG C 142 5.82 -12.37 -6.21
N GLY C 143 5.54 -13.50 -5.60
CA GLY C 143 4.91 -14.62 -6.27
C GLY C 143 3.43 -14.70 -5.94
N HIS C 144 2.60 -14.31 -6.89
CA HIS C 144 1.17 -14.09 -6.69
C HIS C 144 0.38 -15.23 -7.26
N ILE C 145 0.95 -16.39 -7.09
CA ILE C 145 0.95 -17.48 -8.04
C ILE C 145 0.20 -18.65 -7.43
N ARG C 146 -0.78 -18.34 -6.58
CA ARG C 146 -1.48 -19.37 -5.83
C ARG C 146 -1.72 -20.60 -6.68
N ARG C 147 -2.22 -20.44 -7.90
CA ARG C 147 -2.09 -21.55 -8.84
C ARG C 147 -2.56 -21.10 -10.21
N GLY C 148 -2.03 -21.77 -11.23
CA GLY C 148 -2.58 -21.66 -12.56
C GLY C 148 -3.85 -22.48 -12.70
N LEU C 149 -4.76 -22.00 -13.54
CA LEU C 149 -6.06 -22.64 -13.62
C LEU C 149 -6.50 -22.88 -15.04
N LEU C 150 -5.61 -23.40 -15.88
CA LEU C 150 -5.95 -23.61 -17.28
C LEU C 150 -7.29 -24.33 -17.31
N PRO C 151 -7.41 -25.50 -16.71
CA PRO C 151 -8.71 -26.16 -16.66
C PRO C 151 -9.48 -25.56 -15.49
N ASN C 152 -10.66 -26.13 -15.25
CA ASN C 152 -11.25 -26.09 -13.92
C ASN C 152 -10.58 -27.17 -13.07
N HIS C 153 -11.11 -27.38 -11.87
CA HIS C 153 -10.71 -28.56 -11.11
C HIS C 153 -9.21 -28.61 -10.85
N ILE C 154 -8.75 -27.60 -10.12
CA ILE C 154 -7.65 -27.74 -9.16
C ILE C 154 -8.07 -27.10 -7.84
N TRP C 155 -8.55 -27.90 -6.91
CA TRP C 155 -9.31 -27.47 -5.72
C TRP C 155 -8.42 -26.97 -4.59
N GLN C 156 -9.00 -26.74 -3.41
CA GLN C 156 -8.22 -26.35 -2.25
C GLN C 156 -9.07 -26.48 -0.97
N GLY C 157 -8.44 -27.02 0.07
CA GLY C 157 -9.10 -27.47 1.31
C GLY C 157 -8.76 -26.72 2.59
N ASP C 158 -9.77 -26.35 3.38
CA ASP C 158 -9.40 -25.87 4.72
C ASP C 158 -10.54 -25.85 5.74
N ILE C 159 -10.17 -26.10 7.00
CA ILE C 159 -11.05 -26.43 8.10
C ILE C 159 -11.00 -25.32 9.15
N THR C 160 -12.14 -24.99 9.76
CA THR C 160 -12.27 -23.74 10.52
C THR C 160 -13.24 -23.86 11.69
N HIS C 161 -13.01 -23.02 12.73
CA HIS C 161 -13.76 -23.04 13.98
C HIS C 161 -14.69 -21.84 14.09
N PHE C 162 -15.99 -22.10 14.24
CA PHE C 162 -17.00 -21.05 14.29
C PHE C 162 -17.85 -21.15 15.57
N LYS C 163 -18.27 -19.96 16.04
CA LYS C 163 -19.37 -19.79 17.00
C LYS C 163 -19.14 -20.52 18.31
N TYR C 164 -18.11 -20.10 19.02
CA TYR C 164 -17.76 -20.80 20.25
C TYR C 164 -18.38 -20.13 21.47
N LYS C 165 -19.54 -19.50 21.28
CA LYS C 165 -20.38 -19.13 22.42
C LYS C 165 -20.55 -20.33 23.35
N ASN C 166 -21.10 -21.41 22.81
CA ASN C 166 -21.19 -22.66 23.53
C ASN C 166 -20.73 -23.87 22.72
N THR C 167 -20.71 -23.78 21.39
CA THR C 167 -20.53 -24.94 20.50
C THR C 167 -19.54 -24.59 19.40
N LEU C 168 -18.32 -25.10 19.48
CA LEU C 168 -17.22 -24.60 18.67
C LEU C 168 -17.50 -24.63 17.16
N TYR C 169 -18.43 -25.45 16.70
CA TYR C 169 -18.89 -25.36 15.31
C TYR C 169 -17.85 -25.53 14.20
N ARG C 170 -17.23 -26.70 14.12
CA ARG C 170 -16.25 -26.88 13.07
C ARG C 170 -16.84 -27.20 11.70
N LEU C 171 -16.38 -26.40 10.72
CA LEU C 171 -16.72 -26.39 9.30
C LEU C 171 -15.52 -26.80 8.45
N HIS C 172 -15.77 -27.47 7.34
CA HIS C 172 -14.78 -27.72 6.32
C HIS C 172 -15.23 -27.04 5.05
N VAL C 173 -14.30 -26.46 4.29
CA VAL C 173 -14.65 -25.81 3.05
C VAL C 173 -13.71 -26.29 1.98
N TRP C 174 -14.25 -26.53 0.80
CA TRP C 174 -13.47 -26.71 -0.40
C TRP C 174 -13.95 -25.74 -1.44
N VAL C 175 -13.00 -25.13 -2.12
CA VAL C 175 -13.30 -24.09 -3.08
C VAL C 175 -12.61 -24.53 -4.34
N ASP C 176 -13.09 -24.04 -5.45
CA ASP C 176 -12.50 -24.31 -6.74
C ASP C 176 -11.85 -23.02 -7.18
N THR C 177 -10.74 -23.13 -7.89
CA THR C 177 -10.02 -21.91 -8.17
C THR C 177 -10.00 -21.57 -9.63
N PHE C 178 -10.78 -22.24 -10.46
CA PHE C 178 -11.14 -21.60 -11.71
C PHE C 178 -12.27 -20.62 -11.50
N SER C 179 -13.30 -21.02 -10.76
CA SER C 179 -14.54 -20.26 -10.72
C SER C 179 -15.01 -19.92 -9.31
N GLY C 180 -14.14 -19.89 -8.32
CA GLY C 180 -14.55 -19.49 -6.98
C GLY C 180 -15.87 -19.99 -6.42
N ALA C 181 -16.22 -21.26 -6.67
CA ALA C 181 -17.41 -21.88 -6.09
C ALA C 181 -17.07 -22.61 -4.80
N ILE C 182 -17.94 -22.49 -3.80
CA ILE C 182 -17.66 -22.92 -2.43
C ILE C 182 -18.61 -24.02 -2.00
N SER C 183 -18.07 -25.11 -1.44
CA SER C 183 -18.86 -26.11 -0.73
C SER C 183 -18.38 -26.25 0.71
N ALA C 184 -19.32 -26.34 1.66
CA ALA C 184 -18.97 -26.19 3.08
C ALA C 184 -19.81 -27.08 3.98
N THR C 185 -19.17 -27.96 4.76
CA THR C 185 -19.91 -28.85 5.66
C THR C 185 -19.19 -28.98 7.00
N GLN C 186 -19.91 -28.68 8.08
CA GLN C 186 -19.50 -28.68 9.48
C GLN C 186 -20.39 -29.63 10.25
N LYS C 187 -19.98 -30.56 11.14
CA LYS C 187 -20.56 -30.13 12.40
C LYS C 187 -19.71 -29.80 13.62
N ARG C 188 -18.94 -30.79 14.15
CA ARG C 188 -17.98 -30.61 15.23
C ARG C 188 -16.58 -31.12 15.05
N LYS C 189 -16.52 -32.30 14.44
CA LYS C 189 -15.39 -33.20 14.63
C LYS C 189 -14.15 -32.86 13.85
N GLU C 190 -13.18 -33.76 13.98
CA GLU C 190 -11.93 -33.63 13.28
C GLU C 190 -11.39 -34.91 12.69
N THR C 191 -12.11 -36.03 12.78
CA THR C 191 -11.54 -37.28 12.33
C THR C 191 -11.17 -37.19 10.86
N SER C 192 -10.18 -37.98 10.50
CA SER C 192 -10.01 -38.29 9.10
C SER C 192 -11.32 -38.75 8.51
N SER C 193 -12.02 -39.64 9.20
CA SER C 193 -13.28 -40.13 8.66
C SER C 193 -14.28 -39.02 8.44
N GLU C 194 -14.12 -37.91 9.16
CA GLU C 194 -15.02 -36.78 8.96
C GLU C 194 -14.62 -36.03 7.71
N ALA C 195 -13.33 -35.73 7.60
CA ALA C 195 -12.88 -35.03 6.41
C ALA C 195 -13.28 -35.80 5.17
N ILE C 196 -12.94 -37.08 5.12
CA ILE C 196 -13.38 -37.94 4.03
C ILE C 196 -14.87 -37.82 3.77
N SER C 197 -15.70 -37.88 4.81
CA SER C 197 -17.10 -37.77 4.50
C SER C 197 -17.46 -36.40 3.98
N SER C 198 -16.58 -35.45 4.17
CA SER C 198 -16.96 -34.14 3.68
C SER C 198 -16.61 -34.04 2.22
N LEU C 199 -15.37 -34.35 1.90
CA LEU C 199 -14.99 -34.37 0.50
C LEU C 199 -16.01 -35.17 -0.30
N LEU C 200 -16.26 -36.41 0.12
CA LEU C 200 -17.26 -37.22 -0.55
C LEU C 200 -18.58 -36.54 -0.66
N GLN C 201 -18.85 -35.56 0.19
CA GLN C 201 -20.14 -34.94 -0.02
C GLN C 201 -20.01 -33.80 -1.01
N ALA C 202 -18.91 -33.07 -0.95
CA ALA C 202 -18.72 -31.98 -1.88
C ALA C 202 -18.70 -32.46 -3.32
N ILE C 203 -18.35 -33.73 -3.56
CA ILE C 203 -18.38 -34.17 -4.93
C ILE C 203 -19.79 -34.27 -5.46
N ALA C 204 -20.78 -34.44 -4.60
CA ALA C 204 -22.17 -34.46 -5.06
C ALA C 204 -22.62 -33.08 -5.50
N TYR C 205 -22.11 -32.06 -4.85
CA TYR C 205 -22.14 -30.71 -5.35
C TYR C 205 -21.01 -30.67 -6.34
N LEU C 206 -20.64 -29.52 -6.86
CA LEU C 206 -19.77 -29.58 -8.01
C LEU C 206 -18.36 -29.18 -7.66
N GLY C 207 -17.39 -29.82 -8.31
CA GLY C 207 -17.63 -30.86 -9.30
C GLY C 207 -17.19 -32.30 -9.04
N LYS C 208 -16.14 -32.74 -9.76
CA LYS C 208 -15.35 -33.91 -9.40
C LYS C 208 -13.92 -33.63 -9.80
N PRO C 209 -13.06 -33.32 -8.87
CA PRO C 209 -11.85 -32.61 -9.21
C PRO C 209 -10.83 -33.50 -9.87
N SER C 210 -9.66 -32.94 -10.16
CA SER C 210 -8.55 -33.73 -10.62
C SER C 210 -7.25 -33.42 -9.91
N TYR C 211 -7.19 -32.38 -9.11
CA TYR C 211 -6.07 -32.17 -8.23
C TYR C 211 -6.62 -31.74 -6.89
N ILE C 212 -5.72 -31.48 -5.95
CA ILE C 212 -6.10 -31.12 -4.60
C ILE C 212 -4.86 -30.53 -3.96
N ASN C 213 -5.05 -29.65 -2.98
CA ASN C 213 -3.91 -29.37 -2.14
C ASN C 213 -4.35 -28.63 -0.92
N THR C 214 -3.79 -29.00 0.23
CA THR C 214 -4.20 -28.47 1.51
C THR C 214 -2.97 -28.19 2.35
N ASP C 215 -3.20 -27.85 3.61
CA ASP C 215 -2.16 -27.67 4.60
C ASP C 215 -1.63 -29.01 5.09
N ASN C 216 -0.63 -28.94 5.96
CA ASN C 216 0.10 -30.08 6.50
C ASN C 216 -0.60 -30.84 7.57
N GLY C 217 -1.86 -30.61 7.82
CA GLY C 217 -2.67 -31.74 7.50
C GLY C 217 -3.56 -32.54 8.40
N PRO C 218 -3.36 -32.61 9.73
CA PRO C 218 -3.24 -33.95 10.32
C PRO C 218 -4.41 -34.80 9.89
N ALA C 219 -5.61 -34.23 9.97
CA ALA C 219 -6.77 -34.97 9.51
C ALA C 219 -6.63 -35.28 8.03
N TYR C 220 -5.74 -34.60 7.32
CA TYR C 220 -5.48 -34.80 5.91
C TYR C 220 -4.26 -35.65 5.69
N ILE C 221 -3.43 -35.80 6.72
CA ILE C 221 -2.22 -36.61 6.58
C ILE C 221 -2.51 -38.05 6.91
N SER C 222 -3.72 -38.34 7.36
CA SER C 222 -3.99 -39.73 7.69
C SER C 222 -3.74 -40.68 6.52
N GLN C 223 -3.29 -41.87 6.89
CA GLN C 223 -3.06 -42.90 5.90
C GLN C 223 -4.35 -43.24 5.17
N ASP C 224 -5.45 -43.33 5.91
CA ASP C 224 -6.67 -43.79 5.24
C ASP C 224 -7.21 -42.69 4.37
N PHE C 225 -6.93 -41.44 4.73
CA PHE C 225 -7.30 -40.34 3.85
C PHE C 225 -6.66 -40.54 2.50
N LEU C 226 -5.33 -40.56 2.47
CA LEU C 226 -4.73 -40.76 1.15
C LEU C 226 -5.13 -42.08 0.50
N ASN C 227 -5.48 -43.11 1.27
CA ASN C 227 -6.02 -44.31 0.64
C ASN C 227 -7.35 -44.05 -0.03
N MET C 228 -8.13 -43.13 0.51
CA MET C 228 -9.35 -42.74 -0.17
C MET C 228 -9.02 -41.95 -1.42
N CYS C 229 -8.01 -41.08 -1.33
CA CYS C 229 -7.63 -40.32 -2.49
C CYS C 229 -7.28 -41.26 -3.63
N THR C 230 -6.27 -42.10 -3.40
CA THR C 230 -5.83 -43.02 -4.43
C THR C 230 -6.96 -43.90 -4.92
N SER C 231 -7.95 -44.17 -4.06
CA SER C 231 -9.07 -44.92 -4.58
C SER C 231 -9.89 -44.13 -5.58
N LEU C 232 -9.59 -42.86 -5.77
CA LEU C 232 -10.32 -42.01 -6.70
C LEU C 232 -9.46 -41.41 -7.80
N ALA C 233 -8.22 -41.85 -7.95
CA ALA C 233 -7.37 -41.36 -9.04
C ALA C 233 -7.26 -39.85 -8.98
N ILE C 234 -6.72 -39.36 -7.89
CA ILE C 234 -6.53 -37.95 -7.64
C ILE C 234 -5.12 -37.74 -7.09
N ARG C 235 -4.46 -36.69 -7.54
CA ARG C 235 -3.20 -36.34 -6.92
C ARG C 235 -3.46 -35.72 -5.56
N HIS C 236 -2.39 -35.30 -4.92
CA HIS C 236 -2.49 -34.62 -3.65
C HIS C 236 -1.18 -33.94 -3.35
N THR C 237 -1.25 -32.76 -2.76
CA THR C 237 -0.04 -31.99 -2.51
C THR C 237 -0.19 -31.24 -1.21
N THR C 238 0.93 -30.83 -0.64
CA THR C 238 0.92 -30.10 0.61
C THR C 238 1.73 -28.83 0.46
N HIS C 239 1.27 -27.77 1.09
CA HIS C 239 1.99 -26.52 1.04
C HIS C 239 3.24 -26.59 1.89
N VAL C 240 4.06 -25.57 1.78
CA VAL C 240 5.21 -25.52 2.68
C VAL C 240 4.70 -25.42 4.10
N PRO C 241 5.33 -26.06 5.07
CA PRO C 241 4.88 -25.86 6.45
C PRO C 241 5.07 -24.45 6.94
N TYR C 242 4.18 -24.05 7.83
CA TYR C 242 4.27 -22.76 8.52
C TYR C 242 4.23 -21.61 7.54
N ASN C 243 3.22 -21.57 6.67
CA ASN C 243 3.08 -20.43 5.77
C ASN C 243 1.64 -20.23 5.37
N PRO C 244 0.94 -19.35 6.09
CA PRO C 244 -0.50 -19.28 5.94
C PRO C 244 -0.91 -18.68 4.64
N THR C 245 -0.19 -17.67 4.16
CA THR C 245 -0.61 -17.03 2.93
C THR C 245 -0.66 -18.01 1.79
N SER C 246 0.05 -19.12 1.91
CA SER C 246 0.10 -20.09 0.83
C SER C 246 -1.28 -20.41 0.31
N SER C 247 -2.27 -20.48 1.19
CA SER C 247 -3.65 -20.79 0.84
C SER C 247 -4.51 -19.54 0.76
N GLY C 248 -3.92 -18.43 0.34
CA GLY C 248 -4.58 -17.15 0.33
C GLY C 248 -6.01 -17.22 -0.12
N LEU C 249 -6.29 -17.99 -1.16
CA LEU C 249 -7.62 -17.98 -1.69
C LEU C 249 -8.60 -18.47 -0.66
N VAL C 250 -8.38 -19.68 -0.16
CA VAL C 250 -9.37 -20.20 0.78
C VAL C 250 -9.48 -19.27 1.96
N GLN C 251 -8.35 -18.93 2.57
CA GLN C 251 -8.38 -18.06 3.74
C GLN C 251 -9.31 -16.87 3.54
N ARG C 252 -9.31 -16.34 2.33
CA ARG C 252 -10.22 -15.23 2.09
C ARG C 252 -11.65 -15.73 1.98
N SER C 253 -11.86 -16.87 1.34
CA SER C 253 -13.25 -17.26 1.19
C SER C 253 -13.85 -17.65 2.53
N ASN C 254 -12.98 -17.95 3.48
CA ASN C 254 -13.46 -18.20 4.83
C ASN C 254 -13.98 -16.90 5.39
N GLY C 255 -13.15 -15.88 5.40
CA GLY C 255 -13.61 -14.60 5.92
C GLY C 255 -14.94 -14.19 5.31
N ILE C 256 -15.09 -14.36 3.99
CA ILE C 256 -16.37 -14.05 3.36
C ILE C 256 -17.52 -14.84 3.97
N LEU C 257 -17.23 -16.06 4.38
CA LEU C 257 -18.36 -16.88 4.80
C LEU C 257 -18.74 -16.55 6.23
N LYS C 258 -17.73 -16.41 7.07
CA LYS C 258 -18.02 -16.02 8.44
C LYS C 258 -18.81 -14.72 8.44
N THR C 259 -18.25 -13.64 7.90
CA THR C 259 -19.05 -12.46 8.14
C THR C 259 -20.33 -12.43 7.36
N LEU C 260 -20.63 -13.46 6.59
CA LEU C 260 -22.04 -13.44 6.20
C LEU C 260 -22.88 -14.12 7.26
N LEU C 261 -22.33 -15.15 7.87
CA LEU C 261 -23.10 -15.79 8.92
C LEU C 261 -23.39 -14.76 9.98
N TYR C 262 -22.34 -14.16 10.51
CA TYR C 262 -22.52 -13.13 11.53
C TYR C 262 -23.64 -12.17 11.16
N LYS C 263 -23.74 -11.74 9.91
CA LYS C 263 -24.86 -10.85 9.61
C LYS C 263 -26.17 -11.50 10.01
N TYR C 264 -26.39 -12.71 9.51
CA TYR C 264 -27.68 -13.31 9.81
C TYR C 264 -27.87 -13.44 11.30
N PHE C 265 -26.81 -13.68 12.04
CA PHE C 265 -27.06 -14.00 13.43
C PHE C 265 -27.18 -12.76 14.27
N THR C 266 -26.76 -11.60 13.77
CA THR C 266 -27.17 -10.37 14.43
C THR C 266 -28.66 -10.32 14.37
N ASP C 267 -29.20 -10.28 13.16
CA ASP C 267 -30.65 -10.40 13.13
C ASP C 267 -31.08 -11.80 13.56
N LYS C 268 -32.40 -12.02 13.64
CA LYS C 268 -33.01 -13.33 13.80
C LYS C 268 -32.27 -14.28 14.71
N PRO C 269 -31.97 -13.93 15.96
CA PRO C 269 -30.90 -14.61 16.69
C PRO C 269 -31.27 -15.98 17.24
N ASP C 270 -32.39 -16.55 16.81
CA ASP C 270 -32.83 -17.86 17.25
C ASP C 270 -32.58 -18.97 16.24
N LEU C 271 -32.62 -18.67 14.95
CA LEU C 271 -32.77 -19.70 13.92
C LEU C 271 -31.59 -20.67 13.91
N PRO C 272 -31.83 -21.95 13.66
CA PRO C 272 -30.78 -22.96 13.80
C PRO C 272 -29.73 -22.86 12.71
N MET C 273 -28.51 -23.25 13.09
CA MET C 273 -27.40 -23.05 12.18
C MET C 273 -27.51 -23.89 10.92
N ASP C 274 -28.16 -25.04 11.00
CA ASP C 274 -28.22 -25.93 9.84
C ASP C 274 -28.72 -25.17 8.62
N ASN C 275 -29.79 -24.43 8.82
CA ASN C 275 -30.28 -23.72 7.67
C ASN C 275 -29.68 -22.35 7.56
N ALA C 276 -29.40 -21.64 8.65
CA ALA C 276 -28.76 -20.38 8.32
C ALA C 276 -27.46 -20.56 7.55
N LEU C 277 -26.94 -21.78 7.50
CA LEU C 277 -25.81 -22.04 6.62
C LEU C 277 -26.26 -22.37 5.22
N SER C 278 -27.25 -23.26 5.10
CA SER C 278 -27.68 -23.57 3.75
C SER C 278 -28.03 -22.28 3.00
N ILE C 279 -28.69 -21.35 3.68
CA ILE C 279 -28.98 -20.05 3.05
C ILE C 279 -27.71 -19.30 2.71
N ALA C 280 -26.81 -19.09 3.67
CA ALA C 280 -25.66 -18.29 3.29
C ALA C 280 -24.90 -18.91 2.14
N LEU C 281 -25.19 -20.15 1.84
CA LEU C 281 -24.47 -20.67 0.71
C LEU C 281 -25.21 -20.31 -0.55
N TRP C 282 -26.50 -20.63 -0.61
CA TRP C 282 -27.23 -20.26 -1.81
C TRP C 282 -26.98 -18.83 -2.20
N THR C 283 -26.78 -17.94 -1.23
CA THR C 283 -26.35 -16.62 -1.62
C THR C 283 -25.00 -16.66 -2.31
N ILE C 284 -23.96 -17.13 -1.61
CA ILE C 284 -22.61 -16.92 -2.12
C ILE C 284 -22.48 -17.48 -3.52
N ASN C 285 -23.36 -18.41 -3.85
CA ASN C 285 -23.21 -19.01 -5.15
C ASN C 285 -24.10 -18.41 -6.21
N HIS C 286 -25.26 -17.90 -5.89
CA HIS C 286 -26.15 -17.55 -6.97
C HIS C 286 -26.48 -16.08 -7.07
N LEU C 287 -26.10 -15.26 -6.09
CA LEU C 287 -26.60 -13.90 -6.11
C LEU C 287 -25.50 -12.88 -5.92
N ASN C 288 -24.35 -13.07 -6.54
CA ASN C 288 -23.30 -12.09 -6.41
C ASN C 288 -22.51 -12.03 -7.70
N VAL C 289 -21.72 -10.97 -7.85
CA VAL C 289 -20.85 -10.83 -9.00
C VAL C 289 -19.51 -10.32 -8.48
N LEU C 290 -18.48 -10.42 -9.31
CA LEU C 290 -17.16 -10.29 -8.72
C LEU C 290 -16.37 -9.07 -9.15
N THR C 291 -16.21 -8.90 -10.45
CA THR C 291 -15.59 -7.78 -11.14
C THR C 291 -16.28 -7.66 -12.49
N ASN C 292 -15.68 -6.89 -13.39
CA ASN C 292 -16.25 -6.76 -14.72
C ASN C 292 -16.39 -8.12 -15.39
N CYS C 293 -15.74 -9.15 -14.85
CA CYS C 293 -16.13 -10.51 -15.18
C CYS C 293 -17.64 -10.62 -15.12
N HIS C 294 -18.25 -10.06 -14.08
CA HIS C 294 -19.68 -9.78 -14.11
C HIS C 294 -20.50 -11.02 -14.42
N LYS C 295 -20.12 -12.12 -13.80
CA LYS C 295 -20.93 -13.31 -13.83
C LYS C 295 -21.12 -13.78 -12.40
N THR C 296 -22.09 -14.63 -12.21
CA THR C 296 -22.29 -15.29 -10.95
C THR C 296 -21.39 -16.51 -10.94
N ARG C 297 -20.60 -16.65 -9.86
CA ARG C 297 -19.58 -17.69 -9.81
C ARG C 297 -20.12 -18.96 -10.41
N TRP C 298 -21.33 -19.32 -10.03
CA TRP C 298 -21.87 -20.58 -10.48
C TRP C 298 -21.98 -20.62 -12.00
N GLN C 299 -22.66 -19.66 -12.59
CA GLN C 299 -22.85 -19.76 -14.03
C GLN C 299 -21.51 -19.66 -14.77
N LEU C 300 -20.55 -18.95 -14.19
CA LEU C 300 -19.23 -18.96 -14.79
C LEU C 300 -18.62 -20.34 -14.66
N HIS C 301 -18.98 -21.05 -13.62
CA HIS C 301 -18.39 -22.35 -13.41
C HIS C 301 -19.02 -23.35 -14.33
N HIS C 302 -20.13 -22.98 -14.93
CA HIS C 302 -20.85 -23.94 -15.74
C HIS C 302 -20.56 -23.80 -17.21
N SER C 303 -20.76 -22.62 -17.78
CA SER C 303 -20.80 -22.59 -19.25
C SER C 303 -19.45 -22.87 -19.90
N PRO C 304 -18.39 -22.12 -19.61
CA PRO C 304 -17.22 -22.10 -20.50
C PRO C 304 -16.40 -23.38 -20.67
N ARG C 305 -16.71 -24.47 -19.95
CA ARG C 305 -15.96 -25.71 -20.16
C ARG C 305 -16.07 -26.23 -21.57
N LEU C 306 -16.93 -25.64 -22.39
CA LEU C 306 -17.02 -25.92 -23.80
C LEU C 306 -15.74 -25.51 -24.52
N GLN C 307 -14.80 -24.93 -23.80
CA GLN C 307 -13.59 -24.38 -24.36
C GLN C 307 -12.41 -25.33 -24.23
N PRO C 308 -11.43 -25.20 -25.10
CA PRO C 308 -10.24 -26.05 -25.09
C PRO C 308 -9.21 -25.54 -24.09
N ILE C 309 -8.07 -26.22 -24.07
CA ILE C 309 -7.07 -25.98 -23.04
C ILE C 309 -5.73 -25.64 -23.68
N PRO C 310 -5.24 -24.41 -23.51
CA PRO C 310 -3.87 -24.08 -23.91
C PRO C 310 -2.86 -24.87 -23.08
N GLU C 311 -1.60 -24.84 -23.50
CA GLU C 311 -0.60 -25.61 -22.78
C GLU C 311 0.75 -24.91 -22.80
N THR C 312 1.41 -24.91 -21.65
CA THR C 312 2.79 -24.44 -21.50
C THR C 312 3.51 -25.39 -20.57
N ARG C 313 4.55 -26.06 -21.07
CA ARG C 313 5.22 -27.13 -20.33
C ARG C 313 6.72 -27.02 -20.57
N SER C 314 7.47 -28.06 -20.16
CA SER C 314 8.92 -28.14 -20.35
C SER C 314 9.65 -26.96 -19.71
N LEU C 315 9.51 -26.86 -18.39
CA LEU C 315 10.24 -25.84 -17.63
C LEU C 315 11.75 -26.11 -17.72
N SER C 316 12.52 -25.04 -17.80
CA SER C 316 13.93 -25.08 -18.20
C SER C 316 14.64 -23.85 -17.66
N ASN C 317 15.86 -23.61 -18.15
CA ASN C 317 16.68 -22.44 -17.79
C ASN C 317 16.97 -22.34 -16.29
N LYS C 318 17.65 -23.35 -15.78
CA LYS C 318 17.98 -23.44 -14.37
C LYS C 318 19.42 -23.00 -14.19
N GLN C 319 19.60 -21.92 -13.45
CA GLN C 319 20.90 -21.36 -13.10
C GLN C 319 20.84 -20.87 -11.66
N THR C 320 21.76 -21.36 -10.82
CA THR C 320 21.66 -21.10 -9.39
C THR C 320 22.05 -19.66 -9.05
N HIS C 321 22.04 -19.37 -7.76
CA HIS C 321 22.45 -18.11 -7.19
C HIS C 321 22.82 -18.37 -5.74
N TRP C 322 23.01 -17.33 -4.95
CA TRP C 322 23.52 -17.50 -3.60
C TRP C 322 22.83 -16.49 -2.70
N TYR C 323 22.15 -16.93 -1.62
CA TYR C 323 21.53 -15.85 -0.86
C TYR C 323 21.01 -16.10 0.54
N TYR C 324 21.45 -15.19 1.40
CA TYR C 324 21.31 -15.24 2.84
C TYR C 324 19.95 -14.64 3.13
N PHE C 325 18.90 -15.40 3.47
CA PHE C 325 18.00 -14.72 4.40
C PHE C 325 17.53 -15.06 5.82
N LYS C 326 16.86 -16.19 6.00
CA LYS C 326 16.03 -16.20 7.21
C LYS C 326 15.37 -17.51 7.63
N LEU C 327 15.41 -18.01 8.84
CA LEU C 327 14.71 -19.28 9.03
C LEU C 327 13.21 -19.02 8.92
N PRO C 328 12.41 -19.83 8.15
CA PRO C 328 10.95 -19.67 8.15
C PRO C 328 10.19 -20.38 9.27
N GLY C 329 10.66 -20.23 10.50
CA GLY C 329 9.92 -20.77 11.61
C GLY C 329 9.34 -19.61 12.38
N LEU C 330 9.08 -18.53 11.67
CA LEU C 330 8.55 -17.30 12.22
C LEU C 330 9.53 -16.70 13.20
N ASN C 331 10.73 -17.27 13.26
CA ASN C 331 11.78 -16.85 14.17
C ASN C 331 12.47 -15.59 13.62
N SER C 332 11.67 -14.55 13.50
CA SER C 332 12.12 -13.35 12.83
C SER C 332 13.31 -12.76 13.57
N ARG C 333 14.40 -12.56 12.84
CA ARG C 333 15.65 -12.09 13.41
C ARG C 333 16.54 -11.64 12.26
N GLN C 334 17.79 -11.31 12.56
CA GLN C 334 18.76 -11.05 11.51
C GLN C 334 18.85 -12.20 10.52
N TRP C 335 19.23 -11.85 9.29
CA TRP C 335 19.22 -12.77 8.16
C TRP C 335 20.35 -13.79 8.07
N LYS C 336 20.35 -14.80 8.93
CA LYS C 336 20.14 -16.15 8.46
C LYS C 336 20.86 -16.49 7.16
N GLY C 337 22.17 -16.41 7.14
CA GLY C 337 22.74 -16.56 5.83
C GLY C 337 23.16 -17.93 5.34
N PRO C 338 22.40 -18.42 4.35
CA PRO C 338 22.86 -19.39 3.34
C PRO C 338 23.56 -19.18 1.99
N GLN C 339 24.49 -20.07 1.85
CA GLN C 339 25.34 -20.45 0.76
C GLN C 339 24.52 -21.60 0.20
N GLU C 340 24.54 -21.82 -1.09
CA GLU C 340 23.54 -21.28 -1.98
C GLU C 340 22.59 -22.36 -2.47
N ALA C 341 21.67 -21.98 -3.34
CA ALA C 341 20.60 -22.83 -3.81
C ALA C 341 20.98 -24.13 -4.50
N LEU C 342 20.63 -25.23 -3.86
CA LEU C 342 20.86 -26.55 -4.44
C LEU C 342 20.08 -26.76 -5.72
N GLN C 343 18.88 -26.20 -5.80
CA GLN C 343 18.05 -26.42 -6.98
C GLN C 343 17.02 -25.32 -7.08
N GLU C 344 17.10 -24.54 -8.14
CA GLU C 344 16.20 -23.43 -8.37
C GLU C 344 14.78 -23.94 -8.62
N ALA C 345 13.81 -23.04 -8.54
CA ALA C 345 12.42 -23.39 -8.81
C ALA C 345 11.69 -22.13 -9.25
N ALA C 346 10.36 -22.21 -9.31
CA ALA C 346 9.53 -21.13 -9.82
C ALA C 346 8.70 -20.57 -8.68
N GLY C 347 9.26 -19.58 -7.99
CA GLY C 347 8.60 -18.92 -6.88
C GLY C 347 9.19 -19.32 -5.54
N ALA C 348 9.51 -20.59 -5.43
CA ALA C 348 10.15 -21.21 -4.28
C ALA C 348 11.65 -21.27 -4.50
N ALA C 349 12.36 -21.95 -3.60
CA ALA C 349 13.77 -22.22 -3.78
C ALA C 349 14.10 -23.49 -3.03
N LEU C 350 15.39 -23.78 -2.89
CA LEU C 350 15.79 -24.99 -2.19
C LEU C 350 17.18 -24.79 -1.62
N ILE C 351 17.28 -24.66 -0.31
CA ILE C 351 18.50 -24.25 0.35
C ILE C 351 18.91 -25.31 1.37
N PRO C 352 20.15 -25.71 1.39
CA PRO C 352 20.61 -26.63 2.43
C PRO C 352 20.82 -25.87 3.73
N VAL C 353 19.93 -26.11 4.69
CA VAL C 353 20.23 -25.71 6.04
C VAL C 353 21.43 -26.52 6.54
N SER C 354 22.14 -25.96 7.51
CA SER C 354 23.42 -26.52 7.96
C SER C 354 23.30 -27.98 8.33
N ALA C 355 22.09 -28.48 8.54
CA ALA C 355 21.76 -29.86 8.81
C ALA C 355 21.87 -30.71 7.59
N SER C 356 22.39 -30.09 6.53
CA SER C 356 22.50 -30.70 5.21
C SER C 356 21.17 -31.31 4.80
N SER C 357 20.12 -30.51 4.98
CA SER C 357 18.75 -30.93 4.73
C SER C 357 18.13 -29.98 3.72
N ALA C 358 17.44 -30.55 2.75
CA ALA C 358 16.71 -29.76 1.78
C ALA C 358 15.56 -29.03 2.46
N GLN C 359 15.20 -27.89 1.89
CA GLN C 359 14.15 -27.05 2.43
C GLN C 359 13.65 -26.21 1.28
N TRP C 360 12.40 -25.78 1.34
CA TRP C 360 11.87 -25.02 0.23
C TRP C 360 11.32 -23.70 0.73
N ILE C 361 12.19 -22.69 0.77
CA ILE C 361 11.82 -21.36 1.23
C ILE C 361 11.15 -20.63 0.08
N PRO C 362 10.09 -19.88 0.33
CA PRO C 362 9.52 -19.04 -0.73
C PRO C 362 10.21 -17.71 -0.78
N TRP C 363 10.20 -17.10 -1.97
CA TRP C 363 10.98 -15.90 -2.19
C TRP C 363 10.58 -14.77 -1.30
N ARG C 364 9.49 -14.91 -0.57
CA ARG C 364 9.11 -13.82 0.28
C ARG C 364 9.95 -13.80 1.51
N LEU C 365 11.01 -14.59 1.50
CA LEU C 365 11.88 -14.64 2.65
C LEU C 365 13.34 -14.65 2.24
N LEU C 366 13.75 -14.04 1.14
CA LEU C 366 15.17 -14.21 0.80
C LEU C 366 15.88 -12.89 0.53
N LYS C 367 17.22 -12.91 0.40
CA LYS C 367 17.93 -11.65 0.22
C LYS C 367 19.24 -11.95 -0.47
N ARG C 368 19.33 -11.46 -1.71
CA ARG C 368 20.33 -11.85 -2.69
C ARG C 368 21.72 -11.37 -2.29
N ALA C 369 22.72 -12.05 -2.82
CA ALA C 369 24.11 -11.74 -2.52
C ALA C 369 24.94 -11.90 -3.79
N ALA C 370 26.26 -11.87 -3.63
CA ALA C 370 27.19 -11.96 -4.76
C ALA C 370 27.22 -13.36 -5.36
N SER D 96 -9.31 -49.33 -14.92
CA SER D 96 -10.22 -48.43 -14.21
C SER D 96 -11.71 -48.77 -14.36
N PRO D 97 -12.22 -48.97 -15.58
CA PRO D 97 -13.67 -49.15 -15.71
C PRO D 97 -14.23 -50.31 -14.92
N ALA D 98 -13.48 -51.40 -14.77
CA ALA D 98 -13.94 -52.45 -13.85
C ALA D 98 -13.85 -51.96 -12.42
N GLU D 99 -12.96 -51.01 -12.16
CA GLU D 99 -12.94 -50.58 -10.78
C GLU D 99 -13.95 -49.47 -10.60
N LEU D 100 -14.07 -48.56 -11.57
CA LEU D 100 -15.04 -47.52 -11.35
C LEU D 100 -16.42 -48.14 -11.22
N HIS D 101 -16.61 -49.29 -11.89
CA HIS D 101 -17.84 -50.01 -11.67
C HIS D 101 -17.92 -50.42 -10.23
N SER D 102 -16.97 -51.25 -9.77
CA SER D 102 -17.18 -51.78 -8.43
C SER D 102 -17.33 -50.66 -7.40
N PHE D 103 -16.79 -49.48 -7.72
CA PHE D 103 -16.97 -48.29 -6.90
C PHE D 103 -18.41 -47.79 -6.89
N THR D 104 -19.11 -47.88 -8.03
CA THR D 104 -20.44 -47.26 -8.13
C THR D 104 -21.58 -48.13 -8.67
N HIS D 105 -21.32 -49.23 -9.35
CA HIS D 105 -22.34 -50.12 -9.92
C HIS D 105 -23.30 -49.42 -10.87
N CYS D 106 -22.73 -48.91 -11.96
CA CYS D 106 -23.53 -48.49 -13.10
C CYS D 106 -23.87 -49.74 -13.93
N GLY D 107 -24.44 -49.55 -15.11
CA GLY D 107 -25.06 -50.63 -15.86
C GLY D 107 -24.36 -51.06 -17.13
N GLN D 108 -24.90 -50.62 -18.28
CA GLN D 108 -24.41 -51.06 -19.58
C GLN D 108 -24.05 -49.87 -20.46
N THR D 109 -24.79 -48.77 -20.32
CA THR D 109 -24.77 -47.71 -21.32
C THR D 109 -23.54 -46.81 -21.18
N ALA D 110 -23.39 -46.17 -20.03
CA ALA D 110 -22.54 -45.01 -19.85
C ALA D 110 -21.08 -45.38 -19.53
N LEU D 111 -20.68 -46.60 -19.84
CA LEU D 111 -19.32 -47.08 -19.56
C LEU D 111 -18.42 -47.06 -20.78
N THR D 112 -18.95 -47.35 -21.98
CA THR D 112 -18.08 -47.34 -23.15
C THR D 112 -17.57 -45.94 -23.46
N LEU D 113 -18.19 -44.93 -22.87
CA LEU D 113 -17.74 -43.57 -23.11
C LEU D 113 -16.54 -43.24 -22.25
N GLN D 114 -16.05 -44.22 -21.48
CA GLN D 114 -14.80 -44.07 -20.76
C GLN D 114 -13.69 -44.90 -21.39
N GLY D 115 -14.01 -45.73 -22.39
CA GLY D 115 -12.96 -46.45 -23.09
C GLY D 115 -13.15 -47.94 -23.27
N ALA D 116 -14.33 -48.45 -22.92
CA ALA D 116 -14.63 -49.86 -23.06
C ALA D 116 -15.38 -50.11 -24.36
N THR D 117 -15.15 -51.26 -24.96
CA THR D 117 -15.85 -51.58 -26.20
C THR D 117 -17.25 -52.07 -25.89
N THR D 118 -17.93 -52.56 -26.92
CA THR D 118 -19.28 -53.10 -26.75
C THR D 118 -19.26 -54.29 -25.80
N THR D 119 -18.53 -55.32 -26.18
CA THR D 119 -18.50 -56.51 -25.35
C THR D 119 -17.81 -56.21 -24.04
N GLU D 120 -16.84 -55.29 -24.00
CA GLU D 120 -16.29 -54.99 -22.69
C GLU D 120 -17.32 -54.34 -21.76
N ALA D 121 -18.46 -53.95 -22.30
CA ALA D 121 -19.55 -53.50 -21.45
C ALA D 121 -20.49 -54.63 -21.10
N SER D 122 -20.78 -55.51 -22.05
CA SER D 122 -21.62 -56.62 -21.64
C SER D 122 -20.87 -57.54 -20.68
N ASN D 123 -19.58 -57.82 -20.93
CA ASN D 123 -18.81 -58.59 -19.97
C ASN D 123 -18.67 -57.87 -18.64
N ILE D 124 -18.62 -56.52 -18.63
CA ILE D 124 -18.65 -55.87 -17.33
C ILE D 124 -19.96 -56.14 -16.62
N LEU D 125 -21.06 -56.28 -17.36
CA LEU D 125 -22.30 -56.74 -16.72
C LEU D 125 -22.18 -58.16 -16.21
N ARG D 126 -21.46 -59.01 -16.94
CA ARG D 126 -21.19 -60.37 -16.49
C ARG D 126 -20.27 -60.41 -15.27
N SER D 127 -19.56 -59.33 -15.01
CA SER D 127 -18.82 -59.13 -13.78
C SER D 127 -19.76 -58.53 -12.74
N CYS D 128 -19.71 -59.05 -11.51
CA CYS D 128 -20.71 -58.74 -10.50
C CYS D 128 -22.11 -59.02 -11.04
N HIS D 129 -22.33 -60.29 -11.38
CA HIS D 129 -23.48 -60.69 -12.16
C HIS D 129 -24.77 -60.43 -11.38
N ALA D 130 -25.78 -59.89 -12.08
CA ALA D 130 -27.12 -59.70 -11.53
C ALA D 130 -27.10 -58.94 -10.20
N CYS D 131 -26.16 -58.01 -10.06
CA CYS D 131 -26.01 -57.27 -8.80
C CYS D 131 -27.11 -56.24 -8.63
N ARG D 147 -48.82 -29.65 -14.12
CA ARG D 147 -48.24 -30.96 -13.84
C ARG D 147 -47.67 -31.59 -15.10
N GLY D 148 -47.39 -30.77 -16.11
CA GLY D 148 -46.84 -31.29 -17.35
C GLY D 148 -45.35 -31.51 -17.22
N LEU D 149 -44.59 -31.20 -18.26
CA LEU D 149 -43.13 -31.32 -18.13
C LEU D 149 -42.53 -30.05 -17.55
N LEU D 150 -43.20 -28.91 -17.72
CA LEU D 150 -42.88 -27.75 -16.90
C LEU D 150 -41.41 -27.37 -16.88
N PRO D 151 -40.84 -26.86 -17.95
CA PRO D 151 -39.43 -26.47 -17.90
C PRO D 151 -39.26 -25.18 -17.11
N ASN D 152 -38.01 -24.82 -16.89
CA ASN D 152 -37.26 -25.21 -15.70
C ASN D 152 -37.91 -24.73 -14.39
N HIS D 153 -37.70 -25.52 -13.34
CA HIS D 153 -38.07 -25.23 -11.96
C HIS D 153 -39.47 -25.38 -11.39
N ILE D 154 -40.48 -25.90 -12.09
CA ILE D 154 -41.75 -26.14 -11.42
C ILE D 154 -41.73 -27.53 -10.78
N TRP D 155 -41.41 -27.56 -9.47
CA TRP D 155 -40.87 -28.71 -8.74
C TRP D 155 -41.94 -29.70 -8.27
N GLN D 156 -41.51 -30.66 -7.43
CA GLN D 156 -42.32 -31.65 -6.75
C GLN D 156 -41.43 -32.37 -5.74
N GLY D 157 -42.02 -32.82 -4.63
CA GLY D 157 -41.24 -33.44 -3.57
C GLY D 157 -42.01 -34.46 -2.74
N ASP D 158 -41.30 -35.10 -1.80
CA ASP D 158 -41.92 -36.19 -1.05
C ASP D 158 -41.01 -36.66 0.08
N ILE D 159 -41.63 -37.29 1.08
CA ILE D 159 -40.93 -37.96 2.18
C ILE D 159 -41.05 -39.47 1.99
N THR D 160 -40.08 -40.20 2.50
CA THR D 160 -40.12 -41.65 2.34
C THR D 160 -39.54 -42.31 3.57
N HIS D 161 -40.08 -43.49 3.92
CA HIS D 161 -39.38 -44.37 4.82
C HIS D 161 -38.25 -45.08 4.10
N PHE D 162 -37.60 -45.96 4.83
CA PHE D 162 -36.43 -46.65 4.28
C PHE D 162 -36.07 -47.85 5.13
N LYS D 163 -35.88 -49.00 4.50
CA LYS D 163 -35.47 -50.19 5.23
C LYS D 163 -34.24 -49.89 6.07
N TYR D 164 -34.33 -50.19 7.35
CA TYR D 164 -33.35 -49.76 8.31
C TYR D 164 -32.00 -50.43 8.05
N LYS D 165 -31.01 -50.01 8.82
CA LYS D 165 -29.97 -50.95 9.20
C LYS D 165 -30.33 -51.65 10.51
N ASN D 166 -30.69 -50.86 11.53
CA ASN D 166 -31.57 -51.31 12.59
C ASN D 166 -32.69 -50.33 12.93
N THR D 167 -32.63 -49.09 12.45
CA THR D 167 -33.64 -48.08 12.72
C THR D 167 -34.09 -47.44 11.42
N LEU D 168 -35.40 -47.44 11.18
CA LEU D 168 -35.94 -46.91 9.94
C LEU D 168 -35.54 -45.45 9.75
N TYR D 169 -34.74 -45.18 8.73
CA TYR D 169 -34.33 -43.81 8.44
C TYR D 169 -35.39 -43.15 7.61
N ARG D 170 -35.81 -41.95 8.00
CA ARG D 170 -36.83 -41.25 7.24
C ARG D 170 -36.15 -40.18 6.41
N LEU D 171 -36.30 -40.24 5.10
CA LEU D 171 -35.57 -39.30 4.27
C LEU D 171 -36.52 -38.57 3.36
N HIS D 172 -36.35 -37.27 3.28
CA HIS D 172 -37.12 -36.52 2.32
C HIS D 172 -36.34 -36.42 1.03
N VAL D 173 -36.99 -35.85 0.02
CA VAL D 173 -36.38 -35.71 -1.29
C VAL D 173 -37.17 -34.68 -2.08
N TRP D 174 -36.48 -34.03 -3.01
CA TRP D 174 -37.07 -33.10 -3.95
C TRP D 174 -36.53 -33.42 -5.32
N VAL D 175 -37.44 -33.65 -6.27
CA VAL D 175 -37.10 -34.07 -7.61
C VAL D 175 -37.71 -33.08 -8.58
N ASP D 176 -36.90 -32.57 -9.49
CA ASP D 176 -37.40 -31.66 -10.49
C ASP D 176 -38.38 -32.38 -11.39
N THR D 177 -39.12 -31.61 -12.18
CA THR D 177 -40.01 -32.23 -13.14
C THR D 177 -39.62 -32.00 -14.58
N PHE D 178 -38.83 -30.98 -14.87
CA PHE D 178 -38.38 -30.81 -16.24
C PHE D 178 -37.20 -31.72 -16.56
N SER D 179 -36.12 -31.57 -15.81
CA SER D 179 -34.94 -32.38 -16.09
C SER D 179 -35.08 -33.75 -15.47
N GLY D 180 -35.24 -33.81 -14.16
CA GLY D 180 -35.22 -35.11 -13.52
C GLY D 180 -34.05 -35.23 -12.59
N ALA D 181 -33.61 -34.12 -12.03
CA ALA D 181 -32.58 -34.17 -11.01
C ALA D 181 -33.20 -34.48 -9.66
N ILE D 182 -32.33 -34.77 -8.70
CA ILE D 182 -32.76 -35.22 -7.37
C ILE D 182 -31.82 -34.62 -6.34
N SER D 183 -32.38 -34.18 -5.22
CA SER D 183 -31.57 -33.76 -4.09
C SER D 183 -32.36 -34.06 -2.83
N ALA D 184 -31.71 -34.66 -1.84
CA ALA D 184 -32.49 -35.18 -0.73
C ALA D 184 -31.61 -35.39 0.47
N THR D 185 -32.25 -35.72 1.59
CA THR D 185 -31.47 -36.05 2.76
C THR D 185 -32.26 -36.98 3.67
N GLN D 186 -31.63 -37.32 4.79
CA GLN D 186 -32.16 -38.30 5.72
C GLN D 186 -32.16 -37.73 7.13
N LYS D 187 -33.28 -37.88 7.84
CA LYS D 187 -33.44 -37.40 9.19
C LYS D 187 -34.12 -38.51 10.00
N ARG D 188 -34.32 -38.22 11.28
CA ARG D 188 -35.01 -39.10 12.20
C ARG D 188 -36.41 -38.62 12.51
N LYS D 189 -36.56 -37.34 12.84
CA LYS D 189 -37.86 -36.75 13.05
C LYS D 189 -38.35 -36.11 11.75
N GLU D 190 -39.65 -35.88 11.66
CA GLU D 190 -40.29 -35.41 10.45
C GLU D 190 -41.28 -34.30 10.73
N THR D 191 -40.96 -33.42 11.68
CA THR D 191 -41.78 -32.25 11.90
C THR D 191 -41.58 -31.21 10.81
N SER D 192 -42.47 -30.22 10.83
CA SER D 192 -42.39 -29.14 9.87
C SER D 192 -41.03 -28.45 9.89
N SER D 193 -40.40 -28.37 11.06
CA SER D 193 -39.07 -27.78 11.07
C SER D 193 -38.08 -28.62 10.30
N GLU D 194 -38.45 -29.86 10.01
CA GLU D 194 -37.52 -30.76 9.37
C GLU D 194 -37.73 -30.57 7.89
N ALA D 195 -38.97 -30.76 7.44
CA ALA D 195 -39.20 -30.55 6.02
C ALA D 195 -38.66 -29.19 5.60
N ILE D 196 -38.84 -28.16 6.44
CA ILE D 196 -38.24 -26.86 6.16
C ILE D 196 -36.74 -26.96 5.93
N SER D 197 -36.02 -27.56 6.89
CA SER D 197 -34.58 -27.54 6.70
C SER D 197 -34.18 -28.36 5.47
N SER D 198 -35.05 -29.26 5.05
CA SER D 198 -34.73 -30.13 3.94
C SER D 198 -34.86 -29.34 2.66
N LEU D 199 -36.05 -28.80 2.43
CA LEU D 199 -36.22 -27.93 1.28
C LEU D 199 -35.08 -26.94 1.23
N LEU D 200 -34.93 -26.12 2.27
CA LEU D 200 -33.98 -25.02 2.21
C LEU D 200 -32.59 -25.49 1.82
N GLN D 201 -32.25 -26.72 2.17
CA GLN D 201 -30.97 -27.22 1.71
C GLN D 201 -31.05 -27.51 0.22
N ALA D 202 -32.10 -28.20 -0.20
CA ALA D 202 -32.17 -28.51 -1.62
C ALA D 202 -32.19 -27.23 -2.45
N ILE D 203 -32.65 -26.14 -1.87
CA ILE D 203 -32.73 -24.91 -2.64
C ILE D 203 -31.39 -24.23 -2.70
N ALA D 204 -30.52 -24.53 -1.76
CA ALA D 204 -29.13 -24.12 -1.93
C ALA D 204 -28.41 -25.06 -2.87
N TYR D 205 -28.95 -26.23 -3.06
CA TYR D 205 -28.72 -27.03 -4.25
C TYR D 205 -29.66 -26.43 -5.27
N LEU D 206 -29.83 -27.06 -6.41
CA LEU D 206 -30.26 -26.35 -7.58
C LEU D 206 -31.71 -26.65 -7.84
N GLY D 207 -32.50 -25.62 -8.15
CA GLY D 207 -32.10 -24.22 -8.18
C GLY D 207 -32.87 -23.39 -7.16
N LYS D 208 -33.69 -22.44 -7.63
CA LYS D 208 -34.70 -21.77 -6.79
C LYS D 208 -36.05 -21.71 -7.47
N PRO D 209 -37.04 -22.44 -7.00
CA PRO D 209 -38.19 -22.77 -7.82
C PRO D 209 -39.20 -21.64 -7.81
N SER D 210 -40.32 -21.86 -8.48
CA SER D 210 -41.45 -20.97 -8.31
C SER D 210 -42.79 -21.68 -8.21
N TYR D 211 -42.85 -22.99 -8.18
CA TYR D 211 -44.14 -23.64 -8.10
C TYR D 211 -43.91 -25.00 -7.44
N ILE D 212 -44.24 -25.11 -6.18
CA ILE D 212 -43.88 -26.31 -5.45
C ILE D 212 -45.14 -27.06 -5.10
N ASN D 213 -45.04 -28.38 -5.11
CA ASN D 213 -46.19 -29.24 -4.97
C ASN D 213 -45.86 -30.35 -4.00
N THR D 214 -46.87 -30.81 -3.28
CA THR D 214 -46.70 -31.88 -2.31
C THR D 214 -48.07 -32.37 -1.87
N ASP D 215 -48.07 -33.48 -1.17
CA ASP D 215 -49.28 -33.98 -0.52
C ASP D 215 -49.51 -33.15 0.74
N ASN D 216 -50.51 -33.52 1.53
CA ASN D 216 -51.05 -32.67 2.58
C ASN D 216 -50.73 -33.21 3.97
N GLY D 217 -49.54 -33.79 4.14
CA GLY D 217 -49.12 -34.29 5.43
C GLY D 217 -49.03 -33.18 6.45
N PRO D 218 -48.88 -33.53 7.73
CA PRO D 218 -48.85 -32.49 8.75
C PRO D 218 -47.68 -31.54 8.61
N ALA D 219 -46.52 -32.05 8.21
CA ALA D 219 -45.38 -31.16 8.03
C ALA D 219 -45.59 -30.17 6.90
N TYR D 220 -46.67 -30.29 6.14
CA TYR D 220 -46.97 -29.34 5.08
C TYR D 220 -48.07 -28.37 5.48
N ILE D 221 -48.58 -28.45 6.70
CA ILE D 221 -49.75 -27.68 7.05
C ILE D 221 -49.34 -26.47 7.87
N SER D 222 -48.30 -26.64 8.67
CA SER D 222 -48.04 -25.72 9.76
C SER D 222 -47.73 -24.31 9.32
N GLN D 223 -48.16 -23.38 10.17
CA GLN D 223 -48.09 -21.98 9.81
C GLN D 223 -46.66 -21.56 9.58
N ASP D 224 -45.71 -22.08 10.35
CA ASP D 224 -44.31 -21.73 10.14
C ASP D 224 -43.87 -22.09 8.74
N PHE D 225 -44.28 -23.25 8.26
CA PHE D 225 -44.01 -23.58 6.87
C PHE D 225 -44.58 -22.52 5.96
N LEU D 226 -45.84 -22.16 6.17
CA LEU D 226 -46.38 -21.07 5.37
C LEU D 226 -45.57 -19.79 5.52
N ASN D 227 -45.15 -19.46 6.74
CA ASN D 227 -44.35 -18.30 7.12
C ASN D 227 -42.96 -18.34 6.56
N MET D 228 -42.65 -19.42 5.86
CA MET D 228 -41.42 -19.47 5.11
C MET D 228 -41.66 -19.49 3.62
N CYS D 229 -42.63 -20.27 3.16
CA CYS D 229 -42.93 -20.26 1.73
C CYS D 229 -43.25 -18.85 1.28
N THR D 230 -44.16 -18.17 2.00
CA THR D 230 -44.56 -16.83 1.60
C THR D 230 -43.37 -15.90 1.48
N SER D 231 -42.33 -16.13 2.26
CA SER D 231 -41.19 -15.23 2.27
C SER D 231 -40.33 -15.37 1.04
N LEU D 232 -40.62 -16.33 0.16
CA LEU D 232 -39.78 -16.60 -0.99
C LEU D 232 -40.54 -16.54 -2.30
N ALA D 233 -41.76 -16.00 -2.30
CA ALA D 233 -42.54 -15.88 -3.52
C ALA D 233 -42.65 -17.21 -4.23
N ILE D 234 -43.27 -18.16 -3.54
CA ILE D 234 -43.28 -19.54 -3.97
C ILE D 234 -44.71 -20.04 -3.90
N ARG D 235 -45.32 -20.23 -5.07
CA ARG D 235 -46.68 -20.76 -5.13
C ARG D 235 -46.65 -22.19 -4.63
N HIS D 236 -47.21 -22.40 -3.46
CA HIS D 236 -47.24 -23.71 -2.85
C HIS D 236 -48.63 -24.28 -3.08
N THR D 237 -48.72 -25.25 -3.97
CA THR D 237 -50.00 -25.86 -4.25
C THR D 237 -50.18 -27.09 -3.39
N THR D 238 -51.25 -27.83 -3.64
CA THR D 238 -51.50 -29.10 -2.97
C THR D 238 -51.72 -30.19 -4.00
N HIS D 239 -50.97 -31.26 -3.87
CA HIS D 239 -51.27 -32.46 -4.62
C HIS D 239 -52.62 -32.98 -4.14
N VAL D 240 -53.23 -33.82 -4.97
CA VAL D 240 -54.35 -34.61 -4.51
C VAL D 240 -53.74 -35.82 -3.81
N PRO D 241 -53.95 -35.96 -2.50
CA PRO D 241 -53.35 -37.10 -1.78
C PRO D 241 -53.78 -38.42 -2.38
N TYR D 242 -52.84 -39.37 -2.44
CA TYR D 242 -53.06 -40.66 -3.10
C TYR D 242 -53.44 -40.46 -4.57
N ASN D 243 -52.51 -39.85 -5.30
CA ASN D 243 -52.66 -39.60 -6.74
C ASN D 243 -51.52 -40.32 -7.45
N PRO D 244 -51.56 -41.65 -7.50
CA PRO D 244 -50.46 -42.45 -8.08
C PRO D 244 -50.32 -42.34 -9.58
N THR D 245 -51.15 -41.55 -10.27
CA THR D 245 -50.89 -41.35 -11.70
C THR D 245 -49.55 -40.67 -11.96
N SER D 246 -48.93 -40.08 -10.93
CA SER D 246 -47.57 -39.55 -10.97
C SER D 246 -46.59 -40.45 -10.24
N SER D 247 -47.07 -41.56 -9.69
CA SER D 247 -46.18 -42.44 -8.95
C SER D 247 -45.22 -43.14 -9.88
N GLY D 248 -45.69 -43.64 -11.02
CA GLY D 248 -44.76 -44.42 -11.83
C GLY D 248 -43.47 -43.69 -12.13
N LEU D 249 -43.48 -42.37 -12.00
CA LEU D 249 -42.25 -41.63 -12.28
C LEU D 249 -41.55 -41.22 -10.99
N VAL D 250 -42.31 -40.77 -9.99
CA VAL D 250 -41.60 -40.45 -8.77
C VAL D 250 -41.00 -41.73 -8.21
N GLN D 251 -41.81 -42.76 -8.07
CA GLN D 251 -41.30 -44.05 -7.65
C GLN D 251 -40.24 -44.59 -8.59
N ARG D 252 -40.24 -44.26 -9.89
CA ARG D 252 -39.08 -44.66 -10.69
C ARG D 252 -37.81 -44.12 -10.06
N SER D 253 -37.88 -42.89 -9.57
CA SER D 253 -36.68 -42.31 -8.97
C SER D 253 -36.39 -42.98 -7.65
N ASN D 254 -37.41 -43.05 -6.80
CA ASN D 254 -37.18 -43.49 -5.44
C ASN D 254 -36.61 -44.90 -5.47
N GLY D 255 -37.28 -45.80 -6.21
CA GLY D 255 -36.77 -47.14 -6.33
C GLY D 255 -35.34 -47.14 -6.82
N ILE D 256 -34.97 -46.20 -7.69
CA ILE D 256 -33.57 -46.15 -8.11
C ILE D 256 -32.69 -46.06 -6.88
N LEU D 257 -32.98 -45.08 -6.04
CA LEU D 257 -32.21 -44.90 -4.82
C LEU D 257 -32.18 -46.16 -3.96
N LYS D 258 -33.35 -46.71 -3.69
CA LYS D 258 -33.43 -47.93 -2.88
C LYS D 258 -32.50 -49.02 -3.40
N THR D 259 -32.54 -49.24 -4.72
CA THR D 259 -31.67 -50.24 -5.31
C THR D 259 -30.23 -49.87 -5.06
N LEU D 260 -29.85 -48.66 -5.46
CA LEU D 260 -28.44 -48.32 -5.45
C LEU D 260 -27.90 -48.49 -4.04
N LEU D 261 -28.63 -48.01 -3.04
CA LEU D 261 -28.16 -48.11 -1.68
C LEU D 261 -27.89 -49.56 -1.30
N TYR D 262 -28.86 -50.44 -1.59
CA TYR D 262 -28.61 -51.82 -1.22
C TYR D 262 -27.45 -52.41 -2.00
N LYS D 263 -27.26 -51.99 -3.25
CA LYS D 263 -26.09 -52.42 -3.97
C LYS D 263 -24.83 -51.87 -3.38
N TYR D 264 -24.95 -50.91 -2.47
CA TYR D 264 -23.72 -50.41 -1.89
C TYR D 264 -23.42 -51.18 -0.62
N PHE D 265 -24.35 -51.17 0.31
CA PHE D 265 -23.94 -51.69 1.61
C PHE D 265 -24.16 -53.18 1.76
N THR D 266 -24.78 -53.87 0.80
CA THR D 266 -24.63 -55.32 0.77
C THR D 266 -23.16 -55.71 0.70
N ASP D 267 -22.33 -54.84 0.14
CA ASP D 267 -20.90 -54.92 0.30
C ASP D 267 -20.41 -53.91 1.33
N LYS D 268 -19.30 -54.27 1.98
CA LYS D 268 -18.64 -53.50 3.03
C LYS D 268 -19.62 -52.77 3.94
N PRO D 269 -20.53 -53.49 4.59
CA PRO D 269 -21.62 -52.82 5.33
C PRO D 269 -21.15 -51.88 6.41
N ASP D 270 -19.86 -51.88 6.75
CA ASP D 270 -19.40 -51.02 7.83
C ASP D 270 -19.34 -49.55 7.43
N LEU D 271 -19.55 -49.22 6.16
CA LEU D 271 -19.46 -47.82 5.78
C LEU D 271 -20.59 -47.03 6.42
N PRO D 272 -20.35 -45.77 6.76
CA PRO D 272 -21.36 -45.01 7.46
C PRO D 272 -22.55 -44.77 6.55
N MET D 273 -23.67 -44.43 7.17
CA MET D 273 -24.93 -44.42 6.46
C MET D 273 -25.22 -43.07 5.82
N ASP D 274 -24.18 -42.28 5.58
CA ASP D 274 -24.30 -41.00 4.89
C ASP D 274 -23.52 -40.98 3.59
N ASN D 275 -22.27 -41.42 3.60
CA ASN D 275 -21.51 -41.51 2.38
C ASN D 275 -22.26 -42.35 1.36
N ALA D 276 -22.93 -43.39 1.82
CA ALA D 276 -23.77 -44.14 0.90
C ALA D 276 -24.74 -43.22 0.17
N LEU D 277 -25.20 -42.18 0.84
CA LEU D 277 -26.13 -41.27 0.18
C LEU D 277 -25.36 -40.34 -0.75
N SER D 278 -24.26 -39.80 -0.27
CA SER D 278 -23.49 -38.87 -1.09
C SER D 278 -23.12 -39.54 -2.41
N ILE D 279 -22.36 -40.62 -2.32
CA ILE D 279 -21.97 -41.34 -3.53
C ILE D 279 -23.19 -41.69 -4.37
N ALA D 280 -24.28 -42.13 -3.73
CA ALA D 280 -25.43 -42.53 -4.52
C ALA D 280 -25.84 -41.39 -5.42
N LEU D 281 -25.78 -40.18 -4.90
CA LEU D 281 -26.19 -39.08 -5.74
C LEU D 281 -25.16 -38.87 -6.82
N TRP D 282 -23.92 -38.65 -6.41
CA TRP D 282 -22.90 -38.24 -7.37
C TRP D 282 -22.90 -39.14 -8.57
N THR D 283 -23.25 -40.40 -8.37
CA THR D 283 -23.40 -41.23 -9.55
C THR D 283 -24.73 -41.00 -10.24
N ILE D 284 -25.82 -40.83 -9.50
CA ILE D 284 -27.11 -40.76 -10.16
C ILE D 284 -27.31 -39.46 -10.90
N ASN D 285 -26.45 -38.49 -10.68
CA ASN D 285 -26.63 -37.18 -11.27
C ASN D 285 -25.42 -36.69 -12.04
N HIS D 286 -24.46 -37.52 -12.33
CA HIS D 286 -23.45 -37.11 -13.28
C HIS D 286 -23.14 -38.16 -14.32
N LEU D 287 -23.61 -39.39 -14.18
CA LEU D 287 -23.11 -40.47 -14.99
C LEU D 287 -24.24 -41.33 -15.51
N ASN D 288 -25.32 -40.72 -15.97
CA ASN D 288 -26.44 -41.50 -16.47
C ASN D 288 -27.20 -40.72 -17.53
N VAL D 289 -27.78 -41.45 -18.49
CA VAL D 289 -28.83 -40.96 -19.36
C VAL D 289 -29.82 -42.09 -19.55
N LEU D 290 -31.12 -41.79 -19.47
CA LEU D 290 -32.08 -42.87 -19.64
C LEU D 290 -32.55 -42.99 -21.09
N THR D 291 -33.11 -41.92 -21.64
CA THR D 291 -33.54 -41.93 -23.02
C THR D 291 -32.33 -41.69 -23.91
N ASN D 292 -32.56 -41.53 -25.20
CA ASN D 292 -31.46 -41.27 -26.12
C ASN D 292 -30.96 -39.84 -26.06
N CYS D 293 -31.41 -39.05 -25.09
CA CYS D 293 -31.04 -37.64 -25.05
C CYS D 293 -29.54 -37.42 -25.02
N HIS D 294 -28.79 -38.44 -24.60
CA HIS D 294 -27.33 -38.34 -24.52
C HIS D 294 -26.91 -37.11 -23.73
N LYS D 295 -27.60 -36.92 -22.61
CA LYS D 295 -27.38 -35.79 -21.73
C LYS D 295 -27.60 -36.28 -20.31
N THR D 296 -26.65 -36.00 -19.43
CA THR D 296 -26.86 -36.35 -18.03
C THR D 296 -27.94 -35.45 -17.48
N ARG D 297 -28.62 -35.93 -16.44
CA ARG D 297 -29.61 -35.08 -15.81
C ARG D 297 -29.00 -33.73 -15.47
N TRP D 298 -27.83 -33.75 -14.87
CA TRP D 298 -27.29 -32.52 -14.36
C TRP D 298 -26.65 -31.67 -15.44
N GLN D 299 -26.16 -32.27 -16.52
CA GLN D 299 -25.83 -31.47 -17.68
C GLN D 299 -27.05 -30.70 -18.15
N LEU D 300 -28.08 -31.45 -18.52
CA LEU D 300 -29.28 -30.86 -19.09
C LEU D 300 -29.82 -29.75 -18.21
N HIS D 301 -29.87 -30.01 -16.92
CA HIS D 301 -30.52 -29.06 -16.05
C HIS D 301 -29.78 -27.76 -15.94
N HIS D 302 -28.59 -27.64 -16.52
CA HIS D 302 -27.88 -26.38 -16.43
C HIS D 302 -27.26 -25.99 -17.75
N SER D 303 -27.83 -26.44 -18.85
CA SER D 303 -27.43 -25.92 -20.14
C SER D 303 -27.76 -24.44 -20.18
N PRO D 304 -26.77 -23.57 -20.32
CA PRO D 304 -27.07 -22.14 -20.45
C PRO D 304 -28.03 -21.93 -21.62
N ARG D 305 -29.15 -21.28 -21.33
CA ARG D 305 -30.22 -21.19 -22.30
C ARG D 305 -29.79 -20.40 -23.51
N LEU D 306 -30.33 -20.78 -24.66
CA LEU D 306 -29.98 -20.12 -25.91
C LEU D 306 -30.45 -18.68 -25.88
N GLN D 307 -29.57 -17.78 -26.28
CA GLN D 307 -29.90 -16.36 -26.23
C GLN D 307 -30.96 -16.07 -27.28
N PRO D 308 -32.06 -15.42 -26.92
CA PRO D 308 -33.08 -15.07 -27.92
C PRO D 308 -32.61 -13.94 -28.82
N ILE D 309 -32.72 -14.16 -30.12
CA ILE D 309 -32.20 -13.18 -31.07
C ILE D 309 -33.14 -11.98 -31.13
N PRO D 310 -32.63 -10.77 -31.07
CA PRO D 310 -33.47 -9.59 -31.32
C PRO D 310 -33.58 -9.34 -32.81
N GLU D 311 -34.70 -8.78 -33.22
CA GLU D 311 -34.85 -8.44 -34.63
C GLU D 311 -34.22 -7.08 -34.91
N THR D 312 -33.77 -6.92 -36.16
CA THR D 312 -33.35 -5.68 -36.80
C THR D 312 -32.03 -5.15 -36.26
N ARG D 313 -31.44 -5.78 -35.25
CA ARG D 313 -30.07 -5.49 -34.82
C ARG D 313 -29.34 -6.82 -34.76
N SER D 314 -28.76 -7.25 -35.87
CA SER D 314 -28.30 -8.64 -35.93
C SER D 314 -26.85 -8.75 -35.47
N LEU D 315 -26.55 -8.27 -34.27
CA LEU D 315 -25.16 -8.18 -33.85
C LEU D 315 -24.93 -8.85 -32.50
N SER D 316 -23.73 -8.70 -31.96
CA SER D 316 -23.39 -9.22 -30.65
C SER D 316 -22.38 -8.29 -29.99
N ASN D 317 -22.15 -8.50 -28.70
CA ASN D 317 -21.21 -7.70 -27.92
C ASN D 317 -20.43 -8.66 -27.03
N LYS D 318 -19.22 -9.01 -27.45
CA LYS D 318 -18.35 -9.91 -26.68
C LYS D 318 -16.93 -9.34 -26.61
N GLN D 319 -16.65 -8.53 -25.60
CA GLN D 319 -15.38 -7.81 -25.69
C GLN D 319 -15.09 -7.09 -24.39
N THR D 320 -13.80 -6.97 -24.06
CA THR D 320 -13.27 -5.77 -23.41
C THR D 320 -11.86 -5.44 -23.91
N HIS D 321 -11.68 -4.27 -24.48
CA HIS D 321 -10.44 -3.90 -25.18
C HIS D 321 -9.38 -3.66 -24.10
N TRP D 322 -8.16 -3.20 -24.48
CA TRP D 322 -7.08 -3.08 -23.50
C TRP D 322 -7.61 -2.38 -22.28
N TYR D 323 -7.13 -2.64 -21.06
CA TYR D 323 -6.12 -3.29 -20.18
C TYR D 323 -4.65 -3.24 -20.05
N TYR D 324 -4.01 -2.10 -19.78
CA TYR D 324 -2.55 -2.07 -19.84
C TYR D 324 -1.94 -3.18 -19.04
N PHE D 325 -1.19 -4.05 -19.69
CA PHE D 325 -0.68 -5.17 -18.92
C PHE D 325 0.77 -5.04 -18.55
N LYS D 326 1.10 -5.66 -17.44
CA LYS D 326 2.43 -5.69 -16.89
C LYS D 326 2.55 -7.02 -16.18
N LEU D 327 3.57 -7.14 -15.37
CA LEU D 327 3.72 -8.21 -14.40
C LEU D 327 3.52 -9.63 -14.94
N PRO D 328 4.11 -9.98 -16.07
CA PRO D 328 4.11 -11.40 -16.36
C PRO D 328 4.97 -12.09 -15.30
N GLY D 329 6.15 -11.51 -15.15
CA GLY D 329 7.25 -12.05 -14.37
C GLY D 329 7.62 -11.30 -13.12
N LEU D 330 8.72 -10.53 -13.25
CA LEU D 330 9.52 -10.05 -12.14
C LEU D 330 9.98 -8.58 -12.26
N ASN D 331 9.29 -7.73 -13.00
CA ASN D 331 9.70 -6.33 -13.08
C ASN D 331 8.53 -5.37 -12.98
N SER D 332 8.74 -4.24 -12.32
CA SER D 332 7.78 -3.15 -12.31
C SER D 332 8.25 -2.09 -13.30
N ARG D 333 7.39 -1.73 -14.23
CA ARG D 333 7.74 -0.73 -15.22
C ARG D 333 6.46 -0.29 -15.90
N GLN D 334 6.60 0.51 -16.94
CA GLN D 334 5.49 0.85 -17.81
C GLN D 334 4.84 -0.42 -18.32
N TRP D 335 3.59 -0.31 -18.71
CA TRP D 335 2.82 -1.42 -19.25
C TRP D 335 3.14 -1.66 -20.72
N LYS D 336 2.34 -2.51 -21.33
CA LYS D 336 2.45 -3.00 -22.69
C LYS D 336 1.02 -2.93 -23.19
N GLY D 337 0.78 -2.60 -24.48
CA GLY D 337 -0.61 -2.38 -24.84
C GLY D 337 -1.52 -3.52 -25.27
N PRO D 338 -2.24 -3.82 -24.25
CA PRO D 338 -3.05 -4.99 -23.90
C PRO D 338 -4.46 -5.11 -24.47
N GLN D 339 -4.65 -6.06 -25.36
CA GLN D 339 -5.03 -5.84 -26.73
C GLN D 339 -6.48 -6.27 -26.84
N GLU D 340 -6.73 -7.47 -26.40
CA GLU D 340 -8.05 -7.99 -26.18
C GLU D 340 -7.84 -9.07 -25.15
N ALA D 341 -8.92 -9.56 -24.59
CA ALA D 341 -8.85 -10.67 -23.65
C ALA D 341 -9.85 -11.69 -24.13
N LEU D 342 -9.37 -12.88 -24.45
CA LEU D 342 -10.27 -13.83 -25.04
C LEU D 342 -10.81 -14.79 -24.01
N GLN D 343 -10.42 -14.60 -22.76
CA GLN D 343 -10.93 -15.39 -21.67
C GLN D 343 -11.07 -14.49 -20.45
N GLU D 344 -11.69 -15.02 -19.41
CA GLU D 344 -11.87 -14.23 -18.22
C GLU D 344 -12.35 -15.15 -17.12
N ALA D 345 -11.92 -14.88 -15.90
CA ALA D 345 -12.37 -15.65 -14.76
C ALA D 345 -11.83 -14.99 -13.51
N ALA D 346 -12.50 -15.21 -12.40
CA ALA D 346 -11.96 -14.75 -11.13
C ALA D 346 -10.54 -15.23 -11.06
N GLY D 347 -9.59 -14.32 -10.97
CA GLY D 347 -8.28 -14.77 -11.39
C GLY D 347 -7.75 -13.94 -12.51
N ALA D 348 -7.59 -14.53 -13.68
CA ALA D 348 -6.89 -13.84 -14.75
C ALA D 348 -7.70 -13.77 -16.03
N ALA D 349 -7.09 -13.30 -17.12
CA ALA D 349 -7.90 -13.04 -18.30
C ALA D 349 -7.34 -13.47 -19.66
N LEU D 350 -6.20 -14.14 -19.75
CA LEU D 350 -5.71 -14.59 -21.05
C LEU D 350 -5.53 -13.44 -22.03
N ILE D 351 -4.64 -12.52 -21.69
CA ILE D 351 -4.22 -11.53 -22.66
C ILE D 351 -3.16 -12.16 -23.57
N PRO D 352 -3.39 -12.18 -24.86
CA PRO D 352 -2.43 -12.81 -25.76
C PRO D 352 -1.17 -11.99 -25.89
N VAL D 353 -0.08 -12.49 -25.31
CA VAL D 353 1.16 -11.75 -25.35
C VAL D 353 1.65 -11.64 -26.79
N SER D 354 2.32 -10.54 -27.09
CA SER D 354 2.89 -10.27 -28.41
C SER D 354 3.87 -11.35 -28.83
N ALA D 355 4.24 -12.22 -27.92
CA ALA D 355 5.10 -13.37 -28.18
C ALA D 355 4.37 -14.46 -28.92
N SER D 356 3.15 -14.18 -29.39
CA SER D 356 2.30 -15.15 -30.05
C SER D 356 1.92 -16.27 -29.08
N SER D 357 1.86 -15.93 -27.81
CA SER D 357 1.67 -16.90 -26.75
C SER D 357 0.72 -16.31 -25.72
N ALA D 358 0.32 -17.13 -24.75
CA ALA D 358 -0.75 -16.78 -23.84
C ALA D 358 -0.29 -16.95 -22.41
N GLN D 359 -1.03 -16.31 -21.50
CA GLN D 359 -0.63 -16.25 -20.11
C GLN D 359 -1.89 -16.17 -19.26
N TRP D 360 -1.71 -15.84 -17.99
CA TRP D 360 -2.83 -15.55 -17.11
C TRP D 360 -2.35 -14.57 -16.05
N ILE D 361 -3.00 -13.41 -15.96
CA ILE D 361 -2.56 -12.40 -14.99
C ILE D 361 -3.79 -11.77 -14.36
N PRO D 362 -3.71 -11.42 -13.07
CA PRO D 362 -4.65 -10.44 -12.48
C PRO D 362 -4.34 -9.01 -12.87
N TRP D 363 -5.33 -8.34 -13.47
CA TRP D 363 -5.14 -7.50 -14.65
C TRP D 363 -5.24 -6.01 -14.32
N ARG D 364 -4.71 -5.13 -15.19
CA ARG D 364 -4.73 -3.74 -14.72
C ARG D 364 -5.89 -2.82 -15.14
N LEU D 365 -6.12 -2.63 -16.43
CA LEU D 365 -7.03 -1.57 -16.86
C LEU D 365 -8.37 -2.13 -17.32
N LEU D 366 -9.30 -1.23 -17.63
CA LEU D 366 -10.59 -1.59 -18.19
C LEU D 366 -11.06 -0.46 -19.09
N LYS D 367 -10.87 -0.60 -20.40
CA LYS D 367 -11.44 0.37 -21.33
C LYS D 367 -12.85 -0.08 -21.72
N ARG D 368 -13.44 0.60 -22.69
CA ARG D 368 -14.83 0.42 -23.05
C ARG D 368 -14.93 -0.48 -24.28
N ALA D 369 -15.80 -1.47 -24.21
CA ALA D 369 -16.08 -2.34 -25.33
C ALA D 369 -17.33 -3.15 -25.03
N ILE E 1 3.37 -36.20 -40.85
CA ILE E 1 3.45 -34.86 -41.40
C ILE E 1 2.77 -33.88 -40.46
N ARG E 2 3.48 -32.83 -40.07
CA ARG E 2 2.93 -31.82 -39.16
C ARG E 2 3.89 -30.64 -39.08
N ASP E 3 3.35 -29.51 -38.62
CA ASP E 3 4.11 -28.27 -38.40
C ASP E 3 3.34 -27.44 -37.39
N VAL E 4 3.74 -26.18 -37.23
CA VAL E 4 2.99 -25.27 -36.37
C VAL E 4 2.40 -24.13 -37.18
N PRO E 6 9.17 -23.30 -39.25
CA PRO E 6 8.01 -22.44 -39.06
C PRO E 6 8.22 -21.07 -39.68
N ALA E 7 7.67 -20.84 -40.87
CA ALA E 7 7.88 -19.57 -41.56
C ALA E 7 6.82 -18.52 -41.28
N ASP E 8 5.71 -18.89 -40.61
CA ASP E 8 4.64 -17.94 -40.30
C ASP E 8 4.04 -17.34 -41.57
N GLN E 9 3.71 -18.21 -42.53
CA GLN E 9 3.06 -17.79 -43.77
C GLN E 9 1.69 -18.43 -43.96
N GLU E 10 0.67 -17.57 -44.03
CA GLU E 10 -0.68 -18.06 -44.14
C GLU E 10 -0.80 -19.00 -45.33
N LYS E 11 0.08 -18.87 -46.32
CA LYS E 11 0.05 -19.81 -47.43
C LYS E 11 0.40 -21.22 -46.97
N LEU E 12 1.42 -21.35 -46.11
CA LEU E 12 1.69 -22.69 -45.61
C LEU E 12 0.60 -23.15 -44.67
N PHE E 13 -0.24 -22.25 -44.20
CA PHE E 13 -1.33 -22.74 -43.36
C PHE E 13 -2.57 -23.04 -44.17
N ILE E 14 -2.80 -22.31 -45.25
CA ILE E 14 -3.88 -22.67 -46.16
C ILE E 14 -3.53 -23.99 -46.82
N GLN E 15 -2.24 -24.28 -46.99
CA GLN E 15 -1.84 -25.61 -47.41
C GLN E 15 -2.26 -26.65 -46.39
N LYS E 16 -1.83 -26.49 -45.13
CA LYS E 16 -2.24 -27.45 -44.11
C LYS E 16 -3.75 -27.67 -44.12
N LEU E 17 -4.52 -26.61 -44.31
CA LEU E 17 -5.97 -26.73 -44.39
C LEU E 17 -6.41 -27.52 -45.61
N ARG E 18 -6.01 -27.08 -46.80
CA ARG E 18 -6.53 -27.61 -48.04
C ARG E 18 -6.07 -29.03 -48.31
N GLN E 19 -4.95 -29.44 -47.73
CA GLN E 19 -4.36 -30.76 -47.91
C GLN E 19 -5.18 -31.87 -47.30
N CYS E 20 -6.26 -31.55 -46.59
CA CYS E 20 -7.23 -32.55 -46.21
C CYS E 20 -8.16 -32.91 -47.36
N CYS E 21 -7.83 -32.47 -48.57
CA CYS E 21 -8.70 -32.64 -49.74
C CYS E 21 -8.84 -34.09 -50.16
N VAL E 22 -8.10 -35.02 -49.57
CA VAL E 22 -8.39 -36.44 -49.76
C VAL E 22 -9.51 -36.85 -48.82
N LEU E 23 -10.41 -37.70 -49.31
CA LEU E 23 -11.64 -38.01 -48.61
C LEU E 23 -11.76 -39.51 -48.43
N PHE E 24 -12.10 -39.93 -47.22
CA PHE E 24 -12.24 -41.35 -46.91
C PHE E 24 -13.66 -41.83 -47.18
N ASP E 25 -13.76 -42.98 -47.87
CA ASP E 25 -14.97 -43.79 -47.86
C ASP E 25 -14.88 -44.70 -46.64
N PHE E 26 -15.76 -44.49 -45.67
CA PHE E 26 -15.66 -45.09 -44.35
C PHE E 26 -16.95 -45.80 -43.98
N VAL E 27 -17.50 -46.58 -44.89
CA VAL E 27 -18.68 -47.37 -44.56
C VAL E 27 -18.28 -48.60 -43.74
N SER E 28 -17.42 -49.47 -44.30
CA SER E 28 -16.91 -50.59 -43.51
C SER E 28 -15.42 -50.87 -43.68
N ASP E 29 -14.66 -50.08 -44.43
CA ASP E 29 -13.32 -50.45 -44.86
C ASP E 29 -12.28 -49.41 -44.47
N PRO E 30 -11.78 -49.45 -43.23
CA PRO E 30 -10.66 -48.57 -42.86
C PRO E 30 -9.27 -49.16 -43.02
N LEU E 31 -9.15 -50.43 -43.42
CA LEU E 31 -7.88 -51.15 -43.32
C LEU E 31 -6.76 -50.45 -44.08
N SER E 32 -7.08 -49.77 -45.17
CA SER E 32 -6.09 -49.13 -46.02
C SER E 32 -5.56 -47.86 -45.37
N ASP E 33 -4.42 -47.98 -44.68
CA ASP E 33 -3.66 -46.82 -44.20
C ASP E 33 -4.47 -45.90 -43.28
N LEU E 34 -4.90 -46.45 -42.14
CA LEU E 34 -5.66 -45.69 -41.14
C LEU E 34 -4.90 -44.43 -40.72
N LYS E 35 -3.59 -44.41 -40.94
CA LYS E 35 -2.79 -43.37 -40.34
C LYS E 35 -3.17 -42.01 -40.94
N TRP E 36 -3.59 -41.98 -42.22
CA TRP E 36 -4.05 -40.71 -42.76
C TRP E 36 -5.22 -40.19 -41.95
N LYS E 37 -5.89 -41.06 -41.21
CA LYS E 37 -7.12 -40.69 -40.52
C LYS E 37 -6.71 -40.04 -39.22
N GLU E 38 -5.89 -40.75 -38.44
CA GLU E 38 -5.52 -40.11 -37.19
C GLU E 38 -4.74 -38.82 -37.45
N VAL E 39 -3.86 -38.78 -38.46
CA VAL E 39 -3.12 -37.55 -38.71
C VAL E 39 -4.08 -36.41 -39.06
N LYS E 40 -5.12 -36.69 -39.85
CA LYS E 40 -6.14 -35.68 -40.11
C LYS E 40 -6.73 -35.14 -38.81
N ARG E 41 -7.16 -36.04 -37.93
CA ARG E 41 -7.68 -35.60 -36.64
C ARG E 41 -6.70 -34.68 -35.89
N ALA E 42 -5.43 -35.07 -35.87
CA ALA E 42 -4.43 -34.23 -35.20
C ALA E 42 -4.23 -32.92 -35.93
N ALA E 43 -4.37 -32.94 -37.25
CA ALA E 43 -4.24 -31.74 -38.04
C ALA E 43 -5.29 -30.73 -37.62
N LEU E 44 -6.54 -31.11 -37.75
CA LEU E 44 -7.61 -30.19 -37.36
C LEU E 44 -7.49 -29.75 -35.90
N SER E 45 -7.00 -30.63 -35.01
CA SER E 45 -6.75 -30.21 -33.63
C SER E 45 -5.80 -29.02 -33.59
N GLU E 46 -4.69 -29.15 -34.30
CA GLU E 46 -3.77 -28.01 -34.38
C GLU E 46 -4.47 -26.83 -35.00
N MET E 47 -5.35 -27.07 -35.98
CA MET E 47 -5.91 -25.94 -36.71
C MET E 47 -6.80 -25.14 -35.77
N VAL E 48 -7.53 -25.85 -34.93
CA VAL E 48 -8.51 -25.20 -34.08
C VAL E 48 -7.77 -24.36 -33.05
N GLU E 49 -6.89 -25.00 -32.27
CA GLU E 49 -6.22 -24.18 -31.27
C GLU E 49 -5.32 -23.12 -31.91
N TYR E 50 -4.86 -23.26 -33.16
CA TYR E 50 -4.24 -22.12 -33.85
C TYR E 50 -5.21 -20.96 -34.04
N ILE E 51 -6.43 -21.28 -34.46
CA ILE E 51 -7.42 -20.20 -34.60
C ILE E 51 -7.71 -19.57 -33.27
N THR E 52 -7.63 -20.34 -32.19
CA THR E 52 -7.75 -19.70 -30.89
C THR E 52 -6.48 -18.91 -30.56
N HIS E 53 -5.37 -19.27 -31.20
CA HIS E 53 -4.09 -18.68 -30.88
C HIS E 53 -4.07 -17.23 -31.27
N ASN E 54 -4.30 -16.94 -32.54
CA ASN E 54 -3.93 -15.59 -32.96
C ASN E 54 -5.13 -14.80 -33.46
N ARG E 55 -4.87 -13.59 -33.95
CA ARG E 55 -5.90 -12.68 -34.41
C ARG E 55 -6.06 -12.69 -35.92
N ASN E 56 -4.96 -12.44 -36.64
CA ASN E 56 -4.97 -12.30 -38.10
C ASN E 56 -4.76 -13.66 -38.75
N VAL E 57 -5.84 -14.43 -38.86
CA VAL E 57 -5.66 -15.75 -39.45
C VAL E 57 -6.66 -15.99 -40.57
N ILE E 58 -7.68 -15.13 -40.67
CA ILE E 58 -8.93 -15.56 -41.29
C ILE E 58 -9.23 -14.76 -42.56
N THR E 59 -8.19 -14.29 -43.24
CA THR E 59 -8.35 -13.41 -44.38
C THR E 59 -9.11 -14.08 -45.52
N GLU E 60 -9.49 -13.25 -46.50
CA GLU E 60 -10.40 -13.65 -47.57
C GLU E 60 -10.00 -14.95 -48.26
N PRO E 61 -8.74 -15.16 -48.69
CA PRO E 61 -8.46 -16.23 -49.66
C PRO E 61 -8.90 -17.59 -49.21
N ILE E 62 -9.34 -17.73 -47.96
CA ILE E 62 -9.76 -19.03 -47.44
C ILE E 62 -11.26 -19.16 -47.28
N TYR E 63 -12.02 -18.06 -47.29
CA TYR E 63 -13.44 -18.13 -46.96
C TYR E 63 -14.24 -19.13 -47.80
N PRO E 64 -14.21 -19.04 -49.15
CA PRO E 64 -14.95 -20.04 -49.92
C PRO E 64 -14.31 -21.40 -49.83
N GLU E 65 -13.09 -21.47 -49.32
CA GLU E 65 -12.43 -22.76 -49.18
C GLU E 65 -12.92 -23.46 -47.93
N VAL E 66 -13.01 -22.73 -46.83
CA VAL E 66 -13.56 -23.31 -45.61
C VAL E 66 -14.99 -23.76 -45.85
N VAL E 67 -15.81 -22.90 -46.46
CA VAL E 67 -17.19 -23.32 -46.71
C VAL E 67 -17.25 -24.51 -47.65
N HIS E 68 -16.32 -24.60 -48.60
CA HIS E 68 -16.24 -25.78 -49.46
C HIS E 68 -15.80 -27.01 -48.67
N MET E 69 -14.72 -26.88 -47.90
CA MET E 69 -14.25 -28.00 -47.10
C MET E 69 -15.37 -28.50 -46.18
N PHE E 70 -16.18 -27.59 -45.67
CA PHE E 70 -17.38 -27.98 -44.94
C PHE E 70 -18.25 -28.86 -45.83
N ALA E 71 -18.69 -28.29 -46.96
CA ALA E 71 -19.65 -29.01 -47.77
C ALA E 71 -19.10 -30.38 -48.16
N VAL E 72 -17.83 -30.42 -48.57
CA VAL E 72 -17.26 -31.68 -49.02
C VAL E 72 -17.12 -32.66 -47.88
N ASN E 73 -17.14 -32.16 -46.64
CA ASN E 73 -16.85 -33.07 -45.55
C ASN E 73 -18.11 -33.71 -45.02
N MET E 74 -19.24 -33.01 -45.07
CA MET E 74 -20.45 -33.69 -44.59
C MET E 74 -21.72 -33.53 -45.41
N PHE E 75 -21.70 -32.87 -46.56
CA PHE E 75 -22.94 -32.62 -47.29
C PHE E 75 -23.33 -33.86 -48.07
N ARG E 76 -23.88 -34.85 -47.38
CA ARG E 76 -24.32 -36.06 -48.05
C ARG E 76 -25.47 -36.69 -47.28
N THR E 77 -26.10 -37.66 -47.93
CA THR E 77 -27.32 -38.27 -47.40
C THR E 77 -27.05 -39.08 -46.15
N LEU E 78 -28.12 -39.32 -45.40
CA LEU E 78 -28.24 -40.10 -44.19
C LEU E 78 -29.29 -41.18 -44.39
N PRO E 79 -29.14 -42.35 -43.77
CA PRO E 79 -30.15 -43.41 -43.91
C PRO E 79 -31.43 -43.02 -43.19
N PRO E 80 -32.52 -42.77 -43.91
CA PRO E 80 -33.76 -42.26 -43.33
C PRO E 80 -34.40 -43.21 -42.31
N PRO E 96 -33.13 -43.75 -32.67
CA PRO E 96 -31.92 -43.88 -31.85
C PRO E 96 -30.74 -44.49 -32.61
N THR E 97 -29.96 -43.65 -33.30
CA THR E 97 -28.81 -44.12 -34.05
C THR E 97 -27.69 -43.09 -33.94
N LEU E 98 -26.45 -43.59 -33.91
CA LEU E 98 -25.28 -42.73 -33.75
C LEU E 98 -24.25 -42.96 -34.85
N GLU E 99 -23.08 -42.34 -34.73
CA GLU E 99 -22.07 -42.33 -35.78
C GLU E 99 -20.78 -43.06 -35.37
N ALA E 100 -20.32 -43.93 -36.25
CA ALA E 100 -19.04 -44.62 -36.05
C ALA E 100 -17.88 -43.63 -36.09
N ALA E 101 -17.86 -42.75 -37.10
CA ALA E 101 -16.84 -41.73 -37.34
C ALA E 101 -17.11 -40.47 -36.54
N TRP E 102 -17.95 -40.65 -35.53
CA TRP E 102 -18.52 -39.53 -34.82
C TRP E 102 -17.50 -38.50 -34.37
N PRO E 103 -16.39 -38.84 -33.71
CA PRO E 103 -15.53 -37.76 -33.20
C PRO E 103 -14.85 -36.99 -34.33
N HIS E 104 -15.10 -37.39 -35.55
CA HIS E 104 -14.52 -36.67 -36.67
C HIS E 104 -15.55 -35.65 -37.09
N LEU E 105 -16.76 -36.11 -37.32
CA LEU E 105 -17.75 -35.08 -37.58
C LEU E 105 -17.91 -34.14 -36.38
N GLN E 106 -17.69 -34.63 -35.16
CA GLN E 106 -17.76 -33.76 -33.99
C GLN E 106 -16.62 -32.78 -33.92
N LEU E 107 -15.66 -32.92 -34.79
CA LEU E 107 -14.61 -31.93 -34.74
C LEU E 107 -14.73 -30.98 -35.89
N VAL E 108 -15.05 -31.48 -37.07
CA VAL E 108 -15.34 -30.51 -38.12
C VAL E 108 -16.41 -29.55 -37.63
N TYR E 109 -17.40 -30.06 -36.87
CA TYR E 109 -18.38 -29.16 -36.28
C TYR E 109 -17.74 -28.15 -35.35
N GLU E 110 -17.08 -28.62 -34.27
CA GLU E 110 -16.64 -27.65 -33.29
C GLU E 110 -15.69 -26.63 -33.91
N PHE E 111 -14.89 -27.06 -34.89
CA PHE E 111 -14.04 -26.13 -35.59
C PHE E 111 -14.85 -25.09 -36.32
N PHE E 112 -15.99 -25.49 -36.88
CA PHE E 112 -16.71 -24.53 -37.68
C PHE E 112 -17.42 -23.54 -36.78
N LEU E 113 -18.01 -24.03 -35.70
CA LEU E 113 -18.69 -23.15 -34.76
C LEU E 113 -17.74 -22.07 -34.25
N ARG E 114 -16.58 -22.50 -33.72
CA ARG E 114 -15.60 -21.52 -33.28
C ARG E 114 -15.14 -20.62 -34.42
N PHE E 115 -15.06 -21.15 -35.64
CA PHE E 115 -14.77 -20.31 -36.78
C PHE E 115 -15.83 -19.24 -36.98
N LEU E 116 -17.08 -19.59 -36.72
CA LEU E 116 -18.18 -18.67 -37.01
C LEU E 116 -18.16 -17.52 -36.01
N GLU E 117 -18.19 -17.84 -34.72
CA GLU E 117 -18.25 -16.76 -33.75
C GLU E 117 -16.88 -16.16 -33.43
N SER E 118 -15.89 -16.45 -34.26
CA SER E 118 -14.61 -15.82 -34.14
C SER E 118 -14.74 -14.31 -34.32
N PRO E 119 -13.92 -13.52 -33.64
CA PRO E 119 -14.11 -12.07 -33.67
C PRO E 119 -13.88 -11.47 -35.05
N ASP E 120 -12.88 -11.96 -35.78
CA ASP E 120 -12.40 -11.37 -37.02
C ASP E 120 -13.18 -11.85 -38.24
N PHE E 121 -14.38 -12.38 -38.06
CA PHE E 121 -15.28 -12.73 -39.16
C PHE E 121 -16.08 -11.50 -39.55
N GLN E 122 -15.69 -10.87 -40.69
CA GLN E 122 -16.48 -9.74 -41.19
C GLN E 122 -17.60 -10.17 -42.13
N PRO E 123 -18.82 -9.74 -41.84
CA PRO E 123 -19.96 -10.32 -42.54
C PRO E 123 -19.99 -9.74 -43.94
N ASN E 124 -19.59 -8.46 -44.07
CA ASN E 124 -19.73 -7.83 -45.38
C ASN E 124 -18.92 -8.59 -46.41
N ILE E 125 -17.78 -9.15 -46.00
CA ILE E 125 -17.04 -10.04 -46.89
C ILE E 125 -17.81 -11.33 -47.11
N ALA E 126 -18.09 -12.07 -46.03
CA ALA E 126 -18.65 -13.39 -46.30
C ALA E 126 -20.03 -13.37 -46.93
N LYS E 127 -20.64 -12.20 -47.09
CA LYS E 127 -22.00 -12.08 -47.64
C LYS E 127 -22.16 -12.82 -48.96
N LYS E 128 -21.18 -12.69 -49.86
CA LYS E 128 -21.24 -13.40 -51.14
C LYS E 128 -20.94 -14.88 -51.00
N TYR E 129 -20.26 -15.28 -49.94
CA TYR E 129 -19.91 -16.68 -49.73
C TYR E 129 -20.95 -17.44 -48.94
N ILE E 130 -21.78 -16.74 -48.17
CA ILE E 130 -22.98 -17.34 -47.61
C ILE E 130 -24.02 -17.45 -48.72
N ASP E 131 -24.60 -18.64 -48.88
CA ASP E 131 -25.42 -18.96 -50.04
C ASP E 131 -26.75 -19.59 -49.63
N GLN E 132 -27.80 -19.21 -50.35
CA GLN E 132 -29.14 -19.69 -50.06
C GLN E 132 -29.29 -21.19 -50.35
N LYS E 133 -28.73 -21.68 -51.45
CA LYS E 133 -28.81 -23.12 -51.67
C LYS E 133 -27.91 -23.84 -50.69
N PHE E 134 -26.86 -23.18 -50.24
CA PHE E 134 -26.02 -23.71 -49.19
C PHE E 134 -26.88 -24.00 -47.96
N VAL E 135 -27.50 -22.95 -47.42
CA VAL E 135 -28.28 -23.16 -46.22
C VAL E 135 -29.40 -24.17 -46.45
N LEU E 136 -29.93 -24.28 -47.68
CA LEU E 136 -30.84 -25.39 -47.88
C LEU E 136 -30.15 -26.74 -47.80
N GLN E 137 -28.85 -26.75 -48.13
CA GLN E 137 -28.02 -27.94 -48.04
C GLN E 137 -27.51 -28.13 -46.65
N LEU E 138 -28.09 -27.36 -45.75
CA LEU E 138 -27.80 -27.47 -44.34
C LEU E 138 -29.06 -27.86 -43.59
N LEU E 139 -30.17 -27.20 -43.85
CA LEU E 139 -31.35 -27.49 -43.05
C LEU E 139 -31.83 -28.90 -43.29
N GLU E 140 -31.66 -29.44 -44.52
CA GLU E 140 -32.21 -30.79 -44.67
C GLU E 140 -31.46 -31.83 -43.82
N LEU E 141 -30.33 -31.48 -43.21
CA LEU E 141 -29.65 -32.37 -42.28
C LEU E 141 -30.37 -32.57 -40.96
N PHE E 142 -31.36 -31.75 -40.63
CA PHE E 142 -31.98 -31.93 -39.32
C PHE E 142 -32.85 -33.17 -39.30
N ASP E 143 -33.18 -33.69 -40.48
CA ASP E 143 -33.97 -34.90 -40.55
C ASP E 143 -33.22 -36.10 -39.99
N SER E 144 -31.93 -35.98 -39.67
CA SER E 144 -31.20 -37.18 -39.26
C SER E 144 -31.66 -37.65 -37.88
N GLU E 145 -31.06 -38.77 -37.42
CA GLU E 145 -31.41 -39.36 -36.13
C GLU E 145 -30.26 -39.40 -35.13
N ASP E 146 -29.14 -38.76 -35.40
CA ASP E 146 -28.14 -38.56 -34.36
C ASP E 146 -28.52 -37.33 -33.54
N PRO E 147 -28.79 -37.46 -32.26
CA PRO E 147 -29.07 -36.26 -31.47
C PRO E 147 -27.87 -35.35 -31.37
N ARG E 148 -26.66 -35.90 -31.35
CA ARG E 148 -25.47 -35.09 -31.09
C ARG E 148 -25.30 -34.03 -32.18
N GLU E 149 -25.13 -34.48 -33.42
CA GLU E 149 -25.11 -33.52 -34.50
C GLU E 149 -26.38 -32.70 -34.52
N ARG E 150 -27.53 -33.27 -34.13
CA ARG E 150 -28.70 -32.41 -34.14
C ARG E 150 -28.58 -31.27 -33.14
N ASP E 151 -27.55 -31.32 -32.30
CA ASP E 151 -27.26 -30.22 -31.41
C ASP E 151 -26.32 -29.26 -32.09
N PHE E 152 -25.20 -29.76 -32.56
CA PHE E 152 -24.30 -28.82 -33.21
C PHE E 152 -25.03 -28.08 -34.32
N LEU E 153 -25.80 -28.80 -35.13
CA LEU E 153 -26.60 -28.16 -36.17
C LEU E 153 -27.58 -27.14 -35.59
N LYS E 154 -28.13 -27.39 -34.39
CA LYS E 154 -28.98 -26.37 -33.79
C LYS E 154 -28.17 -25.10 -33.64
N THR E 155 -27.08 -25.20 -32.87
CA THR E 155 -26.39 -24.01 -32.44
C THR E 155 -25.84 -23.26 -33.65
N THR E 156 -25.33 -23.98 -34.64
CA THR E 156 -24.76 -23.31 -35.80
C THR E 156 -25.84 -22.53 -36.56
N LEU E 157 -27.01 -23.14 -36.74
CA LEU E 157 -28.06 -22.39 -37.38
C LEU E 157 -28.41 -21.15 -36.58
N HIS E 158 -28.46 -21.29 -35.25
CA HIS E 158 -28.74 -20.11 -34.46
C HIS E 158 -27.68 -19.04 -34.65
N ARG E 159 -26.46 -19.44 -34.99
CA ARG E 159 -25.48 -18.37 -35.18
C ARG E 159 -25.63 -17.73 -36.53
N ILE E 160 -25.90 -18.53 -37.56
CA ILE E 160 -26.07 -17.92 -38.88
C ILE E 160 -27.23 -16.93 -38.81
N TYR E 161 -28.40 -17.44 -38.45
CA TYR E 161 -29.59 -16.61 -38.40
C TYR E 161 -29.39 -15.41 -37.50
N GLY E 162 -28.41 -15.44 -36.60
CA GLY E 162 -28.22 -14.27 -35.80
C GLY E 162 -27.28 -13.34 -36.53
N LYS E 163 -26.55 -13.88 -37.50
CA LYS E 163 -25.48 -13.07 -38.10
C LYS E 163 -25.78 -12.70 -39.56
N PHE E 164 -27.02 -12.86 -40.03
CA PHE E 164 -27.38 -12.37 -41.35
C PHE E 164 -28.86 -12.01 -41.43
N LEU E 165 -29.21 -11.23 -42.46
CA LEU E 165 -30.54 -10.62 -42.58
C LEU E 165 -31.34 -11.12 -43.77
N GLY E 166 -30.75 -11.09 -44.96
CA GLY E 166 -31.48 -11.56 -46.12
C GLY E 166 -31.81 -13.02 -45.95
N LEU E 167 -30.80 -13.83 -45.68
CA LEU E 167 -31.06 -15.23 -45.49
C LEU E 167 -31.95 -15.42 -44.27
N ARG E 168 -32.05 -14.40 -43.41
CA ARG E 168 -32.88 -14.48 -42.22
C ARG E 168 -34.32 -14.67 -42.65
N ALA E 169 -34.84 -13.70 -43.39
CA ALA E 169 -36.23 -13.86 -43.80
C ALA E 169 -36.38 -14.98 -44.81
N TYR E 170 -35.29 -15.31 -45.52
CA TYR E 170 -35.39 -16.34 -46.52
C TYR E 170 -35.68 -17.67 -45.84
N ILE E 171 -34.84 -18.04 -44.88
CA ILE E 171 -35.03 -19.28 -44.16
C ILE E 171 -36.36 -19.25 -43.44
N ARG E 172 -36.80 -18.09 -42.97
CA ARG E 172 -38.13 -18.05 -42.36
C ARG E 172 -39.16 -18.63 -43.31
N LYS E 173 -39.08 -18.21 -44.58
CA LYS E 173 -40.04 -18.76 -45.54
C LYS E 173 -39.77 -20.23 -45.79
N GLN E 174 -38.51 -20.63 -45.79
CA GLN E 174 -38.18 -22.02 -46.11
C GLN E 174 -38.79 -22.93 -45.06
N ILE E 175 -38.68 -22.53 -43.80
CA ILE E 175 -39.20 -23.38 -42.76
C ILE E 175 -40.71 -23.38 -42.82
N ASN E 176 -41.34 -22.24 -43.14
CA ASN E 176 -42.79 -22.29 -43.27
C ASN E 176 -43.22 -23.29 -44.34
N ASN E 177 -42.40 -23.43 -45.38
CA ASN E 177 -42.59 -24.50 -46.35
C ASN E 177 -42.57 -25.86 -45.68
N ILE E 178 -41.49 -26.12 -44.94
CA ILE E 178 -41.37 -27.40 -44.24
C ILE E 178 -42.58 -27.65 -43.35
N PHE E 179 -42.94 -26.64 -42.56
CA PHE E 179 -44.13 -26.67 -41.72
C PHE E 179 -45.34 -27.20 -42.48
N TYR E 180 -45.69 -26.51 -43.56
CA TYR E 180 -46.82 -26.91 -44.38
C TYR E 180 -46.72 -28.38 -44.76
N ARG E 181 -45.61 -28.72 -45.43
CA ARG E 181 -45.42 -30.08 -45.95
C ARG E 181 -45.42 -31.11 -44.85
N PHE E 182 -45.12 -30.69 -43.62
CA PHE E 182 -45.05 -31.62 -42.51
C PHE E 182 -46.44 -31.83 -41.94
N ILE E 183 -47.10 -30.73 -41.56
CA ILE E 183 -48.31 -30.87 -40.77
C ILE E 183 -49.40 -31.52 -41.60
N TYR E 184 -49.45 -31.24 -42.90
CA TYR E 184 -50.66 -31.65 -43.61
C TYR E 184 -50.73 -33.15 -43.88
N GLU E 185 -49.65 -33.87 -43.65
CA GLU E 185 -49.60 -35.32 -43.80
C GLU E 185 -48.58 -35.84 -42.79
N THR E 186 -48.15 -37.09 -42.95
CA THR E 186 -47.64 -37.92 -41.87
C THR E 186 -46.12 -37.93 -41.80
N GLU E 187 -45.48 -36.82 -42.18
CA GLU E 187 -44.02 -36.70 -42.13
C GLU E 187 -43.48 -37.01 -40.75
N HIS E 188 -42.68 -38.07 -40.67
CA HIS E 188 -41.97 -38.41 -39.44
C HIS E 188 -40.62 -37.69 -39.40
N HIS E 189 -40.70 -36.36 -39.50
CA HIS E 189 -39.48 -35.57 -39.63
C HIS E 189 -38.54 -35.73 -38.45
N ASN E 190 -39.09 -35.92 -37.25
CA ASN E 190 -38.33 -36.33 -36.07
C ASN E 190 -37.17 -35.39 -35.72
N GLY E 191 -37.15 -34.18 -36.25
CA GLY E 191 -36.08 -33.23 -35.96
C GLY E 191 -36.58 -31.82 -35.76
N ILE E 192 -37.84 -31.73 -35.35
CA ILE E 192 -38.55 -30.45 -35.30
C ILE E 192 -38.06 -29.60 -34.13
N ALA E 193 -37.87 -30.21 -32.95
CA ALA E 193 -37.71 -29.40 -31.75
C ALA E 193 -36.63 -28.34 -31.94
N GLU E 194 -35.64 -28.61 -32.76
CA GLU E 194 -34.46 -27.75 -32.77
C GLU E 194 -34.83 -26.44 -33.44
N LEU E 195 -35.87 -26.49 -34.24
CA LEU E 195 -36.26 -25.23 -34.80
C LEU E 195 -37.26 -24.62 -33.87
N LEU E 196 -38.03 -25.43 -33.14
CA LEU E 196 -38.99 -24.73 -32.27
C LEU E 196 -38.22 -23.84 -31.31
N GLU E 197 -37.03 -24.27 -30.90
CA GLU E 197 -36.18 -23.39 -30.09
C GLU E 197 -35.63 -22.20 -30.88
N ILE E 198 -35.16 -22.41 -32.11
CA ILE E 198 -34.71 -21.19 -32.79
C ILE E 198 -35.88 -20.22 -32.93
N LEU E 199 -37.09 -20.77 -33.09
CA LEU E 199 -38.28 -19.94 -33.12
C LEU E 199 -38.40 -19.13 -31.84
N GLY E 200 -38.43 -19.81 -30.71
CA GLY E 200 -38.62 -19.10 -29.47
C GLY E 200 -37.64 -17.96 -29.30
N SER E 201 -36.38 -18.18 -29.73
CA SER E 201 -35.42 -17.09 -29.68
C SER E 201 -35.87 -15.93 -30.55
N ILE E 202 -36.56 -16.24 -31.62
CA ILE E 202 -36.96 -15.16 -32.51
C ILE E 202 -38.15 -14.44 -31.91
N ILE E 203 -39.18 -15.20 -31.57
CA ILE E 203 -40.44 -14.61 -31.16
C ILE E 203 -40.21 -13.78 -29.91
N ASN E 204 -39.15 -14.08 -29.15
CA ASN E 204 -38.75 -13.13 -28.11
C ASN E 204 -38.24 -11.86 -28.75
N GLY E 205 -37.38 -11.99 -29.76
CA GLY E 205 -36.80 -10.77 -30.29
C GLY E 205 -37.68 -10.01 -31.28
N PHE E 206 -38.74 -9.38 -30.78
CA PHE E 206 -39.70 -8.65 -31.61
C PHE E 206 -40.10 -7.34 -30.93
N ALA E 207 -40.74 -6.47 -31.71
CA ALA E 207 -41.31 -5.23 -31.17
C ALA E 207 -42.56 -4.87 -31.96
N LEU E 208 -43.73 -5.24 -31.44
CA LEU E 208 -44.99 -4.85 -32.06
C LEU E 208 -45.36 -3.43 -31.65
N PRO E 209 -46.19 -2.73 -32.43
CA PRO E 209 -46.92 -3.14 -33.64
C PRO E 209 -45.98 -3.46 -34.80
N LEU E 210 -46.36 -4.42 -35.63
CA LEU E 210 -45.47 -4.94 -36.66
C LEU E 210 -46.32 -5.55 -37.76
N LYS E 211 -45.64 -6.20 -38.72
CA LYS E 211 -46.33 -6.88 -39.79
C LYS E 211 -47.03 -8.12 -39.25
N GLU E 212 -48.24 -8.35 -39.73
CA GLU E 212 -48.97 -9.51 -39.22
C GLU E 212 -48.41 -10.82 -39.73
N GLU E 213 -47.52 -10.80 -40.72
CA GLU E 213 -47.00 -12.03 -41.31
C GLU E 213 -46.70 -13.13 -40.28
N HIS E 214 -46.01 -12.78 -39.20
CA HIS E 214 -45.61 -13.76 -38.20
C HIS E 214 -46.83 -14.41 -37.58
N LYS E 215 -47.66 -13.60 -36.92
CA LYS E 215 -48.85 -14.08 -36.24
C LYS E 215 -49.80 -14.76 -37.21
N ILE E 216 -49.77 -14.30 -38.46
CA ILE E 216 -50.56 -14.92 -39.52
C ILE E 216 -50.07 -16.34 -39.77
N PHE E 217 -48.77 -16.52 -39.98
CA PHE E 217 -48.27 -17.86 -40.21
C PHE E 217 -48.42 -18.75 -38.98
N LEU E 218 -48.68 -18.12 -37.83
CA LEU E 218 -48.98 -18.90 -36.64
C LEU E 218 -50.43 -19.37 -36.64
N LEU E 219 -51.37 -18.46 -36.79
CA LEU E 219 -52.75 -18.89 -36.95
C LEU E 219 -52.96 -19.69 -38.24
N LYS E 220 -52.00 -19.67 -39.16
CA LYS E 220 -52.08 -20.49 -40.37
C LYS E 220 -51.69 -21.93 -40.10
N VAL E 221 -50.52 -22.17 -39.53
CA VAL E 221 -50.08 -23.55 -39.37
C VAL E 221 -49.72 -23.93 -37.94
N LEU E 222 -49.41 -22.97 -37.08
CA LEU E 222 -48.81 -23.30 -35.79
C LEU E 222 -49.81 -24.00 -34.89
N LEU E 223 -50.97 -23.39 -34.70
CA LEU E 223 -52.01 -24.02 -33.90
C LEU E 223 -52.72 -25.16 -34.62
N PRO E 224 -53.01 -25.05 -35.92
CA PRO E 224 -53.57 -26.21 -36.63
C PRO E 224 -52.68 -27.42 -36.51
N LEU E 225 -51.45 -27.19 -36.08
CA LEU E 225 -50.48 -28.27 -35.94
C LEU E 225 -51.04 -29.33 -35.03
N HIS E 226 -51.80 -28.94 -34.01
CA HIS E 226 -52.21 -29.88 -32.98
C HIS E 226 -53.11 -30.98 -33.53
N LYS E 227 -53.47 -30.93 -34.82
CA LYS E 227 -54.15 -32.08 -35.39
C LYS E 227 -53.26 -33.33 -35.32
N VAL E 228 -51.96 -33.11 -35.18
CA VAL E 228 -50.91 -34.10 -35.10
C VAL E 228 -51.06 -34.90 -33.82
N LYS E 229 -50.36 -36.03 -33.78
CA LYS E 229 -50.45 -37.06 -32.75
C LYS E 229 -49.00 -37.31 -32.31
N SER E 230 -48.82 -38.06 -31.21
CA SER E 230 -47.49 -38.36 -30.68
C SER E 230 -46.87 -37.15 -29.98
N LEU E 231 -47.72 -36.23 -29.53
CA LEU E 231 -47.33 -34.88 -29.19
C LEU E 231 -46.26 -34.85 -28.12
N SER E 232 -46.01 -35.98 -27.46
CA SER E 232 -45.11 -35.96 -26.33
C SER E 232 -43.74 -35.50 -26.78
N VAL E 233 -43.40 -35.78 -28.05
CA VAL E 233 -42.01 -35.54 -28.45
C VAL E 233 -41.72 -34.08 -28.76
N TYR E 234 -42.76 -33.23 -28.89
CA TYR E 234 -42.56 -31.81 -29.15
C TYR E 234 -43.48 -30.89 -28.33
N HIS E 235 -44.17 -31.45 -27.35
CA HIS E 235 -45.17 -30.67 -26.62
C HIS E 235 -44.53 -29.60 -25.77
N PRO E 236 -43.49 -29.86 -24.98
CA PRO E 236 -43.05 -28.84 -24.03
C PRO E 236 -42.62 -27.61 -24.80
N GLN E 237 -41.72 -27.79 -25.75
CA GLN E 237 -41.16 -26.63 -26.43
C GLN E 237 -42.24 -25.87 -27.17
N LEU E 238 -43.20 -26.58 -27.81
CA LEU E 238 -44.26 -25.81 -28.47
C LEU E 238 -45.05 -24.99 -27.46
N ALA E 239 -45.26 -25.53 -26.26
CA ALA E 239 -45.94 -24.75 -25.23
C ALA E 239 -45.13 -23.52 -24.83
N TYR E 240 -43.81 -23.68 -24.73
CA TYR E 240 -42.97 -22.54 -24.45
C TYR E 240 -42.97 -21.57 -25.61
N CYS E 241 -43.29 -22.06 -26.79
CA CYS E 241 -43.40 -21.19 -27.94
C CYS E 241 -44.64 -20.35 -27.80
N VAL E 242 -45.78 -20.98 -27.57
CA VAL E 242 -47.03 -20.23 -27.53
C VAL E 242 -46.98 -19.19 -26.41
N VAL E 243 -46.27 -19.47 -25.31
CA VAL E 243 -46.18 -18.44 -24.28
C VAL E 243 -45.21 -17.32 -24.66
N GLN E 244 -44.05 -17.66 -25.24
CA GLN E 244 -43.21 -16.62 -25.80
C GLN E 244 -43.93 -15.88 -26.89
N PHE E 245 -44.99 -16.48 -27.39
CA PHE E 245 -45.77 -15.90 -28.46
C PHE E 245 -46.59 -14.80 -27.84
N LEU E 246 -47.30 -15.15 -26.77
CA LEU E 246 -48.19 -14.16 -26.21
C LEU E 246 -47.38 -12.99 -25.71
N GLU E 247 -46.44 -13.20 -24.80
CA GLU E 247 -45.83 -12.02 -24.17
C GLU E 247 -45.12 -11.18 -25.24
N LYS E 248 -45.22 -9.83 -25.18
CA LYS E 248 -46.37 -8.94 -25.03
C LYS E 248 -47.39 -9.06 -26.15
N ASP E 249 -47.03 -9.80 -27.21
CA ASP E 249 -47.85 -9.98 -28.39
C ASP E 249 -49.20 -10.47 -27.93
N SER E 250 -49.26 -10.91 -26.68
CA SER E 250 -50.41 -11.52 -26.06
C SER E 250 -51.67 -10.72 -26.25
N THR E 251 -51.60 -9.40 -26.50
CA THR E 251 -52.94 -8.81 -26.68
C THR E 251 -53.67 -9.44 -27.88
N LEU E 252 -52.90 -10.13 -28.71
CA LEU E 252 -53.18 -10.93 -29.90
C LEU E 252 -53.79 -12.24 -29.52
N THR E 253 -54.14 -12.26 -28.24
CA THR E 253 -54.81 -13.30 -27.49
C THR E 253 -56.29 -13.26 -27.80
N GLU E 254 -56.87 -12.07 -28.08
CA GLU E 254 -58.30 -12.14 -28.38
C GLU E 254 -58.61 -13.19 -29.43
N PRO E 255 -57.98 -13.24 -30.61
CA PRO E 255 -58.42 -14.23 -31.61
C PRO E 255 -58.01 -15.67 -31.30
N VAL E 256 -57.17 -15.94 -30.31
CA VAL E 256 -56.80 -17.32 -30.00
C VAL E 256 -58.00 -18.11 -29.51
N VAL E 257 -59.07 -17.40 -29.17
CA VAL E 257 -60.27 -17.95 -28.55
C VAL E 257 -60.91 -19.00 -29.44
N MET E 258 -61.05 -20.21 -28.91
CA MET E 258 -61.58 -21.47 -29.43
C MET E 258 -60.65 -22.22 -30.37
N ALA E 259 -59.45 -21.71 -30.67
CA ALA E 259 -58.65 -22.33 -31.71
C ALA E 259 -58.41 -23.80 -31.37
N LEU E 260 -57.75 -24.07 -30.24
CA LEU E 260 -57.55 -25.46 -29.86
C LEU E 260 -58.90 -26.13 -29.62
N LEU E 261 -59.89 -25.35 -29.21
CA LEU E 261 -61.19 -25.90 -28.88
C LEU E 261 -61.78 -26.60 -30.09
N LYS E 262 -61.70 -25.97 -31.26
CA LYS E 262 -62.12 -26.67 -32.46
C LYS E 262 -61.11 -27.74 -32.84
N TYR E 263 -59.82 -27.51 -32.53
CA TYR E 263 -58.86 -28.57 -32.77
C TYR E 263 -58.82 -29.56 -31.63
N TRP E 264 -59.84 -29.51 -30.78
CA TRP E 264 -59.91 -30.41 -29.64
C TRP E 264 -60.01 -31.86 -30.11
N PRO E 265 -59.35 -32.78 -29.44
CA PRO E 265 -59.43 -34.19 -29.84
C PRO E 265 -60.84 -34.71 -29.65
N LYS E 266 -61.09 -35.94 -30.07
CA LYS E 266 -62.42 -36.52 -30.07
C LYS E 266 -62.54 -37.74 -29.17
N THR E 267 -61.52 -38.57 -29.11
CA THR E 267 -61.57 -39.85 -28.42
C THR E 267 -60.98 -39.69 -27.01
N HIS E 268 -61.00 -40.79 -26.26
CA HIS E 268 -60.51 -40.80 -24.90
C HIS E 268 -59.03 -41.15 -24.90
N SER E 269 -58.21 -40.27 -24.35
CA SER E 269 -56.78 -40.57 -24.33
C SER E 269 -55.93 -39.65 -23.45
N PRO E 270 -54.83 -40.19 -22.92
CA PRO E 270 -53.91 -39.30 -22.21
C PRO E 270 -53.38 -38.20 -23.10
N LYS E 271 -53.62 -38.25 -24.42
CA LYS E 271 -53.34 -37.09 -25.24
C LYS E 271 -54.20 -35.94 -24.76
N GLU E 272 -55.51 -36.19 -24.64
CA GLU E 272 -56.41 -35.16 -24.17
C GLU E 272 -56.02 -34.70 -22.79
N VAL E 273 -55.66 -35.63 -21.90
CA VAL E 273 -55.33 -35.12 -20.57
C VAL E 273 -54.00 -34.36 -20.53
N MET E 274 -53.05 -34.68 -21.40
CA MET E 274 -51.88 -33.82 -21.57
C MET E 274 -52.26 -32.45 -22.08
N PHE E 275 -53.22 -32.40 -23.01
CA PHE E 275 -53.65 -31.11 -23.53
C PHE E 275 -54.40 -30.32 -22.48
N LEU E 276 -55.09 -31.02 -21.58
CA LEU E 276 -55.61 -30.38 -20.38
C LEU E 276 -54.49 -29.80 -19.53
N ASN E 277 -53.46 -30.60 -19.24
CA ASN E 277 -52.30 -30.08 -18.52
C ASN E 277 -51.72 -28.84 -19.17
N GLU E 278 -51.76 -28.81 -20.50
CA GLU E 278 -51.38 -27.61 -21.23
C GLU E 278 -52.34 -26.47 -20.92
N LEU E 279 -53.62 -26.70 -21.17
CA LEU E 279 -54.60 -25.62 -21.04
C LEU E 279 -54.57 -25.10 -19.61
N GLU E 280 -54.27 -25.97 -18.65
CA GLU E 280 -54.14 -25.58 -17.26
C GLU E 280 -52.93 -24.69 -17.06
N GLU E 281 -51.89 -24.88 -17.87
CA GLU E 281 -50.69 -24.07 -17.70
C GLU E 281 -50.63 -22.91 -18.69
N ILE E 282 -51.77 -22.54 -19.27
CA ILE E 282 -51.80 -21.39 -20.16
C ILE E 282 -52.73 -20.28 -19.68
N LEU E 283 -53.65 -20.55 -18.74
CA LEU E 283 -54.52 -19.48 -18.24
C LEU E 283 -53.76 -18.65 -17.22
N ASP E 284 -52.88 -17.80 -17.71
CA ASP E 284 -52.00 -17.03 -16.86
C ASP E 284 -51.94 -15.55 -17.18
N VAL E 285 -52.34 -15.13 -18.37
CA VAL E 285 -52.17 -13.74 -18.81
C VAL E 285 -53.53 -13.13 -19.15
N ILE E 286 -54.59 -13.61 -18.49
CA ILE E 286 -55.91 -13.06 -18.74
C ILE E 286 -55.97 -11.61 -18.30
N GLU E 287 -56.71 -10.80 -19.06
CA GLU E 287 -57.01 -9.40 -18.76
C GLU E 287 -58.49 -9.17 -19.06
N PRO E 288 -59.25 -8.64 -18.10
CA PRO E 288 -60.71 -8.67 -18.19
C PRO E 288 -61.35 -7.87 -19.33
N SER E 289 -60.57 -7.12 -20.11
CA SER E 289 -61.20 -6.25 -21.11
C SER E 289 -61.89 -7.08 -22.20
N GLU E 290 -61.13 -7.91 -22.89
CA GLU E 290 -61.71 -8.83 -23.85
C GLU E 290 -62.14 -10.13 -23.19
N PHE E 291 -61.78 -10.32 -21.92
CA PHE E 291 -62.16 -11.52 -21.19
C PHE E 291 -63.67 -11.61 -21.03
N VAL E 292 -64.40 -10.54 -21.35
CA VAL E 292 -65.85 -10.62 -21.35
C VAL E 292 -66.30 -11.68 -22.33
N LYS E 293 -65.77 -11.65 -23.55
CA LYS E 293 -66.34 -12.47 -24.60
C LYS E 293 -65.88 -13.91 -24.53
N ILE E 294 -64.94 -14.24 -23.64
CA ILE E 294 -64.31 -15.54 -23.69
C ILE E 294 -64.65 -16.44 -22.51
N MET E 295 -64.96 -15.89 -21.33
CA MET E 295 -65.25 -16.78 -20.21
C MET E 295 -66.42 -17.70 -20.53
N GLU E 296 -67.35 -17.24 -21.37
CA GLU E 296 -68.47 -18.10 -21.74
C GLU E 296 -68.07 -19.20 -22.70
N PRO E 297 -67.50 -18.94 -23.88
CA PRO E 297 -67.03 -20.04 -24.73
C PRO E 297 -65.98 -20.92 -24.07
N LEU E 298 -65.24 -20.38 -23.11
CA LEU E 298 -64.44 -21.21 -22.21
C LEU E 298 -65.29 -22.25 -21.53
N PHE E 299 -66.31 -21.80 -20.79
CA PHE E 299 -67.11 -22.77 -20.07
C PHE E 299 -68.02 -23.59 -20.98
N ARG E 300 -68.26 -23.14 -22.20
CA ARG E 300 -69.03 -23.91 -23.18
C ARG E 300 -68.35 -25.21 -23.57
N GLN E 301 -67.07 -25.36 -23.25
CA GLN E 301 -66.40 -26.66 -23.31
C GLN E 301 -65.91 -27.12 -21.95
N LEU E 302 -65.25 -26.25 -21.19
CA LEU E 302 -64.70 -26.64 -19.90
C LEU E 302 -65.80 -27.13 -18.97
N ALA E 303 -66.82 -26.31 -18.75
CA ALA E 303 -67.93 -26.82 -17.96
C ALA E 303 -68.74 -27.87 -18.70
N LYS E 304 -68.51 -28.03 -20.01
CA LYS E 304 -69.31 -28.91 -20.84
C LYS E 304 -68.52 -30.11 -21.34
N CYS E 305 -67.37 -30.42 -20.74
CA CYS E 305 -66.65 -31.62 -21.10
C CYS E 305 -66.78 -32.71 -20.05
N VAL E 306 -67.73 -32.58 -19.13
CA VAL E 306 -67.98 -33.64 -18.17
C VAL E 306 -68.44 -34.91 -18.87
N SER E 307 -69.03 -34.76 -20.07
CA SER E 307 -69.49 -35.86 -20.92
C SER E 307 -68.35 -36.62 -21.56
N SER E 308 -67.12 -36.28 -21.21
CA SER E 308 -65.96 -37.01 -21.71
C SER E 308 -66.00 -38.43 -21.19
N PRO E 309 -65.43 -39.39 -21.93
CA PRO E 309 -65.42 -40.78 -21.50
C PRO E 309 -64.28 -41.15 -20.56
N HIS E 310 -63.54 -40.18 -20.05
CA HIS E 310 -62.50 -40.53 -19.09
C HIS E 310 -63.15 -40.85 -17.74
N PHE E 311 -62.41 -41.58 -16.91
CA PHE E 311 -62.77 -41.70 -15.51
C PHE E 311 -62.23 -40.54 -14.67
N GLN E 312 -61.39 -39.68 -15.25
CA GLN E 312 -60.82 -38.54 -14.55
C GLN E 312 -61.65 -37.25 -14.61
N VAL E 313 -62.56 -37.10 -15.58
CA VAL E 313 -63.24 -35.81 -15.71
C VAL E 313 -64.03 -35.43 -14.47
N ALA E 314 -64.20 -36.39 -13.56
CA ALA E 314 -64.88 -36.22 -12.26
C ALA E 314 -64.18 -35.17 -11.41
N GLU E 315 -62.91 -34.93 -11.66
CA GLU E 315 -62.22 -33.86 -10.97
C GLU E 315 -61.38 -33.10 -11.98
N ARG E 316 -61.51 -33.45 -13.26
CA ARG E 316 -60.81 -32.70 -14.29
C ARG E 316 -61.55 -31.40 -14.54
N ALA E 317 -62.86 -31.49 -14.81
CA ALA E 317 -63.56 -30.28 -15.20
C ALA E 317 -63.71 -29.24 -14.08
N LEU E 318 -63.20 -29.49 -12.88
CA LEU E 318 -63.40 -28.57 -11.76
C LEU E 318 -62.08 -28.13 -11.12
N TYR E 319 -61.07 -27.82 -11.92
CA TYR E 319 -59.79 -27.35 -11.38
C TYR E 319 -59.64 -25.83 -11.40
N TYR E 320 -60.75 -25.09 -11.28
CA TYR E 320 -60.69 -23.64 -11.48
C TYR E 320 -61.50 -22.86 -10.45
N TRP E 321 -62.07 -23.54 -9.45
CA TRP E 321 -62.58 -22.92 -8.24
C TRP E 321 -61.49 -22.77 -7.18
N ASN E 322 -60.21 -22.81 -7.57
CA ASN E 322 -59.13 -23.02 -6.62
C ASN E 322 -57.96 -22.06 -6.76
N ASN E 323 -57.94 -21.19 -7.76
CA ASN E 323 -56.78 -20.34 -7.97
C ASN E 323 -56.86 -19.15 -7.01
N GLU E 324 -55.98 -18.16 -7.19
CA GLU E 324 -56.10 -16.90 -6.47
C GLU E 324 -56.92 -15.90 -7.28
N TYR E 325 -56.49 -15.62 -8.50
CA TYR E 325 -57.21 -14.63 -9.26
C TYR E 325 -58.23 -15.26 -10.19
N ILE E 326 -58.05 -16.49 -10.64
CA ILE E 326 -59.13 -17.12 -11.39
C ILE E 326 -60.40 -17.14 -10.54
N MET E 327 -60.28 -17.54 -9.26
CA MET E 327 -61.42 -17.43 -8.35
C MET E 327 -61.88 -15.99 -8.17
N SER E 328 -60.94 -15.04 -8.02
CA SER E 328 -61.40 -13.66 -7.87
C SER E 328 -62.10 -13.16 -9.13
N LEU E 329 -61.72 -13.68 -10.30
CA LEU E 329 -62.45 -13.44 -11.55
C LEU E 329 -63.84 -14.06 -11.49
N ILE E 330 -63.95 -15.23 -10.85
CA ILE E 330 -65.27 -15.81 -10.66
C ILE E 330 -66.08 -14.95 -9.69
N SER E 331 -65.41 -14.07 -8.94
CA SER E 331 -66.10 -13.11 -8.09
C SER E 331 -65.83 -11.67 -8.51
N ASP E 332 -65.17 -11.45 -9.64
CA ASP E 332 -64.93 -10.10 -10.15
C ASP E 332 -66.15 -9.56 -10.91
N ASN E 333 -66.55 -10.26 -11.97
CA ASN E 333 -67.53 -9.82 -12.94
C ASN E 333 -68.55 -10.92 -13.21
N ALA E 334 -69.03 -11.54 -12.15
CA ALA E 334 -69.84 -12.75 -12.23
C ALA E 334 -71.27 -12.46 -12.68
N ALA E 335 -71.54 -11.23 -13.11
CA ALA E 335 -72.86 -10.79 -13.56
C ALA E 335 -73.31 -11.47 -14.85
N LYS E 336 -72.51 -12.37 -15.42
CA LYS E 336 -72.88 -13.09 -16.64
C LYS E 336 -72.67 -14.60 -16.54
N ILE E 337 -71.84 -15.09 -15.63
CA ILE E 337 -71.61 -16.53 -15.49
C ILE E 337 -72.36 -17.11 -14.30
N LEU E 338 -73.07 -16.28 -13.54
CA LEU E 338 -73.61 -16.71 -12.25
C LEU E 338 -74.58 -17.89 -12.34
N PRO E 339 -75.56 -17.92 -13.24
CA PRO E 339 -76.43 -19.11 -13.32
C PRO E 339 -75.75 -20.32 -13.98
N ILE E 340 -74.75 -20.11 -14.82
CA ILE E 340 -74.13 -21.22 -15.54
C ILE E 340 -73.24 -22.03 -14.62
N MET E 341 -72.50 -21.38 -13.73
CA MET E 341 -71.70 -22.10 -12.75
C MET E 341 -72.63 -22.89 -11.82
N PHE E 342 -72.48 -24.21 -11.82
CA PHE E 342 -73.44 -25.09 -11.17
C PHE E 342 -73.47 -24.82 -9.67
N PRO E 343 -74.61 -24.42 -9.10
CA PRO E 343 -74.79 -24.21 -7.66
C PRO E 343 -74.95 -25.53 -6.90
N ILE F 1 -3.93 52.17 15.96
CA ILE F 1 -4.04 52.11 14.51
C ILE F 1 -3.34 50.86 13.99
N ARG F 2 -4.07 50.05 13.21
CA ARG F 2 -3.51 48.82 12.66
C ARG F 2 -4.48 48.24 11.66
N ASP F 3 -3.95 47.35 10.80
CA ASP F 3 -4.72 46.63 9.79
C ASP F 3 -3.94 45.37 9.44
N VAL F 4 -4.35 44.70 8.37
CA VAL F 4 -3.60 43.54 7.89
C VAL F 4 -3.03 43.81 6.51
N PRO F 6 -9.90 45.27 5.08
CA PRO F 6 -8.75 44.74 4.33
C PRO F 6 -9.01 44.73 2.84
N ALA F 7 -8.50 45.72 2.12
CA ALA F 7 -8.77 45.79 0.69
C ALA F 7 -7.71 45.13 -0.18
N ASP F 8 -6.58 44.70 0.39
CA ASP F 8 -5.53 44.03 -0.37
C ASP F 8 -4.97 44.92 -1.47
N GLN F 9 -4.65 46.17 -1.12
CA GLN F 9 -4.02 47.09 -2.05
C GLN F 9 -2.65 47.56 -1.58
N GLU F 10 -1.63 47.24 -2.38
CA GLU F 10 -0.29 47.58 -1.99
C GLU F 10 -0.18 49.07 -1.68
N LYS F 11 -1.09 49.90 -2.20
CA LYS F 11 -1.05 51.30 -1.84
C LYS F 11 -1.37 51.48 -0.36
N LEU F 12 -2.36 50.75 0.15
CA LEU F 12 -2.61 50.84 1.58
C LEU F 12 -1.48 50.22 2.39
N PHE F 13 -0.64 49.43 1.73
CA PHE F 13 0.47 48.91 2.52
C PHE F 13 1.69 49.80 2.42
N ILE F 14 1.88 50.47 1.29
CA ILE F 14 2.94 51.47 1.23
C ILE F 14 2.58 52.62 2.15
N GLN F 15 1.29 52.88 2.35
CA GLN F 15 0.88 53.80 3.41
C GLN F 15 1.36 53.32 4.77
N LYS F 16 0.98 52.10 5.16
CA LYS F 16 1.45 51.58 6.44
C LYS F 16 2.95 51.73 6.60
N LEU F 17 3.70 51.47 5.53
CA LEU F 17 5.15 51.63 5.56
C LEU F 17 5.56 53.08 5.77
N ARG F 18 5.12 53.96 4.88
CA ARG F 18 5.60 55.34 4.84
C ARG F 18 5.15 56.15 6.03
N GLN F 19 4.05 55.76 6.67
CA GLN F 19 3.48 56.47 7.81
C GLN F 19 4.34 56.40 9.06
N CYS F 20 5.44 55.63 9.03
CA CYS F 20 6.44 55.72 10.07
C CYS F 20 7.34 56.94 9.89
N CYS F 21 6.97 57.85 8.99
CA CYS F 21 7.80 59.00 8.64
C CYS F 21 7.97 59.99 9.77
N VAL F 22 7.26 59.83 10.89
CA VAL F 22 7.58 60.61 12.08
C VAL F 22 8.73 59.93 12.82
N LEU F 23 9.64 60.74 13.35
CA LEU F 23 10.90 60.27 13.89
C LEU F 23 11.05 60.74 15.33
N PHE F 24 11.44 59.82 16.21
CA PHE F 24 11.61 60.14 17.62
C PHE F 24 13.03 60.62 17.90
N ASP F 25 13.13 61.72 18.65
CA ASP F 25 14.36 62.08 19.35
C ASP F 25 14.32 61.36 20.69
N PHE F 26 15.22 60.40 20.88
CA PHE F 26 15.17 59.45 21.99
C PHE F 26 16.48 59.44 22.76
N VAL F 27 17.02 60.61 23.06
CA VAL F 27 18.22 60.66 23.88
C VAL F 27 17.86 60.44 25.35
N SER F 28 17.01 61.29 25.93
CA SER F 28 16.54 61.05 27.28
C SER F 28 15.05 61.29 27.51
N ASP F 29 14.26 61.62 26.50
CA ASP F 29 12.91 62.15 26.68
C ASP F 29 11.86 61.34 25.94
N PRO F 30 11.39 60.24 26.51
CA PRO F 30 10.27 59.50 25.92
C PRO F 30 8.88 59.87 26.42
N LEU F 31 8.79 60.77 27.40
CA LEU F 31 7.53 60.98 28.14
C LEU F 31 6.37 61.33 27.21
N SER F 32 6.65 62.04 26.13
CA SER F 32 5.62 62.52 25.22
C SER F 32 5.08 61.37 24.36
N ASP F 33 3.97 60.78 24.80
CA ASP F 33 3.20 59.83 23.99
C ASP F 33 4.03 58.63 23.50
N LEU F 34 4.51 57.84 24.48
CA LEU F 34 5.28 56.63 24.19
C LEU F 34 4.52 55.70 23.26
N LYS F 35 3.20 55.86 23.17
CA LYS F 35 2.40 54.86 22.50
C LYS F 35 2.74 54.84 21.02
N TRP F 36 3.11 55.99 20.44
CA TRP F 36 3.53 55.96 19.04
C TRP F 36 4.70 55.03 18.87
N LYS F 37 5.43 54.75 19.96
CA LYS F 37 6.67 53.99 19.87
C LYS F 37 6.29 52.53 19.84
N GLU F 38 5.52 52.10 20.82
CA GLU F 38 5.17 50.69 20.78
C GLU F 38 4.36 50.36 19.53
N VAL F 39 3.45 51.24 19.11
CA VAL F 39 2.67 50.94 17.90
C VAL F 39 3.59 50.80 16.69
N LYS F 40 4.61 51.66 16.58
CA LYS F 40 5.60 51.49 15.53
C LYS F 40 6.23 50.11 15.54
N ARG F 41 6.71 49.69 16.71
CA ARG F 41 7.26 48.34 16.84
C ARG F 41 6.29 47.27 16.35
N ALA F 42 5.02 47.39 16.76
CA ALA F 42 4.02 46.41 16.31
C ALA F 42 3.80 46.51 14.82
N ALA F 43 3.87 47.71 14.28
CA ALA F 43 3.68 47.92 12.86
C ALA F 43 4.72 47.16 12.09
N LEU F 44 5.99 47.47 12.33
CA LEU F 44 7.05 46.78 11.61
C LEU F 44 6.99 45.28 11.83
N SER F 45 6.56 44.81 13.01
CA SER F 45 6.38 43.38 13.21
C SER F 45 5.40 42.80 12.18
N GLU F 46 4.25 43.46 12.05
CA GLU F 46 3.30 43.03 11.03
C GLU F 46 3.92 43.13 9.65
N MET F 47 4.76 44.15 9.42
CA MET F 47 5.25 44.36 8.07
C MET F 47 6.13 43.19 7.71
N VAL F 48 6.88 42.73 8.70
CA VAL F 48 7.89 41.71 8.47
C VAL F 48 7.18 40.41 8.14
N GLU F 49 6.33 39.96 9.06
CA GLU F 49 5.66 38.71 8.73
C GLU F 49 4.73 38.81 7.52
N TYR F 50 4.25 40.00 7.14
CA TYR F 50 3.58 40.12 5.84
C TYR F 50 4.53 39.83 4.68
N ILE F 51 5.75 40.36 4.76
CA ILE F 51 6.71 40.05 3.70
C ILE F 51 7.02 38.58 3.69
N THR F 52 6.98 37.92 4.85
CA THR F 52 7.13 36.49 4.82
C THR F 52 5.86 35.83 4.27
N HIS F 53 4.74 36.54 4.35
CA HIS F 53 3.46 35.95 3.97
C HIS F 53 3.43 35.69 2.49
N ASN F 54 3.61 36.73 1.69
CA ASN F 54 3.22 36.53 0.29
C ASN F 54 4.40 36.70 -0.66
N ARG F 55 4.10 36.62 -1.96
CA ARG F 55 5.10 36.67 -3.00
C ARG F 55 5.20 38.06 -3.63
N ASN F 56 4.08 38.57 -4.13
CA ASN F 56 4.03 39.83 -4.86
C ASN F 56 3.80 40.98 -3.90
N VAL F 57 4.88 41.44 -3.27
CA VAL F 57 4.70 42.50 -2.30
C VAL F 57 5.68 43.65 -2.57
N ILE F 58 6.69 43.41 -3.41
CA ILE F 58 7.94 44.17 -3.32
C ILE F 58 8.16 44.98 -4.59
N THR F 59 7.08 45.39 -5.25
CA THR F 59 7.17 46.05 -6.54
C THR F 59 7.92 47.38 -6.44
N GLU F 60 8.24 47.92 -7.62
CA GLU F 60 9.13 49.08 -7.75
C GLU F 60 8.76 50.25 -6.85
N PRO F 61 7.50 50.70 -6.80
CA PRO F 61 7.22 52.03 -6.21
C PRO F 61 7.72 52.20 -4.81
N ILE F 62 8.21 51.14 -4.18
CA ILE F 62 8.67 51.21 -2.80
C ILE F 62 10.18 51.15 -2.67
N TYR F 63 10.91 50.72 -3.69
CA TYR F 63 12.35 50.47 -3.54
C TYR F 63 13.14 51.66 -3.01
N PRO F 64 13.07 52.85 -3.65
CA PRO F 64 13.80 53.98 -3.08
C PRO F 64 13.19 54.45 -1.79
N GLU F 65 11.99 54.01 -1.48
CA GLU F 65 11.37 54.41 -0.23
C GLU F 65 11.92 53.58 0.91
N VAL F 66 12.02 52.27 0.71
CA VAL F 66 12.61 51.43 1.73
C VAL F 66 14.04 51.86 2.00
N VAL F 67 14.82 52.07 0.94
CA VAL F 67 16.21 52.50 1.17
C VAL F 67 16.26 53.86 1.86
N HIS F 68 15.30 54.73 1.56
CA HIS F 68 15.23 55.99 2.28
C HIS F 68 14.82 55.80 3.73
N MET F 69 13.77 55.03 3.98
CA MET F 69 13.35 54.75 5.35
C MET F 69 14.49 54.16 6.16
N PHE F 70 15.30 53.33 5.52
CA PHE F 70 16.53 52.85 6.14
C PHE F 70 17.39 54.04 6.53
N ALA F 71 17.78 54.83 5.54
CA ALA F 71 18.74 55.89 5.82
C ALA F 71 18.20 56.81 6.91
N VAL F 72 16.92 57.17 6.82
CA VAL F 72 16.35 58.11 7.78
C VAL F 72 16.28 57.47 9.16
N ASN F 73 16.32 56.14 9.23
CA ASN F 73 16.08 55.53 10.52
C ASN F 73 17.36 55.35 11.29
N MET F 74 18.48 55.13 10.60
CA MET F 74 19.71 54.99 11.38
C MET F 74 20.96 55.68 10.85
N PHE F 75 20.89 56.45 9.77
CA PHE F 75 22.10 57.03 9.20
C PHE F 75 22.49 58.28 9.98
N ARG F 76 23.07 58.07 11.16
CA ARG F 76 23.50 59.20 11.96
C ARG F 76 24.68 58.79 12.83
N THR F 77 25.31 59.80 13.43
CA THR F 77 26.56 59.60 14.16
C THR F 77 26.36 58.80 15.42
N LEU F 78 27.47 58.25 15.91
CA LEU F 78 27.64 57.45 17.11
C LEU F 78 28.70 58.11 17.99
N PRO F 79 28.59 58.02 19.31
CA PRO F 79 29.61 58.61 20.18
C PRO F 79 30.90 57.82 20.10
N PRO F 80 31.97 58.41 19.54
CA PRO F 80 33.23 57.71 19.28
C PRO F 80 33.91 57.19 20.53
N PRO F 96 32.96 48.61 25.13
CA PRO F 96 31.78 47.90 25.63
C PRO F 96 30.59 48.82 25.90
N THR F 97 29.77 49.08 24.88
CA THR F 97 28.60 49.94 25.01
C THR F 97 27.47 49.38 24.17
N LEU F 98 26.23 49.55 24.67
CA LEU F 98 25.07 49.01 23.99
C LEU F 98 24.00 50.09 23.77
N GLU F 99 22.82 49.70 23.28
CA GLU F 99 21.78 50.63 22.87
C GLU F 99 20.53 50.55 23.74
N ALA F 100 20.05 51.70 24.19
CA ALA F 100 18.80 51.78 24.93
C ALA F 100 17.61 51.38 24.05
N ALA F 101 17.54 51.93 22.84
CA ALA F 101 16.50 51.70 21.83
C ALA F 101 16.78 50.45 21.01
N TRP F 102 17.64 49.62 21.59
CA TRP F 102 18.22 48.52 20.83
C TRP F 102 17.19 47.66 20.12
N PRO F 103 16.11 47.17 20.74
CA PRO F 103 15.25 46.25 20.00
C PRO F 103 14.52 46.92 18.86
N HIS F 104 14.73 48.21 18.71
CA HIS F 104 14.10 48.91 17.60
C HIS F 104 15.08 48.89 16.47
N LEU F 105 16.31 49.32 16.75
CA LEU F 105 17.25 49.14 15.66
C LEU F 105 17.42 47.67 15.31
N GLN F 106 17.26 46.76 16.29
CA GLN F 106 17.36 45.34 15.98
C GLN F 106 16.20 44.83 15.14
N LEU F 107 15.22 45.67 14.94
CA LEU F 107 14.14 45.19 14.10
C LEU F 107 14.20 45.84 12.74
N VAL F 108 14.52 47.13 12.69
CA VAL F 108 14.75 47.68 11.36
C VAL F 108 15.82 46.85 10.66
N TYR F 109 16.82 46.39 11.41
CA TYR F 109 17.80 45.50 10.81
C TYR F 109 17.16 44.22 10.31
N GLU F 110 16.56 43.42 11.22
CA GLU F 110 16.12 42.10 10.75
C GLU F 110 15.13 42.23 9.60
N PHE F 111 14.31 43.28 9.61
CA PHE F 111 13.42 43.50 8.49
C PHE F 111 14.19 43.75 7.22
N PHE F 112 15.31 44.45 7.32
CA PHE F 112 15.99 44.79 6.08
C PHE F 112 16.71 43.57 5.54
N LEU F 113 17.35 42.81 6.43
CA LEU F 113 18.04 41.60 5.99
C LEU F 113 17.08 40.67 5.26
N ARG F 114 15.94 40.35 5.89
CA ARG F 114 14.95 39.52 5.22
C ARG F 114 14.44 40.16 3.95
N PHE F 115 14.34 41.50 3.91
CA PHE F 115 14.00 42.18 2.68
C PHE F 115 15.03 41.92 1.60
N LEU F 116 16.29 41.86 1.99
CA LEU F 116 17.36 41.76 1.01
C LEU F 116 17.35 40.37 0.37
N GLU F 117 17.43 39.33 1.20
CA GLU F 117 17.49 37.99 0.61
C GLU F 117 16.14 37.44 0.23
N SER F 118 15.14 38.29 0.18
CA SER F 118 13.83 37.89 -0.30
C SER F 118 13.94 37.44 -1.76
N PRO F 119 13.12 36.47 -2.16
CA PRO F 119 13.28 35.90 -3.50
C PRO F 119 13.01 36.89 -4.61
N ASP F 120 11.99 37.73 -4.45
CA ASP F 120 11.46 38.61 -5.49
C ASP F 120 12.22 39.93 -5.59
N PHE F 121 13.44 40.00 -5.07
CA PHE F 121 14.30 41.17 -5.23
C PHE F 121 15.07 41.02 -6.53
N GLN F 122 14.65 41.79 -7.57
CA GLN F 122 15.39 41.79 -8.82
C GLN F 122 16.50 42.85 -8.86
N PRO F 123 17.72 42.43 -9.16
CA PRO F 123 18.85 43.32 -8.96
C PRO F 123 18.83 44.35 -10.07
N ASN F 124 18.42 43.93 -11.28
CA ASN F 124 18.50 44.86 -12.40
C ASN F 124 17.67 46.10 -12.12
N ILE F 125 16.56 45.95 -11.39
CA ILE F 125 15.81 47.11 -10.94
C ILE F 125 16.59 47.86 -9.88
N ALA F 126 16.91 47.18 -8.77
CA ALA F 126 17.49 48.01 -7.71
C ALA F 126 18.86 48.60 -8.04
N LYS F 127 19.46 48.24 -9.18
CA LYS F 127 20.78 48.73 -9.55
C LYS F 127 20.93 50.24 -9.45
N LYS F 128 19.92 50.99 -9.92
CA LYS F 128 19.97 52.45 -9.82
C LYS F 128 19.69 52.93 -8.41
N TYR F 129 19.06 52.13 -7.59
CA TYR F 129 18.72 52.52 -6.23
C TYR F 129 19.80 52.16 -5.23
N ILE F 130 20.63 51.17 -5.55
CA ILE F 130 21.86 50.94 -4.81
C ILE F 130 22.88 52.01 -5.20
N ASP F 131 23.46 52.66 -4.19
CA ASP F 131 24.26 53.86 -4.41
C ASP F 131 25.60 53.77 -3.71
N GLN F 132 26.64 54.28 -4.39
CA GLN F 132 27.99 54.25 -3.86
C GLN F 132 28.16 55.14 -2.63
N LYS F 133 27.57 56.34 -2.63
CA LYS F 133 27.67 57.15 -1.42
C LYS F 133 26.81 56.55 -0.32
N PHE F 134 25.77 55.84 -0.72
CA PHE F 134 24.96 55.09 0.24
C PHE F 134 25.86 54.12 0.98
N VAL F 135 26.47 53.20 0.25
CA VAL F 135 27.31 52.21 0.92
C VAL F 135 28.43 52.87 1.71
N LEU F 136 28.92 54.04 1.27
CA LEU F 136 29.85 54.71 2.17
C LEU F 136 29.18 55.19 3.46
N GLN F 137 27.88 55.47 3.36
CA GLN F 137 27.08 55.88 4.50
C GLN F 137 26.60 54.69 5.27
N LEU F 138 27.16 53.56 4.93
CA LEU F 138 26.91 52.32 5.64
C LEU F 138 28.19 51.81 6.28
N LEU F 139 29.30 51.79 5.52
CA LEU F 139 30.49 51.19 6.11
C LEU F 139 30.99 52.03 7.27
N GLU F 140 30.82 53.35 7.22
CA GLU F 140 31.39 54.07 8.37
C GLU F 140 30.69 53.72 9.69
N LEU F 141 29.59 52.99 9.68
CA LEU F 141 28.96 52.51 10.90
C LEU F 141 29.72 51.39 11.61
N PHE F 142 30.71 50.78 10.96
CA PHE F 142 31.38 49.69 11.64
C PHE F 142 32.27 50.20 12.75
N ASP F 143 32.57 51.49 12.73
CA ASP F 143 33.38 52.09 13.77
C ASP F 143 32.68 52.06 15.12
N SER F 144 31.39 51.68 15.18
CA SER F 144 30.70 51.80 16.46
C SER F 144 31.21 50.76 17.46
N GLU F 145 30.65 50.79 18.67
CA GLU F 145 31.05 49.89 19.75
C GLU F 145 29.93 48.97 20.24
N ASP F 146 28.80 48.91 19.57
CA ASP F 146 27.83 47.87 19.85
C ASP F 146 28.20 46.62 19.06
N PRO F 147 28.51 45.50 19.70
CA PRO F 147 28.78 44.30 18.92
C PRO F 147 27.57 43.81 18.16
N ARG F 148 26.37 43.99 18.73
CA ARG F 148 25.17 43.41 18.13
C ARG F 148 24.93 43.96 16.73
N GLU F 149 24.74 45.28 16.64
CA GLU F 149 24.67 45.87 15.33
C GLU F 149 25.92 45.57 14.53
N ARG F 150 27.08 45.46 15.17
CA ARG F 150 28.24 45.15 14.35
C ARG F 150 28.13 43.77 13.73
N ASP F 151 27.15 42.99 14.15
CA ASP F 151 26.88 41.71 13.54
C ASP F 151 25.89 41.90 12.41
N PHE F 152 24.76 42.51 12.70
CA PHE F 152 23.82 42.69 11.60
C PHE F 152 24.52 43.41 10.43
N LEU F 153 25.26 44.47 10.73
CA LEU F 153 26.03 45.16 9.71
C LEU F 153 27.00 44.24 8.98
N LYS F 154 27.60 43.28 9.70
CA LYS F 154 28.46 42.33 9.00
C LYS F 154 27.65 41.63 7.94
N THR F 155 26.62 40.93 8.39
CA THR F 155 25.95 40.01 7.48
C THR F 155 25.33 40.77 6.32
N THR F 156 24.76 41.95 6.59
CA THR F 156 24.13 42.68 5.50
C THR F 156 25.15 43.11 4.46
N LEU F 157 26.32 43.58 4.90
CA LEU F 157 27.34 43.91 3.92
C LEU F 157 27.70 42.68 3.10
N HIS F 158 27.80 41.53 3.76
CA HIS F 158 28.09 40.32 3.03
C HIS F 158 27.01 40.00 2.00
N ARG F 159 25.79 40.45 2.25
CA ARG F 159 24.77 40.16 1.25
C ARG F 159 24.90 41.12 0.09
N ILE F 160 25.19 42.38 0.39
CA ILE F 160 25.34 43.35 -0.69
C ILE F 160 26.45 42.88 -1.61
N TYR F 161 27.64 42.73 -1.03
CA TYR F 161 28.81 42.33 -1.80
C TYR F 161 28.57 41.03 -2.53
N GLY F 162 27.59 40.23 -2.10
CA GLY F 162 27.37 39.02 -2.84
C GLY F 162 26.39 39.30 -3.95
N LYS F 163 25.67 40.40 -3.84
CA LYS F 163 24.58 40.62 -4.77
C LYS F 163 24.83 41.79 -5.72
N PHE F 164 26.06 42.29 -5.80
CA PHE F 164 26.37 43.31 -6.82
C PHE F 164 27.84 43.23 -7.24
N LEU F 165 28.14 43.86 -8.40
CA LEU F 165 29.44 43.72 -9.06
C LEU F 165 30.22 45.03 -9.11
N GLY F 166 29.58 46.09 -9.59
CA GLY F 166 30.28 47.36 -9.68
C GLY F 166 30.66 47.81 -8.29
N LEU F 167 29.67 47.86 -7.40
CA LEU F 167 29.95 48.27 -6.04
C LEU F 167 30.90 47.27 -5.41
N ARG F 168 30.98 46.07 -5.98
CA ARG F 168 31.86 45.03 -5.44
C ARG F 168 33.29 45.53 -5.49
N ALA F 169 33.76 45.81 -6.71
CA ALA F 169 35.14 46.27 -6.78
C ALA F 169 35.29 47.66 -6.18
N TYR F 170 34.19 48.42 -6.14
CA TYR F 170 34.28 49.77 -5.62
C TYR F 170 34.61 49.70 -4.13
N ILE F 171 33.80 48.97 -3.38
CA ILE F 171 34.04 48.84 -1.95
C ILE F 171 35.40 48.20 -1.71
N ARG F 172 35.83 47.28 -2.60
CA ARG F 172 37.18 46.74 -2.41
C ARG F 172 38.18 47.88 -2.32
N LYS F 173 38.05 48.86 -3.22
CA LYS F 173 38.99 49.97 -3.15
C LYS F 173 38.75 50.81 -1.92
N GLN F 174 37.49 50.94 -1.52
CA GLN F 174 37.19 51.82 -0.38
C GLN F 174 37.84 51.26 0.86
N ILE F 175 37.75 49.95 1.04
CA ILE F 175 38.33 49.37 2.23
C ILE F 175 39.84 49.45 2.17
N ASN F 176 40.43 49.27 0.97
CA ASN F 176 41.89 49.45 0.92
C ASN F 176 42.30 50.84 1.37
N ASN F 177 41.45 51.83 1.08
CA ASN F 177 41.63 53.16 1.63
C ASN F 177 41.65 53.12 3.15
N ILE F 178 40.61 52.54 3.74
CA ILE F 178 40.54 52.44 5.19
C ILE F 178 41.77 51.76 5.75
N PHE F 179 42.14 50.63 5.15
CA PHE F 179 43.36 49.90 5.50
C PHE F 179 44.54 50.83 5.62
N TYR F 180 44.85 51.53 4.53
CA TYR F 180 45.97 52.47 4.52
C TYR F 180 45.88 53.41 5.69
N ARG F 181 44.76 54.16 5.77
CA ARG F 181 44.59 55.19 6.78
C ARG F 181 44.65 54.61 8.18
N PHE F 182 44.37 53.32 8.32
CA PHE F 182 44.35 52.71 9.62
C PHE F 182 45.75 52.29 10.02
N ILE F 183 46.40 51.51 9.17
CA ILE F 183 47.64 50.85 9.58
C ILE F 183 48.72 51.90 9.79
N TYR F 184 48.73 52.97 8.97
CA TYR F 184 49.92 53.81 9.01
C TYR F 184 50.02 54.68 10.25
N GLU F 185 48.97 54.76 11.04
CA GLU F 185 48.94 55.50 12.29
C GLU F 185 47.96 54.79 13.22
N THR F 186 47.55 55.45 14.30
CA THR F 186 47.09 54.81 15.52
C THR F 186 45.57 54.74 15.61
N GLU F 187 44.90 54.61 14.46
CA GLU F 187 43.45 54.48 14.41
C GLU F 187 42.95 53.36 15.30
N HIS F 188 42.16 53.71 16.31
CA HIS F 188 41.51 52.73 17.16
C HIS F 188 40.15 52.36 16.56
N HIS F 189 40.18 51.89 15.31
CA HIS F 189 38.94 51.66 14.58
C HIS F 189 38.05 50.63 15.25
N ASN F 190 38.65 49.63 15.91
CA ASN F 190 37.95 48.71 16.81
C ASN F 190 36.78 47.97 16.15
N GLY F 191 36.72 47.94 14.81
CA GLY F 191 35.65 47.25 14.11
C GLY F 191 36.13 46.48 12.90
N ILE F 192 37.41 46.13 12.94
CA ILE F 192 38.09 45.54 11.79
C ILE F 192 37.64 44.10 11.54
N ALA F 193 37.53 43.30 12.60
CA ALA F 193 37.41 41.87 12.40
C ALA F 193 36.30 41.53 11.40
N GLU F 194 35.27 42.38 11.33
CA GLU F 194 34.06 42.03 10.58
C GLU F 194 34.35 42.13 9.10
N LEU F 195 35.37 42.87 8.76
CA LEU F 195 35.67 42.89 7.36
C LEU F 195 36.66 41.79 7.14
N LEU F 196 37.48 41.46 8.13
CA LEU F 196 38.42 40.40 7.84
C LEU F 196 37.66 39.14 7.46
N GLU F 197 36.49 38.91 8.07
CA GLU F 197 35.69 37.76 7.63
C GLU F 197 35.11 37.97 6.23
N ILE F 198 34.60 39.16 5.94
CA ILE F 198 34.10 39.27 4.55
C ILE F 198 35.25 39.04 3.58
N LEU F 199 36.46 39.42 3.98
CA LEU F 199 37.64 39.15 3.17
C LEU F 199 37.78 37.66 2.95
N GLY F 200 37.86 36.90 4.05
CA GLY F 200 38.08 35.48 3.90
C GLY F 200 37.07 34.83 2.98
N SER F 201 35.82 35.29 3.04
CA SER F 201 34.83 34.76 2.11
C SER F 201 35.23 35.05 0.68
N ILE F 202 35.90 36.18 0.48
CA ILE F 202 36.23 36.54 -0.89
C ILE F 202 37.42 35.70 -1.33
N ILE F 203 38.48 35.76 -0.52
CA ILE F 203 39.74 35.15 -0.92
C ILE F 203 39.53 33.66 -1.13
N ASN F 204 38.51 33.07 -0.51
CA ASN F 204 38.12 31.72 -0.92
C ASN F 204 37.56 31.75 -2.32
N GLY F 205 36.67 32.70 -2.60
CA GLY F 205 36.04 32.65 -3.91
C GLY F 205 36.88 33.23 -5.03
N PHE F 206 37.96 32.54 -5.41
CA PHE F 206 38.87 32.99 -6.46
C PHE F 206 39.28 31.83 -7.36
N ALA F 207 39.88 32.18 -8.50
CA ALA F 207 40.46 31.18 -9.40
C ALA F 207 41.68 31.79 -10.09
N LEU F 208 42.87 31.53 -9.56
CA LEU F 208 44.10 31.97 -10.21
C LEU F 208 44.47 30.98 -11.32
N PRO F 209 45.26 31.42 -12.32
CA PRO F 209 45.92 32.71 -12.50
C PRO F 209 44.94 33.86 -12.67
N LEU F 210 45.31 35.04 -12.18
CA LEU F 210 44.40 36.17 -12.12
C LEU F 210 45.23 37.45 -12.06
N LYS F 211 44.54 38.57 -11.84
CA LYS F 211 45.21 39.85 -11.70
C LYS F 211 45.94 39.90 -10.38
N GLU F 212 47.15 40.46 -10.39
CA GLU F 212 47.92 40.49 -9.17
C GLU F 212 47.37 41.50 -8.17
N GLU F 213 46.44 42.37 -8.58
CA GLU F 213 45.93 43.41 -7.69
C GLU F 213 45.69 42.95 -6.26
N HIS F 214 45.03 41.79 -6.09
CA HIS F 214 44.69 41.30 -4.76
C HIS F 214 45.95 41.04 -3.95
N LYS F 215 46.77 40.11 -4.44
CA LYS F 215 48.00 39.73 -3.76
C LYS F 215 48.92 40.92 -3.59
N ILE F 216 48.85 41.87 -4.52
CA ILE F 216 49.60 43.10 -4.44
C ILE F 216 49.14 43.92 -3.25
N PHE F 217 47.84 44.15 -3.12
CA PHE F 217 47.36 44.92 -1.98
C PHE F 217 47.56 44.17 -0.68
N LEU F 218 47.86 42.89 -0.76
CA LEU F 218 48.21 42.12 0.43
C LEU F 218 49.66 42.36 0.82
N LEU F 219 50.58 42.14 -0.11
CA LEU F 219 51.95 42.50 0.18
C LEU F 219 52.15 44.00 0.35
N LYS F 220 51.16 44.81 -0.02
CA LYS F 220 51.21 46.25 0.21
C LYS F 220 50.86 46.61 1.65
N VAL F 221 49.70 46.16 2.13
CA VAL F 221 49.28 46.59 3.46
C VAL F 221 48.98 45.45 4.41
N LEU F 222 48.68 44.25 3.92
CA LEU F 222 48.12 43.22 4.78
C LEU F 222 49.16 42.71 5.77
N LEU F 223 50.32 42.31 5.27
CA LEU F 223 51.39 41.85 6.14
C LEU F 223 52.10 43.01 6.86
N PRO F 224 52.35 44.15 6.20
CA PRO F 224 52.91 45.29 6.93
C PRO F 224 52.06 45.66 8.12
N LEU F 225 50.82 45.16 8.13
CA LEU F 225 49.89 45.47 9.19
C LEU F 225 50.49 45.09 10.52
N HIS F 226 51.28 44.03 10.57
CA HIS F 226 51.74 43.49 11.84
C HIS F 226 52.64 44.48 12.59
N LYS F 227 52.95 45.63 11.98
CA LYS F 227 53.63 46.66 12.78
C LYS F 227 52.76 47.09 13.96
N VAL F 228 51.47 46.84 13.85
CA VAL F 228 50.43 47.17 14.83
C VAL F 228 50.64 46.33 16.08
N LYS F 229 49.96 46.74 17.16
CA LYS F 229 50.11 46.23 18.51
C LYS F 229 48.69 45.90 18.98
N SER F 230 48.57 45.18 20.09
CA SER F 230 47.27 44.77 20.64
C SER F 230 46.63 43.65 19.82
N LEU F 231 47.47 42.92 19.11
CA LEU F 231 47.04 42.06 18.00
C LEU F 231 45.99 41.07 18.43
N SER F 232 45.82 40.86 19.73
CA SER F 232 44.96 39.79 20.17
C SER F 232 43.55 40.00 19.67
N VAL F 233 43.16 41.27 19.48
CA VAL F 233 41.74 41.48 19.21
C VAL F 233 41.34 41.11 17.78
N TYR F 234 42.31 40.93 16.86
CA TYR F 234 42.04 40.53 15.48
C TYR F 234 43.02 39.48 14.97
N HIS F 235 43.82 38.89 15.83
CA HIS F 235 44.89 37.99 15.42
C HIS F 235 44.30 36.71 14.85
N PRO F 236 43.29 36.09 15.47
CA PRO F 236 42.90 34.77 14.98
C PRO F 236 42.44 34.94 13.55
N GLN F 237 41.51 35.87 13.36
CA GLN F 237 40.87 35.98 12.07
C GLN F 237 41.90 36.31 11.00
N LEU F 238 42.87 37.18 11.31
CA LEU F 238 43.89 37.43 10.30
C LEU F 238 44.69 36.17 9.99
N ALA F 239 44.94 35.34 11.00
CA ALA F 239 45.63 34.09 10.69
C ALA F 239 44.81 33.22 9.75
N TYR F 240 43.50 33.20 9.97
CA TYR F 240 42.65 32.46 9.06
C TYR F 240 42.59 33.11 7.69
N CYS F 241 42.85 34.40 7.63
CA CYS F 241 42.85 35.03 6.32
C CYS F 241 44.08 34.58 5.57
N VAL F 242 45.24 34.70 6.20
CA VAL F 242 46.47 34.37 5.48
C VAL F 242 46.47 32.90 5.04
N VAL F 243 45.81 32.03 5.80
CA VAL F 243 45.75 30.64 5.32
C VAL F 243 44.75 30.48 4.17
N GLN F 244 43.59 31.13 4.26
CA GLN F 244 42.71 31.16 3.10
C GLN F 244 43.40 31.83 1.93
N PHE F 245 44.44 32.59 2.21
CA PHE F 245 45.16 33.29 1.17
C PHE F 245 45.99 32.27 0.45
N LEU F 246 46.77 31.53 1.21
CA LEU F 246 47.69 30.60 0.57
C LEU F 246 46.89 29.57 -0.21
N GLU F 247 46.01 28.82 0.44
CA GLU F 247 45.43 27.66 -0.25
C GLU F 247 44.66 28.12 -1.49
N LYS F 248 44.73 27.38 -2.62
CA LYS F 248 45.88 26.83 -3.34
C LYS F 248 46.82 27.91 -3.86
N ASP F 249 46.40 29.17 -3.73
CA ASP F 249 47.15 30.33 -4.21
C ASP F 249 48.53 30.24 -3.63
N SER F 250 48.68 29.38 -2.63
CA SER F 250 49.86 29.21 -1.81
C SER F 250 51.10 28.95 -2.63
N THR F 251 51.01 28.49 -3.89
CA THR F 251 52.34 28.38 -4.51
C THR F 251 53.00 29.76 -4.56
N LEU F 252 52.20 30.77 -4.33
CA LEU F 252 52.35 32.22 -4.25
C LEU F 252 52.99 32.56 -2.95
N THR F 253 53.46 31.48 -2.33
CA THR F 253 54.20 31.38 -1.10
C THR F 253 55.64 31.78 -1.34
N GLU F 254 56.17 31.56 -2.55
CA GLU F 254 57.58 31.95 -2.70
C GLU F 254 57.85 33.35 -2.17
N PRO F 255 57.10 34.40 -2.54
CA PRO F 255 57.49 35.74 -2.10
C PRO F 255 57.19 36.03 -0.62
N VAL F 256 56.35 35.24 0.06
CA VAL F 256 56.04 35.51 1.47
C VAL F 256 57.29 35.41 2.34
N VAL F 257 58.35 34.84 1.79
CA VAL F 257 59.58 34.53 2.50
C VAL F 257 60.22 35.79 3.05
N MET F 258 60.41 35.81 4.36
CA MET F 258 60.96 36.82 5.28
C MET F 258 60.03 37.97 5.62
N ALA F 259 58.82 38.01 5.08
CA ALA F 259 58.00 39.21 5.25
C ALA F 259 57.81 39.50 6.73
N LEU F 260 57.20 38.57 7.47
CA LEU F 260 57.04 38.80 8.89
C LEU F 260 58.41 38.89 9.55
N LEU F 261 59.39 38.20 8.98
CA LEU F 261 60.71 38.16 9.57
C LEU F 261 61.29 39.56 9.69
N LYS F 262 61.16 40.36 8.64
CA LYS F 262 61.56 41.76 8.77
C LYS F 262 60.55 42.51 9.61
N TYR F 263 59.27 42.11 9.58
CA TYR F 263 58.30 42.74 10.46
C TYR F 263 58.32 42.12 11.84
N TRP F 264 59.38 41.36 12.12
CA TRP F 264 59.51 40.70 13.41
C TRP F 264 59.60 41.74 14.52
N PRO F 265 58.98 41.50 15.66
CA PRO F 265 59.07 42.47 16.76
C PRO F 265 60.49 42.60 17.27
N LYS F 266 60.71 43.52 18.18
CA LYS F 266 62.04 43.84 18.68
C LYS F 266 62.21 43.59 20.17
N THR F 267 61.19 43.84 20.98
CA THR F 267 61.30 43.78 22.42
C THR F 267 60.80 42.42 22.91
N HIS F 268 60.87 42.21 24.22
CA HIS F 268 60.48 40.96 24.84
C HIS F 268 59.00 41.04 25.19
N SER F 269 58.20 40.13 24.64
CA SER F 269 56.78 40.18 24.98
C SER F 269 55.95 38.97 24.56
N PRO F 270 54.89 38.68 25.31
CA PRO F 270 53.98 37.64 24.85
C PRO F 270 53.38 37.97 23.50
N LYS F 271 53.56 39.20 23.00
CA LYS F 271 53.23 39.47 21.60
C LYS F 271 54.08 38.57 20.73
N GLU F 272 55.39 38.58 20.97
CA GLU F 272 56.29 37.75 20.19
C GLU F 272 55.94 36.28 20.37
N VAL F 273 55.65 35.86 21.60
CA VAL F 273 55.36 34.42 21.69
C VAL F 273 54.00 34.05 21.06
N MET F 274 53.04 34.98 21.02
CA MET F 274 51.85 34.74 20.21
C MET F 274 52.19 34.63 18.73
N PHE F 275 53.12 35.46 18.28
CA PHE F 275 53.52 35.40 16.87
C PHE F 275 54.28 34.13 16.58
N LEU F 276 55.01 33.62 17.56
CA LEU F 276 55.53 32.27 17.48
C LEU F 276 54.43 31.23 17.34
N ASN F 277 53.42 31.30 18.20
CA ASN F 277 52.25 30.42 18.08
C ASN F 277 51.64 30.49 16.68
N GLU F 278 51.66 31.67 16.10
CA GLU F 278 51.24 31.81 14.71
C GLU F 278 52.20 31.08 13.79
N LEU F 279 53.47 31.44 13.84
CA LEU F 279 54.42 30.89 12.90
C LEU F 279 54.45 29.37 13.01
N GLU F 280 54.19 28.86 14.22
CA GLU F 280 54.08 27.43 14.45
C GLU F 280 52.85 26.87 13.75
N GLU F 281 51.80 27.66 13.62
CA GLU F 281 50.58 27.15 13.00
C GLU F 281 50.48 27.56 11.53
N ILE F 282 51.59 27.95 10.92
CA ILE F 282 51.58 28.29 9.50
C ILE F 282 52.51 27.40 8.68
N LEU F 283 53.46 26.68 9.29
CA LEU F 283 54.32 25.79 8.51
C LEU F 283 53.57 24.50 8.21
N ASP F 284 52.65 24.59 7.24
CA ASP F 284 51.78 23.49 6.91
C ASP F 284 51.70 23.16 5.43
N VAL F 285 52.08 24.08 4.54
CA VAL F 285 51.90 23.90 3.11
C VAL F 285 53.24 23.98 2.39
N ILE F 286 54.31 23.56 3.08
CA ILE F 286 55.62 23.56 2.43
C ILE F 286 55.63 22.55 1.28
N GLU F 287 56.32 22.91 0.21
CA GLU F 287 56.60 22.05 -0.94
C GLU F 287 58.07 22.26 -1.33
N PRO F 288 58.84 21.18 -1.43
CA PRO F 288 60.30 21.30 -1.49
C PRO F 288 60.86 22.01 -2.72
N SER F 289 60.04 22.38 -3.71
CA SER F 289 60.61 22.95 -4.94
C SER F 289 61.27 24.30 -4.67
N GLU F 290 60.50 25.26 -4.18
CA GLU F 290 61.06 26.54 -3.76
C GLU F 290 61.53 26.49 -2.31
N PHE F 291 61.16 25.43 -1.59
CA PHE F 291 61.57 25.29 -0.21
C PHE F 291 63.09 25.19 -0.07
N VAL F 292 63.80 25.02 -1.19
CA VAL F 292 65.25 25.06 -1.14
C VAL F 292 65.71 26.41 -0.60
N LYS F 293 65.16 27.49 -1.14
CA LYS F 293 65.75 28.79 -0.87
C LYS F 293 65.32 29.34 0.47
N ILE F 294 64.40 28.69 1.17
CA ILE F 294 63.79 29.29 2.34
C ILE F 294 64.18 28.59 3.65
N MET F 295 64.49 27.31 3.64
CA MET F 295 64.81 26.67 4.91
C MET F 295 66.01 27.34 5.58
N GLU F 296 66.91 27.91 4.77
CA GLU F 296 68.04 28.63 5.36
C GLU F 296 67.65 29.96 5.97
N PRO F 297 67.06 30.91 5.24
CA PRO F 297 66.61 32.15 5.91
C PRO F 297 65.60 31.92 7.01
N LEU F 298 64.85 30.81 6.95
CA LEU F 298 64.08 30.33 8.10
C LEU F 298 64.98 30.15 9.31
N PHE F 299 66.00 29.31 9.18
CA PHE F 299 66.85 29.05 10.34
C PHE F 299 67.76 30.23 10.67
N ARG F 300 67.95 31.17 9.74
CA ARG F 300 68.71 32.38 10.01
C ARG F 300 68.05 33.27 11.04
N GLN F 301 66.78 33.02 11.37
CA GLN F 301 66.13 33.60 12.54
C GLN F 301 65.70 32.55 13.54
N LEU F 302 65.04 31.48 13.08
CA LEU F 302 64.54 30.45 13.99
C LEU F 302 65.67 29.83 14.78
N ALA F 303 66.70 29.32 14.10
CA ALA F 303 67.84 28.83 14.84
C ALA F 303 68.63 29.96 15.48
N LYS F 304 68.39 31.21 15.07
CA LYS F 304 69.18 32.34 15.51
C LYS F 304 68.40 33.30 16.40
N CYS F 305 67.27 32.87 16.95
CA CYS F 305 66.56 33.68 17.92
C CYS F 305 66.74 33.19 19.34
N VAL F 306 67.71 32.32 19.59
CA VAL F 306 68.01 31.90 20.95
C VAL F 306 68.47 33.08 21.78
N SER F 307 69.02 34.11 21.14
CA SER F 307 69.48 35.36 21.75
C SER F 307 68.35 36.25 22.20
N SER F 308 67.12 35.75 22.08
CA SER F 308 65.96 36.49 22.56
C SER F 308 66.04 36.64 24.08
N PRO F 309 65.48 37.71 24.63
CA PRO F 309 65.53 37.90 26.08
C PRO F 309 64.43 37.18 26.86
N HIS F 310 63.69 36.28 26.23
CA HIS F 310 62.70 35.54 26.99
C HIS F 310 63.40 34.47 27.82
N PHE F 311 62.72 34.01 28.87
CA PHE F 311 63.11 32.80 29.57
C PHE F 311 62.58 31.53 28.89
N GLN F 312 61.68 31.68 27.91
CA GLN F 312 61.10 30.55 27.18
C GLN F 312 61.88 30.09 25.96
N VAL F 313 62.74 30.94 25.36
CA VAL F 313 63.36 30.53 24.10
C VAL F 313 64.19 29.27 24.25
N ALA F 314 64.43 28.84 25.49
CA ALA F 314 65.15 27.62 25.85
C ALA F 314 64.46 26.39 25.31
N GLU F 315 63.17 26.47 25.04
CA GLU F 315 62.48 25.38 24.39
C GLU F 315 61.57 25.95 23.33
N ARG F 316 61.65 27.26 23.09
CA ARG F 316 60.88 27.86 22.02
C ARG F 316 61.56 27.55 20.69
N ALA F 317 62.86 27.86 20.61
CA ALA F 317 63.53 27.74 19.30
C ALA F 317 63.68 26.30 18.82
N LEU F 318 63.26 25.28 19.58
CA LEU F 318 63.48 23.88 19.21
C LEU F 318 62.17 23.08 19.17
N TYR F 319 61.11 23.64 18.60
CA TYR F 319 59.84 22.93 18.45
C TYR F 319 59.67 22.30 17.06
N TYR F 320 60.77 21.92 16.41
CA TYR F 320 60.66 21.50 15.01
C TYR F 320 61.49 20.26 14.70
N TRP F 321 62.10 19.64 15.70
CA TRP F 321 62.64 18.29 15.63
C TRP F 321 61.59 17.24 15.96
N ASN F 322 60.30 17.59 15.89
CA ASN F 322 59.25 16.79 16.50
C ASN F 322 58.06 16.49 15.61
N ASN F 323 57.99 17.04 14.39
CA ASN F 323 56.80 16.86 13.57
C ASN F 323 56.89 15.49 12.88
N GLU F 324 55.99 15.24 11.94
CA GLU F 324 56.11 14.05 11.08
C GLU F 324 56.89 14.38 9.80
N TYR F 325 56.41 15.38 9.06
CA TYR F 325 57.10 15.65 7.82
C TYR F 325 58.11 16.77 7.97
N ILE F 326 57.94 17.70 8.91
CA ILE F 326 59.02 18.65 9.15
C ILE F 326 60.31 17.91 9.50
N MET F 327 60.21 16.91 10.39
CA MET F 327 61.37 16.06 10.65
C MET F 327 61.82 15.30 9.40
N SER F 328 60.87 14.76 8.62
CA SER F 328 61.32 14.06 7.41
C SER F 328 61.98 15.01 6.42
N LEU F 329 61.57 16.29 6.42
CA LEU F 329 62.26 17.34 5.67
C LEU F 329 63.67 17.55 6.21
N ILE F 330 63.82 17.51 7.53
CA ILE F 330 65.16 17.59 8.10
C ILE F 330 65.97 16.37 7.72
N SER F 331 65.32 15.30 7.27
CA SER F 331 66.01 14.11 6.76
C SER F 331 65.71 13.86 5.28
N ASP F 332 65.01 14.78 4.61
CA ASP F 332 64.75 14.65 3.18
C ASP F 332 65.94 15.12 2.33
N ASN F 333 66.32 16.38 2.49
CA ASN F 333 67.27 17.09 1.64
C ASN F 333 68.29 17.83 2.49
N ALA F 334 68.82 17.14 3.50
CA ALA F 334 69.65 17.77 4.51
C ALA F 334 71.05 18.08 4.01
N ALA F 335 71.29 17.94 2.72
CA ALA F 335 72.58 18.18 2.07
C ALA F 335 73.01 19.64 2.11
N LYS F 336 72.20 20.52 2.69
CA LYS F 336 72.54 21.94 2.81
C LYS F 336 72.36 22.50 4.22
N ILE F 337 71.57 21.87 5.09
CA ILE F 337 71.38 22.35 6.45
C ILE F 337 72.17 21.54 7.46
N LEU F 338 72.90 20.52 7.01
CA LEU F 338 73.49 19.53 7.92
C LEU F 338 74.47 20.14 8.92
N PRO F 339 75.43 20.99 8.53
CA PRO F 339 76.32 21.57 9.55
C PRO F 339 75.66 22.65 10.40
N ILE F 340 74.62 23.31 9.88
CA ILE F 340 73.99 24.42 10.61
C ILE F 340 73.14 23.90 11.76
N MET F 341 72.43 22.80 11.56
CA MET F 341 71.67 22.20 12.65
C MET F 341 72.63 21.71 13.72
N PHE F 342 72.51 22.26 14.93
CA PHE F 342 73.51 22.06 15.97
C PHE F 342 73.59 20.58 16.35
N PRO F 343 74.74 19.92 16.18
CA PRO F 343 74.95 18.53 16.60
C PRO F 343 75.17 18.40 18.10
#